data_5BZM
# 
_entry.id   5BZM 
# 
_audit_conform.dict_name       mmcif_pdbx.dic 
_audit_conform.dict_version    5.399 
_audit_conform.dict_location   http://mmcif.pdb.org/dictionaries/ascii/mmcif_pdbx.dic 
# 
loop_
_database_2.database_id 
_database_2.database_code 
_database_2.pdbx_database_accession 
_database_2.pdbx_DOI 
PDB   5BZM         pdb_00005bzm 10.2210/pdb5bzm/pdb 
WWPDB D_1000210187 ?            ?                   
# 
loop_
_pdbx_audit_revision_history.ordinal 
_pdbx_audit_revision_history.data_content_type 
_pdbx_audit_revision_history.major_revision 
_pdbx_audit_revision_history.minor_revision 
_pdbx_audit_revision_history.revision_date 
1 'Structure model' 1 0 2016-06-29 
2 'Structure model' 1 1 2024-11-20 
# 
_pdbx_audit_revision_details.ordinal             1 
_pdbx_audit_revision_details.revision_ordinal    1 
_pdbx_audit_revision_details.data_content_type   'Structure model' 
_pdbx_audit_revision_details.provider            repository 
_pdbx_audit_revision_details.type                'Initial release' 
_pdbx_audit_revision_details.description         ? 
_pdbx_audit_revision_details.details             ? 
# 
loop_
_pdbx_audit_revision_group.ordinal 
_pdbx_audit_revision_group.revision_ordinal 
_pdbx_audit_revision_group.data_content_type 
_pdbx_audit_revision_group.group 
1 2 'Structure model' 'Data collection'      
2 2 'Structure model' 'Database references'  
3 2 'Structure model' 'Derived calculations' 
4 2 'Structure model' 'Structure summary'    
# 
loop_
_pdbx_audit_revision_category.ordinal 
_pdbx_audit_revision_category.revision_ordinal 
_pdbx_audit_revision_category.data_content_type 
_pdbx_audit_revision_category.category 
1 2 'Structure model' chem_comp_atom              
2 2 'Structure model' chem_comp_bond              
3 2 'Structure model' citation                    
4 2 'Structure model' database_2                  
5 2 'Structure model' diffrn_radiation_wavelength 
6 2 'Structure model' pdbx_entry_details          
7 2 'Structure model' pdbx_modification_feature   
8 2 'Structure model' pdbx_struct_oper_list       
# 
loop_
_pdbx_audit_revision_item.ordinal 
_pdbx_audit_revision_item.revision_ordinal 
_pdbx_audit_revision_item.data_content_type 
_pdbx_audit_revision_item.item 
1 2 'Structure model' '_citation.journal_id_CSD'                  
2 2 'Structure model' '_database_2.pdbx_DOI'                      
3 2 'Structure model' '_database_2.pdbx_database_accession'       
4 2 'Structure model' '_pdbx_struct_oper_list.symmetry_operation' 
# 
_pdbx_database_status.status_code                     REL 
_pdbx_database_status.status_code_sf                  REL 
_pdbx_database_status.status_code_mr                  ? 
_pdbx_database_status.entry_id                        5BZM 
_pdbx_database_status.recvd_initial_deposition_date   2015-06-11 
_pdbx_database_status.SG_entry                        N 
_pdbx_database_status.deposit_site                    RCSB 
_pdbx_database_status.process_site                    RCSB 
_pdbx_database_status.status_code_cs                  ? 
_pdbx_database_status.methods_development_category    ? 
_pdbx_database_status.pdb_format_compatible           Y 
_pdbx_database_status.status_code_nmr_data            ? 
# 
loop_
_pdbx_database_related.content_type 
_pdbx_database_related.db_id 
_pdbx_database_related.db_name 
_pdbx_database_related.details 
unspecified 5BZC PDB . 
unspecified 5BZE PDB . 
unspecified 5BZF PDB . 
unspecified 5BZG PDB . 
unspecified 5BZH PDB . 
unspecified 5BZI PDB . 
unspecified 5BZJ PDB . 
unspecified 5BZN PDB . 
unspecified 5BZO PDB . 
unspecified 5BZQ PDB . 
unspecified 5BZP PDB . 
unspecified 5BZR PDB . 
unspecified 5BZS PDB . 
unspecified 5BZT PDB . 
# 
loop_
_audit_author.name 
_audit_author.pdbx_ordinal 
'Liu, L.K.'    1 
'Finzel, B.C.' 2 
# 
_citation.abstract                  ? 
_citation.abstract_id_CAS           ? 
_citation.book_id_ISBN              ? 
_citation.book_publisher            ? 
_citation.book_publisher_city       ? 
_citation.book_title                ? 
_citation.coordinate_linkage        ? 
_citation.country                   ? 
_citation.database_id_Medline       ? 
_citation.details                   ? 
_citation.id                        primary 
_citation.journal_abbrev            'To Be Published' 
_citation.journal_id_ASTM           ? 
_citation.journal_id_CSD            0353 
_citation.journal_id_ISSN           ? 
_citation.journal_full              ? 
_citation.journal_issue             ? 
_citation.journal_volume            ? 
_citation.language                  ? 
_citation.page_first                ? 
_citation.page_last                 ? 
_citation.title                     'Crystal structure of the murine cd44 hyaluronan binding domain complex with a small molecule' 
_citation.year                      ? 
_citation.database_id_CSD           ? 
_citation.pdbx_database_id_DOI      ? 
_citation.pdbx_database_id_PubMed   ? 
_citation.unpublished_flag          ? 
# 
loop_
_citation_author.citation_id 
_citation_author.name 
_citation_author.ordinal 
_citation_author.identifier_ORCID 
primary 'Liu, L.K.'    1 ? 
primary 'Finzel, B.C.' 2 ? 
# 
loop_
_entity.id 
_entity.type 
_entity.src_method 
_entity.pdbx_description 
_entity.formula_weight 
_entity.pdbx_number_of_molecules 
_entity.pdbx_ec 
_entity.pdbx_mutation 
_entity.pdbx_fragment 
_entity.details 
1 polymer     man 'CD44 antigen'                                                                   16855.803 1  ? 'H23M; Q24N' 
'HYALURONAN BINDING DOMAIN, RESIDUES 21-171' ? 
2 non-polymer syn '2-[(4-amino-3-methylpyridin-2-yl)methyl]-1,2,3,4-tetrahydroisoquinolin-8-amine' 268.357   1  ? ?            ? ? 
3 non-polymer syn 'DIMETHYL SULFOXIDE'                                                             78.133    1  ? ?            ? ? 
4 non-polymer syn 'SULFATE ION'                                                                    96.063    1  ? ?            ? ? 
5 water       nat water                                                                            18.015    63 ? ?            ? ? 
# 
_entity_name_com.entity_id   1 
_entity_name_com.name        
;Extracellular matrix receptor III,ECMR-III,GP90 lymphocyte homing/adhesion receptor,HUTCH-I,Hermes antigen,Hyaluronate receptor,Lymphocyte antigen 24,Ly-24,Phagocytic glycoprotein 1,PGP-1,Phagocytic glycoprotein I,PGP-I
;
# 
_entity_poly.entity_id                      1 
_entity_poly.type                           'polypeptide(L)' 
_entity_poly.nstd_linkage                   no 
_entity_poly.nstd_monomer                   no 
_entity_poly.pdbx_seq_one_letter_code       
;MNQIDLNVTCRYAGVFHVEKNGRYSISRTEAADLCQAFNSTLPTMDQMKLALSKGFETCRYGFIEGNVVIPRIHPNAICA
ANHTGVYILVTSNTSHYDTYCFNASAPPEEDCTSVTDLPNSFDGPVTITIVNRDGTRYSKKGEYRTHQEDI
;
_entity_poly.pdbx_seq_one_letter_code_can   
;MNQIDLNVTCRYAGVFHVEKNGRYSISRTEAADLCQAFNSTLPTMDQMKLALSKGFETCRYGFIEGNVVIPRIHPNAICA
ANHTGVYILVTSNTSHYDTYCFNASAPPEEDCTSVTDLPNSFDGPVTITIVNRDGTRYSKKGEYRTHQEDI
;
_entity_poly.pdbx_strand_id                 A 
_entity_poly.pdbx_target_identifier         ? 
# 
loop_
_pdbx_entity_nonpoly.entity_id 
_pdbx_entity_nonpoly.name 
_pdbx_entity_nonpoly.comp_id 
2 '2-[(4-amino-3-methylpyridin-2-yl)methyl]-1,2,3,4-tetrahydroisoquinolin-8-amine' 4X8 
3 'DIMETHYL SULFOXIDE'                                                             DMS 
4 'SULFATE ION'                                                                    SO4 
5 water                                                                            HOH 
# 
loop_
_entity_poly_seq.entity_id 
_entity_poly_seq.num 
_entity_poly_seq.mon_id 
_entity_poly_seq.hetero 
1 1   MET n 
1 2   ASN n 
1 3   GLN n 
1 4   ILE n 
1 5   ASP n 
1 6   LEU n 
1 7   ASN n 
1 8   VAL n 
1 9   THR n 
1 10  CYS n 
1 11  ARG n 
1 12  TYR n 
1 13  ALA n 
1 14  GLY n 
1 15  VAL n 
1 16  PHE n 
1 17  HIS n 
1 18  VAL n 
1 19  GLU n 
1 20  LYS n 
1 21  ASN n 
1 22  GLY n 
1 23  ARG n 
1 24  TYR n 
1 25  SER n 
1 26  ILE n 
1 27  SER n 
1 28  ARG n 
1 29  THR n 
1 30  GLU n 
1 31  ALA n 
1 32  ALA n 
1 33  ASP n 
1 34  LEU n 
1 35  CYS n 
1 36  GLN n 
1 37  ALA n 
1 38  PHE n 
1 39  ASN n 
1 40  SER n 
1 41  THR n 
1 42  LEU n 
1 43  PRO n 
1 44  THR n 
1 45  MET n 
1 46  ASP n 
1 47  GLN n 
1 48  MET n 
1 49  LYS n 
1 50  LEU n 
1 51  ALA n 
1 52  LEU n 
1 53  SER n 
1 54  LYS n 
1 55  GLY n 
1 56  PHE n 
1 57  GLU n 
1 58  THR n 
1 59  CYS n 
1 60  ARG n 
1 61  TYR n 
1 62  GLY n 
1 63  PHE n 
1 64  ILE n 
1 65  GLU n 
1 66  GLY n 
1 67  ASN n 
1 68  VAL n 
1 69  VAL n 
1 70  ILE n 
1 71  PRO n 
1 72  ARG n 
1 73  ILE n 
1 74  HIS n 
1 75  PRO n 
1 76  ASN n 
1 77  ALA n 
1 78  ILE n 
1 79  CYS n 
1 80  ALA n 
1 81  ALA n 
1 82  ASN n 
1 83  HIS n 
1 84  THR n 
1 85  GLY n 
1 86  VAL n 
1 87  TYR n 
1 88  ILE n 
1 89  LEU n 
1 90  VAL n 
1 91  THR n 
1 92  SER n 
1 93  ASN n 
1 94  THR n 
1 95  SER n 
1 96  HIS n 
1 97  TYR n 
1 98  ASP n 
1 99  THR n 
1 100 TYR n 
1 101 CYS n 
1 102 PHE n 
1 103 ASN n 
1 104 ALA n 
1 105 SER n 
1 106 ALA n 
1 107 PRO n 
1 108 PRO n 
1 109 GLU n 
1 110 GLU n 
1 111 ASP n 
1 112 CYS n 
1 113 THR n 
1 114 SER n 
1 115 VAL n 
1 116 THR n 
1 117 ASP n 
1 118 LEU n 
1 119 PRO n 
1 120 ASN n 
1 121 SER n 
1 122 PHE n 
1 123 ASP n 
1 124 GLY n 
1 125 PRO n 
1 126 VAL n 
1 127 THR n 
1 128 ILE n 
1 129 THR n 
1 130 ILE n 
1 131 VAL n 
1 132 ASN n 
1 133 ARG n 
1 134 ASP n 
1 135 GLY n 
1 136 THR n 
1 137 ARG n 
1 138 TYR n 
1 139 SER n 
1 140 LYS n 
1 141 LYS n 
1 142 GLY n 
1 143 GLU n 
1 144 TYR n 
1 145 ARG n 
1 146 THR n 
1 147 HIS n 
1 148 GLN n 
1 149 GLU n 
1 150 ASP n 
1 151 ILE n 
# 
_entity_src_gen.entity_id                          1 
_entity_src_gen.pdbx_src_id                        1 
_entity_src_gen.pdbx_alt_source_flag               sample 
_entity_src_gen.pdbx_seq_type                      'Biological sequence' 
_entity_src_gen.pdbx_beg_seq_num                   1 
_entity_src_gen.pdbx_end_seq_num                   151 
_entity_src_gen.gene_src_common_name               Mouse 
_entity_src_gen.gene_src_genus                     ? 
_entity_src_gen.pdbx_gene_src_gene                 'Cd44, Ly-24' 
_entity_src_gen.gene_src_species                   ? 
_entity_src_gen.gene_src_strain                    ? 
_entity_src_gen.gene_src_tissue                    ? 
_entity_src_gen.gene_src_tissue_fraction           ? 
_entity_src_gen.gene_src_details                   ? 
_entity_src_gen.pdbx_gene_src_fragment             ? 
_entity_src_gen.pdbx_gene_src_scientific_name      'Mus musculus' 
_entity_src_gen.pdbx_gene_src_ncbi_taxonomy_id     10090 
_entity_src_gen.pdbx_gene_src_variant              ? 
_entity_src_gen.pdbx_gene_src_cell_line            ? 
_entity_src_gen.pdbx_gene_src_atcc                 ? 
_entity_src_gen.pdbx_gene_src_organ                ? 
_entity_src_gen.pdbx_gene_src_organelle            ? 
_entity_src_gen.pdbx_gene_src_cell                 ? 
_entity_src_gen.pdbx_gene_src_cellular_location    ? 
_entity_src_gen.host_org_common_name               ? 
_entity_src_gen.pdbx_host_org_scientific_name      'Escherichia coli' 
_entity_src_gen.pdbx_host_org_ncbi_taxonomy_id     469008 
_entity_src_gen.host_org_genus                     ? 
_entity_src_gen.pdbx_host_org_gene                 ? 
_entity_src_gen.pdbx_host_org_organ                ? 
_entity_src_gen.host_org_species                   ? 
_entity_src_gen.pdbx_host_org_tissue               ? 
_entity_src_gen.pdbx_host_org_tissue_fraction      ? 
_entity_src_gen.pdbx_host_org_strain               'BL21(DE3)' 
_entity_src_gen.pdbx_host_org_variant              4 
_entity_src_gen.pdbx_host_org_cell_line            ? 
_entity_src_gen.pdbx_host_org_atcc                 ? 
_entity_src_gen.pdbx_host_org_culture_collection   ? 
_entity_src_gen.pdbx_host_org_cell                 ? 
_entity_src_gen.pdbx_host_org_organelle            ? 
_entity_src_gen.pdbx_host_org_cellular_location    ? 
_entity_src_gen.pdbx_host_org_vector_type          plasmid 
_entity_src_gen.pdbx_host_org_vector               ? 
_entity_src_gen.host_org_details                   ? 
_entity_src_gen.expression_system_id               ? 
_entity_src_gen.plasmid_name                       pMCSG7 
_entity_src_gen.plasmid_details                    ? 
_entity_src_gen.pdbx_description                   ? 
# 
loop_
_chem_comp.id 
_chem_comp.type 
_chem_comp.mon_nstd_flag 
_chem_comp.name 
_chem_comp.pdbx_synonyms 
_chem_comp.formula 
_chem_comp.formula_weight 
4X8 non-polymer         . '2-[(4-amino-3-methylpyridin-2-yl)methyl]-1,2,3,4-tetrahydroisoquinolin-8-amine' ? 'C16 H20 N4'     
268.357 
ALA 'L-peptide linking' y ALANINE                                                                          ? 'C3 H7 N O2'     
89.093  
ARG 'L-peptide linking' y ARGININE                                                                         ? 'C6 H15 N4 O2 1' 
175.209 
ASN 'L-peptide linking' y ASPARAGINE                                                                       ? 'C4 H8 N2 O3'    
132.118 
ASP 'L-peptide linking' y 'ASPARTIC ACID'                                                                  ? 'C4 H7 N O4'     
133.103 
CYS 'L-peptide linking' y CYSTEINE                                                                         ? 'C3 H7 N O2 S'   
121.158 
DMS non-polymer         . 'DIMETHYL SULFOXIDE'                                                             ? 'C2 H6 O S'      
78.133  
GLN 'L-peptide linking' y GLUTAMINE                                                                        ? 'C5 H10 N2 O3'   
146.144 
GLU 'L-peptide linking' y 'GLUTAMIC ACID'                                                                  ? 'C5 H9 N O4'     
147.129 
GLY 'peptide linking'   y GLYCINE                                                                          ? 'C2 H5 N O2'     
75.067  
HIS 'L-peptide linking' y HISTIDINE                                                                        ? 'C6 H10 N3 O2 1' 
156.162 
HOH non-polymer         . WATER                                                                            ? 'H2 O'           
18.015  
ILE 'L-peptide linking' y ISOLEUCINE                                                                       ? 'C6 H13 N O2'    
131.173 
LEU 'L-peptide linking' y LEUCINE                                                                          ? 'C6 H13 N O2'    
131.173 
LYS 'L-peptide linking' y LYSINE                                                                           ? 'C6 H15 N2 O2 1' 
147.195 
MET 'L-peptide linking' y METHIONINE                                                                       ? 'C5 H11 N O2 S'  
149.211 
PHE 'L-peptide linking' y PHENYLALANINE                                                                    ? 'C9 H11 N O2'    
165.189 
PRO 'L-peptide linking' y PROLINE                                                                          ? 'C5 H9 N O2'     
115.130 
SER 'L-peptide linking' y SERINE                                                                           ? 'C3 H7 N O3'     
105.093 
SO4 non-polymer         . 'SULFATE ION'                                                                    ? 'O4 S -2'        
96.063  
THR 'L-peptide linking' y THREONINE                                                                        ? 'C4 H9 N O3'     
119.119 
TYR 'L-peptide linking' y TYROSINE                                                                         ? 'C9 H11 N O3'    
181.189 
VAL 'L-peptide linking' y VALINE                                                                           ? 'C5 H11 N O2'    
117.146 
# 
loop_
_pdbx_poly_seq_scheme.asym_id 
_pdbx_poly_seq_scheme.entity_id 
_pdbx_poly_seq_scheme.seq_id 
_pdbx_poly_seq_scheme.mon_id 
_pdbx_poly_seq_scheme.ndb_seq_num 
_pdbx_poly_seq_scheme.pdb_seq_num 
_pdbx_poly_seq_scheme.auth_seq_num 
_pdbx_poly_seq_scheme.pdb_mon_id 
_pdbx_poly_seq_scheme.auth_mon_id 
_pdbx_poly_seq_scheme.pdb_strand_id 
_pdbx_poly_seq_scheme.pdb_ins_code 
_pdbx_poly_seq_scheme.hetero 
A 1 1   MET 1   23  ?   ?   ?   A . n 
A 1 2   ASN 2   24  24  ASN ASN A . n 
A 1 3   GLN 3   25  25  GLN GLN A . n 
A 1 4   ILE 4   26  26  ILE ILE A . n 
A 1 5   ASP 5   27  27  ASP ASP A . n 
A 1 6   LEU 6   28  28  LEU LEU A . n 
A 1 7   ASN 7   29  29  ASN ASN A . n 
A 1 8   VAL 8   30  30  VAL VAL A . n 
A 1 9   THR 9   31  31  THR THR A . n 
A 1 10  CYS 10  32  32  CYS CYS A . n 
A 1 11  ARG 11  33  33  ARG ARG A . n 
A 1 12  TYR 12  34  34  TYR TYR A . n 
A 1 13  ALA 13  35  35  ALA ALA A . n 
A 1 14  GLY 14  36  36  GLY GLY A . n 
A 1 15  VAL 15  37  37  VAL VAL A . n 
A 1 16  PHE 16  38  38  PHE PHE A . n 
A 1 17  HIS 17  39  39  HIS HIS A . n 
A 1 18  VAL 18  40  40  VAL VAL A . n 
A 1 19  GLU 19  41  41  GLU GLU A . n 
A 1 20  LYS 20  42  42  LYS LYS A . n 
A 1 21  ASN 21  43  43  ASN ASN A . n 
A 1 22  GLY 22  44  44  GLY GLY A . n 
A 1 23  ARG 23  45  45  ARG ARG A . n 
A 1 24  TYR 24  46  46  TYR TYR A . n 
A 1 25  SER 25  47  47  SER SER A . n 
A 1 26  ILE 26  48  48  ILE ILE A . n 
A 1 27  SER 27  49  49  SER SER A . n 
A 1 28  ARG 28  50  50  ARG ARG A . n 
A 1 29  THR 29  51  51  THR THR A . n 
A 1 30  GLU 30  52  52  GLU GLU A . n 
A 1 31  ALA 31  53  53  ALA ALA A . n 
A 1 32  ALA 32  54  54  ALA ALA A . n 
A 1 33  ASP 33  55  55  ASP ASP A . n 
A 1 34  LEU 34  56  56  LEU LEU A . n 
A 1 35  CYS 35  57  57  CYS CYS A . n 
A 1 36  GLN 36  58  58  GLN GLN A . n 
A 1 37  ALA 37  59  59  ALA ALA A . n 
A 1 38  PHE 38  60  60  PHE PHE A . n 
A 1 39  ASN 39  61  61  ASN ASN A . n 
A 1 40  SER 40  62  62  SER SER A . n 
A 1 41  THR 41  63  63  THR THR A . n 
A 1 42  LEU 42  64  64  LEU LEU A . n 
A 1 43  PRO 43  65  65  PRO PRO A . n 
A 1 44  THR 44  66  66  THR THR A . n 
A 1 45  MET 45  67  67  MET MET A . n 
A 1 46  ASP 46  68  68  ASP ASP A . n 
A 1 47  GLN 47  69  69  GLN GLN A . n 
A 1 48  MET 48  70  70  MET MET A . n 
A 1 49  LYS 49  71  71  LYS LYS A . n 
A 1 50  LEU 50  72  72  LEU LEU A . n 
A 1 51  ALA 51  73  73  ALA ALA A . n 
A 1 52  LEU 52  74  74  LEU LEU A . n 
A 1 53  SER 53  75  75  SER SER A . n 
A 1 54  LYS 54  76  76  LYS LYS A . n 
A 1 55  GLY 55  77  77  GLY GLY A . n 
A 1 56  PHE 56  78  78  PHE PHE A . n 
A 1 57  GLU 57  79  79  GLU GLU A . n 
A 1 58  THR 58  80  80  THR THR A . n 
A 1 59  CYS 59  81  81  CYS CYS A . n 
A 1 60  ARG 60  82  82  ARG ARG A . n 
A 1 61  TYR 61  83  83  TYR TYR A . n 
A 1 62  GLY 62  84  84  GLY GLY A . n 
A 1 63  PHE 63  85  85  PHE PHE A . n 
A 1 64  ILE 64  86  86  ILE ILE A . n 
A 1 65  GLU 65  87  87  GLU GLU A . n 
A 1 66  GLY 66  88  88  GLY GLY A . n 
A 1 67  ASN 67  89  89  ASN ASN A . n 
A 1 68  VAL 68  90  90  VAL VAL A . n 
A 1 69  VAL 69  91  91  VAL VAL A . n 
A 1 70  ILE 70  92  92  ILE ILE A . n 
A 1 71  PRO 71  93  93  PRO PRO A . n 
A 1 72  ARG 72  94  94  ARG ARG A . n 
A 1 73  ILE 73  95  95  ILE ILE A . n 
A 1 74  HIS 74  96  96  HIS HIS A . n 
A 1 75  PRO 75  97  97  PRO PRO A . n 
A 1 76  ASN 76  98  98  ASN ASN A . n 
A 1 77  ALA 77  99  99  ALA ALA A . n 
A 1 78  ILE 78  100 100 ILE ILE A . n 
A 1 79  CYS 79  101 101 CYS CYS A . n 
A 1 80  ALA 80  102 102 ALA ALA A . n 
A 1 81  ALA 81  103 103 ALA ALA A . n 
A 1 82  ASN 82  104 104 ASN ASN A . n 
A 1 83  HIS 83  105 105 HIS HIS A . n 
A 1 84  THR 84  106 106 THR THR A . n 
A 1 85  GLY 85  107 107 GLY GLY A . n 
A 1 86  VAL 86  108 108 VAL VAL A . n 
A 1 87  TYR 87  109 109 TYR TYR A . n 
A 1 88  ILE 88  110 110 ILE ILE A . n 
A 1 89  LEU 89  111 111 LEU LEU A . n 
A 1 90  VAL 90  112 112 VAL VAL A . n 
A 1 91  THR 91  113 113 THR THR A . n 
A 1 92  SER 92  114 114 SER SER A . n 
A 1 93  ASN 93  115 115 ASN ASN A . n 
A 1 94  THR 94  116 116 THR THR A . n 
A 1 95  SER 95  117 117 SER SER A . n 
A 1 96  HIS 96  118 118 HIS HIS A . n 
A 1 97  TYR 97  119 119 TYR TYR A . n 
A 1 98  ASP 98  120 120 ASP ASP A . n 
A 1 99  THR 99  121 121 THR THR A . n 
A 1 100 TYR 100 122 122 TYR TYR A . n 
A 1 101 CYS 101 123 123 CYS CYS A . n 
A 1 102 PHE 102 124 124 PHE PHE A . n 
A 1 103 ASN 103 125 125 ASN ASN A . n 
A 1 104 ALA 104 126 126 ALA ALA A . n 
A 1 105 SER 105 127 127 SER SER A . n 
A 1 106 ALA 106 128 128 ALA ALA A . n 
A 1 107 PRO 107 129 129 PRO PRO A . n 
A 1 108 PRO 108 130 130 PRO PRO A . n 
A 1 109 GLU 109 131 131 GLU GLU A . n 
A 1 110 GLU 110 132 132 GLU GLU A . n 
A 1 111 ASP 111 133 133 ASP ASP A . n 
A 1 112 CYS 112 134 134 CYS CYS A . n 
A 1 113 THR 113 135 135 THR THR A . n 
A 1 114 SER 114 136 136 SER SER A . n 
A 1 115 VAL 115 137 137 VAL VAL A . n 
A 1 116 THR 116 138 138 THR THR A . n 
A 1 117 ASP 117 139 139 ASP ASP A . n 
A 1 118 LEU 118 140 140 LEU LEU A . n 
A 1 119 PRO 119 141 141 PRO PRO A . n 
A 1 120 ASN 120 142 142 ASN ASN A . n 
A 1 121 SER 121 143 143 SER SER A . n 
A 1 122 PHE 122 144 144 PHE PHE A . n 
A 1 123 ASP 123 145 145 ASP ASP A . n 
A 1 124 GLY 124 146 146 GLY GLY A . n 
A 1 125 PRO 125 147 147 PRO PRO A . n 
A 1 126 VAL 126 148 148 VAL VAL A . n 
A 1 127 THR 127 149 149 THR THR A . n 
A 1 128 ILE 128 150 150 ILE ILE A . n 
A 1 129 THR 129 151 151 THR THR A . n 
A 1 130 ILE 130 152 152 ILE ILE A . n 
A 1 131 VAL 131 153 153 VAL VAL A . n 
A 1 132 ASN 132 154 154 ASN ASN A . n 
A 1 133 ARG 133 155 155 ARG ARG A . n 
A 1 134 ASP 134 156 156 ASP ASP A . n 
A 1 135 GLY 135 157 157 GLY GLY A . n 
A 1 136 THR 136 158 158 THR THR A . n 
A 1 137 ARG 137 159 159 ARG ARG A . n 
A 1 138 TYR 138 160 160 TYR TYR A . n 
A 1 139 SER 139 161 161 SER SER A . n 
A 1 140 LYS 140 162 162 LYS LYS A . n 
A 1 141 LYS 141 163 163 LYS LYS A . n 
A 1 142 GLY 142 164 164 GLY GLY A . n 
A 1 143 GLU 143 165 165 GLU GLU A . n 
A 1 144 TYR 144 166 166 TYR TYR A . n 
A 1 145 ARG 145 167 167 ARG ARG A . n 
A 1 146 THR 146 168 168 THR THR A . n 
A 1 147 HIS 147 169 169 HIS HIS A . n 
A 1 148 GLN 148 170 170 GLN GLN A . n 
A 1 149 GLU 149 171 171 GLU GLU A . n 
A 1 150 ASP 150 172 172 ASP ASP A . n 
A 1 151 ILE 151 173 173 ILE ILE A . n 
# 
loop_
_pdbx_nonpoly_scheme.asym_id 
_pdbx_nonpoly_scheme.entity_id 
_pdbx_nonpoly_scheme.mon_id 
_pdbx_nonpoly_scheme.ndb_seq_num 
_pdbx_nonpoly_scheme.pdb_seq_num 
_pdbx_nonpoly_scheme.auth_seq_num 
_pdbx_nonpoly_scheme.pdb_mon_id 
_pdbx_nonpoly_scheme.auth_mon_id 
_pdbx_nonpoly_scheme.pdb_strand_id 
_pdbx_nonpoly_scheme.pdb_ins_code 
B 2 4X8 1  201 1  4X8 DRG A . 
C 3 DMS 1  202 1  DMS DMS A . 
D 4 SO4 1  203 1  SO4 SO4 A . 
E 5 HOH 1  301 62 HOH HOH A . 
E 5 HOH 2  302 22 HOH HOH A . 
E 5 HOH 3  303 4  HOH HOH A . 
E 5 HOH 4  304 17 HOH HOH A . 
E 5 HOH 5  305 13 HOH HOH A . 
E 5 HOH 6  306 9  HOH HOH A . 
E 5 HOH 7  307 15 HOH HOH A . 
E 5 HOH 8  308 40 HOH HOH A . 
E 5 HOH 9  309 2  HOH HOH A . 
E 5 HOH 10 310 19 HOH HOH A . 
E 5 HOH 11 311 18 HOH HOH A . 
E 5 HOH 12 312 28 HOH HOH A . 
E 5 HOH 13 313 44 HOH HOH A . 
E 5 HOH 14 314 31 HOH HOH A . 
E 5 HOH 15 315 11 HOH HOH A . 
E 5 HOH 16 316 1  HOH HOH A . 
E 5 HOH 17 317 10 HOH HOH A . 
E 5 HOH 18 318 8  HOH HOH A . 
E 5 HOH 19 319 14 HOH HOH A . 
E 5 HOH 20 320 27 HOH HOH A . 
E 5 HOH 21 321 26 HOH HOH A . 
E 5 HOH 22 322 39 HOH HOH A . 
E 5 HOH 23 323 12 HOH HOH A . 
E 5 HOH 24 324 46 HOH HOH A . 
E 5 HOH 25 325 41 HOH HOH A . 
E 5 HOH 26 326 3  HOH HOH A . 
E 5 HOH 27 327 7  HOH HOH A . 
E 5 HOH 28 328 43 HOH HOH A . 
E 5 HOH 29 329 32 HOH HOH A . 
E 5 HOH 30 330 60 HOH HOH A . 
E 5 HOH 31 331 5  HOH HOH A . 
E 5 HOH 32 332 56 HOH HOH A . 
E 5 HOH 33 333 38 HOH HOH A . 
E 5 HOH 34 334 16 HOH HOH A . 
E 5 HOH 35 335 54 HOH HOH A . 
E 5 HOH 36 336 24 HOH HOH A . 
E 5 HOH 37 337 59 HOH HOH A . 
E 5 HOH 38 338 45 HOH HOH A . 
E 5 HOH 39 339 42 HOH HOH A . 
E 5 HOH 40 340 29 HOH HOH A . 
E 5 HOH 41 341 35 HOH HOH A . 
E 5 HOH 42 342 34 HOH HOH A . 
E 5 HOH 43 343 33 HOH HOH A . 
E 5 HOH 44 344 6  HOH HOH A . 
E 5 HOH 45 345 36 HOH HOH A . 
E 5 HOH 46 346 20 HOH HOH A . 
E 5 HOH 47 347 50 HOH HOH A . 
E 5 HOH 48 348 57 HOH HOH A . 
E 5 HOH 49 349 61 HOH HOH A . 
E 5 HOH 50 350 25 HOH HOH A . 
E 5 HOH 51 351 37 HOH HOH A . 
E 5 HOH 52 352 21 HOH HOH A . 
E 5 HOH 53 353 30 HOH HOH A . 
E 5 HOH 54 354 23 HOH HOH A . 
E 5 HOH 55 355 48 HOH HOH A . 
E 5 HOH 56 356 58 HOH HOH A . 
E 5 HOH 57 357 55 HOH HOH A . 
E 5 HOH 58 358 63 HOH HOH A . 
E 5 HOH 59 359 51 HOH HOH A . 
E 5 HOH 60 360 49 HOH HOH A . 
E 5 HOH 61 361 52 HOH HOH A . 
E 5 HOH 62 362 53 HOH HOH A . 
E 5 HOH 63 363 47 HOH HOH A . 
# 
loop_
_software.citation_id 
_software.classification 
_software.compiler_name 
_software.compiler_version 
_software.contact_author 
_software.contact_author_email 
_software.date 
_software.description 
_software.dependencies 
_software.hardware 
_software.language 
_software.location 
_software.mods 
_software.name 
_software.os 
_software.os_version 
_software.type 
_software.version 
_software.pdbx_ordinal 
? 'data scaling'    ? ? ? ? ? ? ? ? ? ? ? SCALA       ? ? ? .     1 
? phasing           ? ? ? ? ? ? ? ? ? ? ? PHASER      ? ? ? 2.1.4 2 
? refinement        ? ? ? ? ? ? ? ? ? ? ? REFMAC      ? ? ? .     3 
? 'data extraction' ? ? ? ? ? ? ? ? ? ? ? PDB_EXTRACT ? ? ? 3.15  4 
# 
_cell.angle_alpha                  90.000 
_cell.angle_alpha_esd              ? 
_cell.angle_beta                   117.940 
_cell.angle_beta_esd               ? 
_cell.angle_gamma                  90.000 
_cell.angle_gamma_esd              ? 
_cell.entry_id                     5BZM 
_cell.details                      ? 
_cell.formula_units_Z              ? 
_cell.length_a                     30.806 
_cell.length_a_esd                 ? 
_cell.length_b                     81.516 
_cell.length_b_esd                 ? 
_cell.length_c                     32.170 
_cell.length_c_esd                 ? 
_cell.volume                       ? 
_cell.volume_esd                   ? 
_cell.Z_PDB                        2 
_cell.reciprocal_angle_alpha       ? 
_cell.reciprocal_angle_beta        ? 
_cell.reciprocal_angle_gamma       ? 
_cell.reciprocal_angle_alpha_esd   ? 
_cell.reciprocal_angle_beta_esd    ? 
_cell.reciprocal_angle_gamma_esd   ? 
_cell.reciprocal_length_a          ? 
_cell.reciprocal_length_b          ? 
_cell.reciprocal_length_c          ? 
_cell.reciprocal_length_a_esd      ? 
_cell.reciprocal_length_b_esd      ? 
_cell.reciprocal_length_c_esd      ? 
_cell.pdbx_unique_axis             ? 
# 
_symmetry.entry_id                         5BZM 
_symmetry.cell_setting                     ? 
_symmetry.Int_Tables_number                4 
_symmetry.space_group_name_Hall            ? 
_symmetry.space_group_name_H-M             'P 1 21 1' 
_symmetry.pdbx_full_space_group_name_H-M   ? 
# 
_exptl.absorpt_coefficient_mu     ? 
_exptl.absorpt_correction_T_max   ? 
_exptl.absorpt_correction_T_min   ? 
_exptl.absorpt_correction_type    ? 
_exptl.absorpt_process_details    ? 
_exptl.entry_id                   5BZM 
_exptl.crystals_number            1 
_exptl.details                    ? 
_exptl.method                     'X-RAY DIFFRACTION' 
_exptl.method_details             ? 
# 
_exptl_crystal.colour                      ? 
_exptl_crystal.density_diffrn              ? 
_exptl_crystal.density_Matthews            2.13 
_exptl_crystal.density_method              ? 
_exptl_crystal.density_percent_sol         42.35 
_exptl_crystal.description                 ? 
_exptl_crystal.F_000                       ? 
_exptl_crystal.id                          1 
_exptl_crystal.preparation                 ? 
_exptl_crystal.size_max                    ? 
_exptl_crystal.size_mid                    ? 
_exptl_crystal.size_min                    ? 
_exptl_crystal.size_rad                    ? 
_exptl_crystal.colour_lustre               ? 
_exptl_crystal.colour_modifier             ? 
_exptl_crystal.colour_primary              ? 
_exptl_crystal.density_meas                ? 
_exptl_crystal.density_meas_esd            ? 
_exptl_crystal.density_meas_gt             ? 
_exptl_crystal.density_meas_lt             ? 
_exptl_crystal.density_meas_temp           ? 
_exptl_crystal.density_meas_temp_esd       ? 
_exptl_crystal.density_meas_temp_gt        ? 
_exptl_crystal.density_meas_temp_lt        ? 
_exptl_crystal.pdbx_crystal_image_url      ? 
_exptl_crystal.pdbx_crystal_image_format   ? 
_exptl_crystal.pdbx_mosaicity              ? 
_exptl_crystal.pdbx_mosaicity_esd          ? 
# 
_exptl_crystal_grow.apparatus       ? 
_exptl_crystal_grow.atmosphere      ? 
_exptl_crystal_grow.crystal_id      1 
_exptl_crystal_grow.details         ? 
_exptl_crystal_grow.method          'VAPOR DIFFUSION, HANGING DROP' 
_exptl_crystal_grow.method_ref      ? 
_exptl_crystal_grow.pH              6.5 
_exptl_crystal_grow.pressure        ? 
_exptl_crystal_grow.pressure_esd    ? 
_exptl_crystal_grow.seeding         ? 
_exptl_crystal_grow.seeding_ref     ? 
_exptl_crystal_grow.temp            298 
_exptl_crystal_grow.temp_details    ? 
_exptl_crystal_grow.temp_esd        ? 
_exptl_crystal_grow.time            ? 
_exptl_crystal_grow.pdbx_details    'PEG MME 5000, MES, (NH4)2SO4' 
_exptl_crystal_grow.pdbx_pH_range   ? 
# 
_diffrn.ambient_environment    ? 
_diffrn.ambient_temp           100 
_diffrn.ambient_temp_details   ? 
_diffrn.ambient_temp_esd       ? 
_diffrn.crystal_id             1 
_diffrn.crystal_support        ? 
_diffrn.crystal_treatment      ? 
_diffrn.details                ? 
_diffrn.id                     1 
_diffrn.ambient_pressure       ? 
_diffrn.ambient_pressure_esd   ? 
_diffrn.ambient_pressure_gt    ? 
_diffrn.ambient_pressure_lt    ? 
_diffrn.ambient_temp_gt        ? 
_diffrn.ambient_temp_lt        ? 
# 
_diffrn_detector.details                      ? 
_diffrn_detector.detector                     PIXEL 
_diffrn_detector.diffrn_id                    1 
_diffrn_detector.type                         'DECTRIS PILATUS 6M' 
_diffrn_detector.area_resol_mean              ? 
_diffrn_detector.dtime                        ? 
_diffrn_detector.pdbx_frames_total            ? 
_diffrn_detector.pdbx_collection_time_total   ? 
_diffrn_detector.pdbx_collection_date         2013-12-15 
# 
_diffrn_radiation.collimation                      ? 
_diffrn_radiation.diffrn_id                        1 
_diffrn_radiation.filter_edge                      ? 
_diffrn_radiation.inhomogeneity                    ? 
_diffrn_radiation.monochromator                    'Si(111)' 
_diffrn_radiation.polarisn_norm                    ? 
_diffrn_radiation.polarisn_ratio                   ? 
_diffrn_radiation.probe                            ? 
_diffrn_radiation.type                             ? 
_diffrn_radiation.xray_symbol                      ? 
_diffrn_radiation.wavelength_id                    1 
_diffrn_radiation.pdbx_monochromatic_or_laue_m_l   M 
_diffrn_radiation.pdbx_wavelength_list             ? 
_diffrn_radiation.pdbx_wavelength                  ? 
_diffrn_radiation.pdbx_diffrn_protocol             'SINGLE WAVELENGTH' 
_diffrn_radiation.pdbx_analyzer                    ? 
_diffrn_radiation.pdbx_scattering_type             x-ray 
# 
_diffrn_radiation_wavelength.id           1 
_diffrn_radiation_wavelength.wavelength   1.000 
_diffrn_radiation_wavelength.wt           1.0 
# 
_diffrn_source.current                     ? 
_diffrn_source.details                     ? 
_diffrn_source.diffrn_id                   1 
_diffrn_source.power                       ? 
_diffrn_source.size                        ? 
_diffrn_source.source                      SYNCHROTRON 
_diffrn_source.target                      ? 
_diffrn_source.type                        'APS BEAMLINE 17-ID' 
_diffrn_source.voltage                     ? 
_diffrn_source.take-off_angle              ? 
_diffrn_source.pdbx_wavelength_list        1.000 
_diffrn_source.pdbx_wavelength             ? 
_diffrn_source.pdbx_synchrotron_beamline   17-ID 
_diffrn_source.pdbx_synchrotron_site       APS 
# 
_reflns.B_iso_Wilson_estimate            ? 
_reflns.entry_id                         5BZM 
_reflns.data_reduction_details           ? 
_reflns.data_reduction_method            ? 
_reflns.d_resolution_high                1.250 
_reflns.d_resolution_low                 40.758 
_reflns.details                          ? 
_reflns.limit_h_max                      ? 
_reflns.limit_h_min                      ? 
_reflns.limit_k_max                      ? 
_reflns.limit_k_min                      ? 
_reflns.limit_l_max                      ? 
_reflns.limit_l_min                      ? 
_reflns.number_all                       ? 
_reflns.number_obs                       36505 
_reflns.observed_criterion               ? 
_reflns.observed_criterion_F_max         ? 
_reflns.observed_criterion_F_min         ? 
_reflns.observed_criterion_I_max         ? 
_reflns.observed_criterion_I_min         ? 
_reflns.observed_criterion_sigma_F       ? 
_reflns.observed_criterion_sigma_I       ? 
_reflns.percent_possible_obs             94.300 
_reflns.R_free_details                   ? 
_reflns.Rmerge_F_all                     ? 
_reflns.Rmerge_F_obs                     ? 
_reflns.Friedel_coverage                 ? 
_reflns.number_gt                        ? 
_reflns.threshold_expression             ? 
_reflns.pdbx_redundancy                  3.300 
_reflns.pdbx_Rmerge_I_obs                0.066 
_reflns.pdbx_Rmerge_I_all                ? 
_reflns.pdbx_Rsym_value                  ? 
_reflns.pdbx_netI_over_av_sigmaI         ? 
_reflns.pdbx_netI_over_sigmaI            11.0 
_reflns.pdbx_res_netI_over_av_sigmaI_2   ? 
_reflns.pdbx_res_netI_over_sigmaI_2      ? 
_reflns.pdbx_chi_squared                 ? 
_reflns.pdbx_scaling_rejects             ? 
_reflns.pdbx_d_res_high_opt              ? 
_reflns.pdbx_d_res_low_opt               ? 
_reflns.pdbx_d_res_opt_method            ? 
_reflns.phase_calculation_details        ? 
_reflns.pdbx_Rrim_I_all                  ? 
_reflns.pdbx_Rpim_I_all                  ? 
_reflns.pdbx_d_opt                       ? 
_reflns.pdbx_number_measured_all         119038 
_reflns.pdbx_diffrn_id                   1 
_reflns.pdbx_ordinal                     1 
_reflns.pdbx_CC_half                     ? 
_reflns.pdbx_R_split                     ? 
# 
loop_
_reflns_shell.d_res_high 
_reflns_shell.d_res_low 
_reflns_shell.meanI_over_sigI_all 
_reflns_shell.meanI_over_sigI_obs 
_reflns_shell.number_measured_all 
_reflns_shell.number_measured_obs 
_reflns_shell.number_possible 
_reflns_shell.number_unique_all 
_reflns_shell.number_unique_obs 
_reflns_shell.percent_possible_all 
_reflns_shell.percent_possible_obs 
_reflns_shell.Rmerge_F_all 
_reflns_shell.Rmerge_F_obs 
_reflns_shell.Rmerge_I_all 
_reflns_shell.Rmerge_I_obs 
_reflns_shell.meanI_over_sigI_gt 
_reflns_shell.meanI_over_uI_all 
_reflns_shell.meanI_over_uI_gt 
_reflns_shell.number_measured_gt 
_reflns_shell.number_unique_gt 
_reflns_shell.percent_possible_gt 
_reflns_shell.Rmerge_F_gt 
_reflns_shell.Rmerge_I_gt 
_reflns_shell.pdbx_redundancy 
_reflns_shell.pdbx_Rsym_value 
_reflns_shell.pdbx_chi_squared 
_reflns_shell.pdbx_netI_over_sigmaI_all 
_reflns_shell.pdbx_netI_over_sigmaI_obs 
_reflns_shell.pdbx_Rrim_I_all 
_reflns_shell.pdbx_Rpim_I_all 
_reflns_shell.pdbx_rejects 
_reflns_shell.pdbx_ordinal 
_reflns_shell.pdbx_diffrn_id 
_reflns_shell.pdbx_CC_half 
_reflns_shell.pdbx_R_split 
1.250 1.254  ? ? 1088 ? ? 350 ? 89.700 ? ? ? ? 0.372 ? ? ? ? ? ? ? ? 3.100 ? ? ? ? ? ? 0 1 1 ? ? 
5.797 40.758 ? ? 1176 ? ? 401 ? 98.300 ? ? ? ? 0.041 ? ? ? ? ? ? ? ? 2.900 ? ? ? ? ? ? 0 2 1 ? ? 
# 
_refine.aniso_B[1][1]                            -0.7000 
_refine.aniso_B[1][2]                            0.0000 
_refine.aniso_B[1][3]                            -0.4900 
_refine.aniso_B[2][2]                            0.6700 
_refine.aniso_B[2][3]                            0.0000 
_refine.aniso_B[3][3]                            -0.4300 
_refine.B_iso_max                                40.610 
_refine.B_iso_mean                               13.5160 
_refine.B_iso_min                                4.630 
_refine.correlation_coeff_Fo_to_Fc               0.9540 
_refine.correlation_coeff_Fo_to_Fc_free          0.9370 
_refine.details                                  
'HYDROGENS HAVE BEEN ADDED IN THE RIDING POSITIONS U VALUES      : REFINED INDIVIDUALLY' 
_refine.diff_density_max                         ? 
_refine.diff_density_max_esd                     ? 
_refine.diff_density_min                         ? 
_refine.diff_density_min_esd                     ? 
_refine.diff_density_rms                         ? 
_refine.diff_density_rms_esd                     ? 
_refine.entry_id                                 5BZM 
_refine.pdbx_refine_id                           'X-RAY DIFFRACTION' 
_refine.ls_abs_structure_details                 ? 
_refine.ls_abs_structure_Flack                   ? 
_refine.ls_abs_structure_Flack_esd               ? 
_refine.ls_abs_structure_Rogers                  ? 
_refine.ls_abs_structure_Rogers_esd              ? 
_refine.ls_d_res_high                            1.2500 
_refine.ls_d_res_low                             40.758 
_refine.ls_extinction_coef                       ? 
_refine.ls_extinction_coef_esd                   ? 
_refine.ls_extinction_expression                 ? 
_refine.ls_extinction_method                     ? 
_refine.ls_goodness_of_fit_all                   ? 
_refine.ls_goodness_of_fit_all_esd               ? 
_refine.ls_goodness_of_fit_obs                   ? 
_refine.ls_goodness_of_fit_obs_esd               ? 
_refine.ls_hydrogen_treatment                    ? 
_refine.ls_matrix_type                           ? 
_refine.ls_number_constraints                    ? 
_refine.ls_number_parameters                     ? 
_refine.ls_number_reflns_all                     ? 
_refine.ls_number_reflns_obs                     34616 
_refine.ls_number_reflns_R_free                  1854 
_refine.ls_number_reflns_R_work                  ? 
_refine.ls_number_restraints                     ? 
_refine.ls_percent_reflns_obs                    94.0600 
_refine.ls_percent_reflns_R_free                 5.1000 
_refine.ls_R_factor_all                          ? 
_refine.ls_R_factor_obs                          0.2002 
_refine.ls_R_factor_R_free                       0.2219 
_refine.ls_R_factor_R_free_error                 ? 
_refine.ls_R_factor_R_free_error_details         ? 
_refine.ls_R_factor_R_work                       0.1990 
_refine.ls_R_Fsqd_factor_obs                     ? 
_refine.ls_R_I_factor_obs                        ? 
_refine.ls_redundancy_reflns_all                 ? 
_refine.ls_redundancy_reflns_obs                 ? 
_refine.ls_restrained_S_all                      ? 
_refine.ls_restrained_S_obs                      ? 
_refine.ls_shift_over_esd_max                    ? 
_refine.ls_shift_over_esd_mean                   ? 
_refine.ls_structure_factor_coef                 ? 
_refine.ls_weighting_details                     ? 
_refine.ls_weighting_scheme                      ? 
_refine.ls_wR_factor_all                         ? 
_refine.ls_wR_factor_obs                         ? 
_refine.ls_wR_factor_R_free                      0.2281 
_refine.ls_wR_factor_R_work                      0.2086 
_refine.occupancy_max                            ? 
_refine.occupancy_min                            ? 
_refine.solvent_model_details                    MASK 
_refine.solvent_model_param_bsol                 ? 
_refine.solvent_model_param_ksol                 ? 
_refine.ls_R_factor_gt                           ? 
_refine.ls_goodness_of_fit_gt                    ? 
_refine.ls_goodness_of_fit_ref                   ? 
_refine.ls_shift_over_su_max                     ? 
_refine.ls_shift_over_su_max_lt                  ? 
_refine.ls_shift_over_su_mean                    ? 
_refine.ls_shift_over_su_mean_lt                 ? 
_refine.pdbx_ls_sigma_I                          ? 
_refine.pdbx_ls_sigma_F                          0.000 
_refine.pdbx_ls_sigma_Fsqd                       ? 
_refine.pdbx_data_cutoff_high_absF               ? 
_refine.pdbx_data_cutoff_high_rms_absF           ? 
_refine.pdbx_data_cutoff_low_absF                ? 
_refine.pdbx_isotropic_thermal_model             ? 
_refine.pdbx_ls_cross_valid_method               THROUGHOUT 
_refine.pdbx_method_to_determine_struct          'MOLECULAR REPLACEMENT' 
_refine.pdbx_starting_model                      ? 
_refine.pdbx_stereochemistry_target_values       'MAXIMUM LIKELIHOOD' 
_refine.pdbx_R_Free_selection_details            RANDOM 
_refine.pdbx_stereochem_target_val_spec_case     ? 
_refine.pdbx_overall_ESU_R                       0.0550 
_refine.pdbx_overall_ESU_R_Free                  0.0570 
_refine.pdbx_solvent_vdw_probe_radii             1.4000 
_refine.pdbx_solvent_ion_probe_radii             0.8000 
_refine.pdbx_solvent_shrinkage_radii             0.8000 
_refine.pdbx_real_space_R                        ? 
_refine.pdbx_density_correlation                 ? 
_refine.pdbx_pd_number_of_powder_patterns        ? 
_refine.pdbx_pd_number_of_points                 ? 
_refine.pdbx_pd_meas_number_of_points            ? 
_refine.pdbx_pd_proc_ls_prof_R_factor            ? 
_refine.pdbx_pd_proc_ls_prof_wR_factor           ? 
_refine.pdbx_pd_Marquardt_correlation_coeff      ? 
_refine.pdbx_pd_Fsqrd_R_factor                   ? 
_refine.pdbx_pd_ls_matrix_band_width             ? 
_refine.pdbx_overall_phase_error                 ? 
_refine.pdbx_overall_SU_R_free_Cruickshank_DPI   ? 
_refine.pdbx_overall_SU_R_free_Blow_DPI          ? 
_refine.pdbx_overall_SU_R_Blow_DPI               ? 
_refine.pdbx_TLS_residual_ADP_flag               ? 
_refine.pdbx_diffrn_id                           1 
_refine.overall_SU_B                             0.8250 
_refine.overall_SU_ML                            0.0370 
_refine.overall_SU_R_Cruickshank_DPI             0.0553 
_refine.overall_SU_R_free                        0.0567 
_refine.overall_FOM_free_R_set                   ? 
_refine.overall_FOM_work_R_set                   0.8667 
_refine.pdbx_average_fsc_overall                 ? 
_refine.pdbx_average_fsc_work                    ? 
_refine.pdbx_average_fsc_free                    ? 
# 
_refine_hist.cycle_id                         final 
_refine_hist.pdbx_refine_id                   'X-RAY DIFFRACTION' 
_refine_hist.d_res_high                       1.2500 
_refine_hist.d_res_low                        40.758 
_refine_hist.pdbx_number_atoms_ligand         29 
_refine_hist.number_atoms_solvent             63 
_refine_hist.number_atoms_total               1263 
_refine_hist.pdbx_number_residues_total       150 
_refine_hist.pdbx_B_iso_mean_ligand           22.39 
_refine_hist.pdbx_B_iso_mean_solvent          18.78 
_refine_hist.pdbx_number_atoms_protein        1171 
_refine_hist.pdbx_number_atoms_nucleic_acid   0 
# 
loop_
_refine_ls_restr.pdbx_refine_id 
_refine_ls_restr.criterion 
_refine_ls_restr.dev_ideal 
_refine_ls_restr.dev_ideal_target 
_refine_ls_restr.number 
_refine_ls_restr.rejects 
_refine_ls_restr.type 
_refine_ls_restr.weight 
_refine_ls_restr.pdbx_restraint_function 
'X-RAY DIFFRACTION' ? 0.012  0.021  1317 ? r_bond_refined_d       ? ? 
'X-RAY DIFFRACTION' ? 1.483  1.960  1809 ? r_angle_refined_deg    ? ? 
'X-RAY DIFFRACTION' ? 7.707  5.000  168  ? r_dihedral_angle_1_deg ? ? 
'X-RAY DIFFRACTION' ? 35.415 24.219 64   ? r_dihedral_angle_2_deg ? ? 
'X-RAY DIFFRACTION' ? 11.567 15.000 204  ? r_dihedral_angle_3_deg ? ? 
'X-RAY DIFFRACTION' ? 19.730 15.000 9    ? r_dihedral_angle_4_deg ? ? 
'X-RAY DIFFRACTION' ? 0.097  0.200  197  ? r_chiral_restr         ? ? 
'X-RAY DIFFRACTION' ? 0.009  0.021  1047 ? r_gen_planes_refined   ? ? 
'X-RAY DIFFRACTION' ? 0.861  1.500  807  ? r_mcbond_it            ? ? 
'X-RAY DIFFRACTION' ? 1.534  2.000  1328 ? r_mcangle_it           ? ? 
'X-RAY DIFFRACTION' ? 2.275  3.000  510  ? r_scbond_it            ? ? 
'X-RAY DIFFRACTION' ? 3.625  4.500  481  ? r_scangle_it           ? ? 
# 
_refine_ls_shell.pdbx_refine_id                   'X-RAY DIFFRACTION' 
_refine_ls_shell.d_res_high                       1.2490 
_refine_ls_shell.d_res_low                        1.2820 
_refine_ls_shell.number_reflns_all                2525 
_refine_ls_shell.number_reflns_obs                ? 
_refine_ls_shell.number_reflns_R_free             138 
_refine_ls_shell.number_reflns_R_work             2387 
_refine_ls_shell.percent_reflns_obs               87.7700 
_refine_ls_shell.percent_reflns_R_free            ? 
_refine_ls_shell.R_factor_all                     ? 
_refine_ls_shell.R_factor_obs                     ? 
_refine_ls_shell.R_factor_R_free                  0.2810 
_refine_ls_shell.R_factor_R_free_error            ? 
_refine_ls_shell.R_factor_R_work                  0.2550 
_refine_ls_shell.redundancy_reflns_all            ? 
_refine_ls_shell.redundancy_reflns_obs            ? 
_refine_ls_shell.wR_factor_all                    ? 
_refine_ls_shell.wR_factor_obs                    ? 
_refine_ls_shell.wR_factor_R_free                 ? 
_refine_ls_shell.wR_factor_R_work                 ? 
_refine_ls_shell.pdbx_total_number_of_bins_used   20 
_refine_ls_shell.pdbx_phase_error                 ? 
_refine_ls_shell.pdbx_fsc_work                    ? 
_refine_ls_shell.pdbx_fsc_free                    ? 
# 
_struct.entry_id                     5BZM 
_struct.title                        'Crystal structure of the murine cd44 hyaluronan binding domain complex with a small molecule' 
_struct.pdbx_model_details           ? 
_struct.pdbx_formula_weight          ? 
_struct.pdbx_formula_weight_method   ? 
_struct.pdbx_model_type_details      ? 
_struct.pdbx_CASP_flag               ? 
# 
_struct_keywords.entry_id        5BZM 
_struct_keywords.text            'Link module, PROTEIN BINDING' 
_struct_keywords.pdbx_keywords   'PROTEIN BINDING' 
# 
loop_
_struct_asym.id 
_struct_asym.pdbx_blank_PDB_chainid_flag 
_struct_asym.pdbx_modified 
_struct_asym.entity_id 
_struct_asym.details 
A N N 1 ? 
B N N 2 ? 
C N N 3 ? 
D N N 4 ? 
E N N 5 ? 
# 
_struct_ref.id                         1 
_struct_ref.db_name                    UNP 
_struct_ref.db_code                    CD44_MOUSE 
_struct_ref.pdbx_db_accession          P15379 
_struct_ref.pdbx_db_isoform            ? 
_struct_ref.entity_id                  1 
_struct_ref.pdbx_seq_one_letter_code   
;HQQIDLNVTCRYAGVFHVEKNGRYSISRTEAADLCQAFNSTLPTMDQMKLALSKGFETCRYGFIEGNVVIPRIHPNAICA
ANHTGVYILVTSNTSHYDTYCFNASAPPEEDCTSVTDLPNSFDGPVTITIVNRDGTRYSKKGEYRTHQEDI
;
_struct_ref.pdbx_align_begin           21 
# 
_struct_ref_seq.align_id                      1 
_struct_ref_seq.ref_id                        1 
_struct_ref_seq.pdbx_PDB_id_code              5BZM 
_struct_ref_seq.pdbx_strand_id                A 
_struct_ref_seq.seq_align_beg                 1 
_struct_ref_seq.pdbx_seq_align_beg_ins_code   ? 
_struct_ref_seq.seq_align_end                 151 
_struct_ref_seq.pdbx_seq_align_end_ins_code   ? 
_struct_ref_seq.pdbx_db_accession             P15379 
_struct_ref_seq.db_align_beg                  21 
_struct_ref_seq.pdbx_db_align_beg_ins_code    ? 
_struct_ref_seq.db_align_end                  171 
_struct_ref_seq.pdbx_db_align_end_ins_code    ? 
_struct_ref_seq.pdbx_auth_seq_align_beg       23 
_struct_ref_seq.pdbx_auth_seq_align_end       173 
# 
loop_
_struct_ref_seq_dif.align_id 
_struct_ref_seq_dif.pdbx_pdb_id_code 
_struct_ref_seq_dif.mon_id 
_struct_ref_seq_dif.pdbx_pdb_strand_id 
_struct_ref_seq_dif.seq_num 
_struct_ref_seq_dif.pdbx_pdb_ins_code 
_struct_ref_seq_dif.pdbx_seq_db_name 
_struct_ref_seq_dif.pdbx_seq_db_accession_code 
_struct_ref_seq_dif.db_mon_id 
_struct_ref_seq_dif.pdbx_seq_db_seq_num 
_struct_ref_seq_dif.details 
_struct_ref_seq_dif.pdbx_auth_seq_num 
_struct_ref_seq_dif.pdbx_ordinal 
1 5BZM MET A 1 ? UNP P15379 HIS 21 'engineered mutation' 23 1 
1 5BZM ASN A 2 ? UNP P15379 GLN 22 'engineered mutation' 24 2 
# 
_pdbx_struct_assembly.id                   1 
_pdbx_struct_assembly.details              author_and_software_defined_assembly 
_pdbx_struct_assembly.method_details       PISA 
_pdbx_struct_assembly.oligomeric_details   monomeric 
_pdbx_struct_assembly.oligomeric_count     1 
# 
_pdbx_struct_assembly_gen.assembly_id       1 
_pdbx_struct_assembly_gen.oper_expression   1 
_pdbx_struct_assembly_gen.asym_id_list      A,B,C,D,E 
# 
_pdbx_struct_oper_list.id                   1 
_pdbx_struct_oper_list.type                 'identity operation' 
_pdbx_struct_oper_list.name                 1_555 
_pdbx_struct_oper_list.symmetry_operation   x,y,z 
_pdbx_struct_oper_list.matrix[1][1]         1.0000000000 
_pdbx_struct_oper_list.matrix[1][2]         0.0000000000 
_pdbx_struct_oper_list.matrix[1][3]         0.0000000000 
_pdbx_struct_oper_list.vector[1]            0.0000000000 
_pdbx_struct_oper_list.matrix[2][1]         0.0000000000 
_pdbx_struct_oper_list.matrix[2][2]         1.0000000000 
_pdbx_struct_oper_list.matrix[2][3]         0.0000000000 
_pdbx_struct_oper_list.vector[2]            0.0000000000 
_pdbx_struct_oper_list.matrix[3][1]         0.0000000000 
_pdbx_struct_oper_list.matrix[3][2]         0.0000000000 
_pdbx_struct_oper_list.matrix[3][3]         1.0000000000 
_pdbx_struct_oper_list.vector[3]            0.0000000000 
# 
loop_
_struct_conf.conf_type_id 
_struct_conf.id 
_struct_conf.pdbx_PDB_helix_id 
_struct_conf.beg_label_comp_id 
_struct_conf.beg_label_asym_id 
_struct_conf.beg_label_seq_id 
_struct_conf.pdbx_beg_PDB_ins_code 
_struct_conf.end_label_comp_id 
_struct_conf.end_label_asym_id 
_struct_conf.end_label_seq_id 
_struct_conf.pdbx_end_PDB_ins_code 
_struct_conf.beg_auth_comp_id 
_struct_conf.beg_auth_asym_id 
_struct_conf.beg_auth_seq_id 
_struct_conf.end_auth_comp_id 
_struct_conf.end_auth_asym_id 
_struct_conf.end_auth_seq_id 
_struct_conf.pdbx_PDB_helix_class 
_struct_conf.details 
_struct_conf.pdbx_PDB_helix_length 
HELX_P HELX_P1 AA1 SER A 27  ? PHE A 38  ? SER A 49  PHE A 60  1 ? 12 
HELX_P HELX_P2 AA2 THR A 44  ? LYS A 54  ? THR A 66  LYS A 76  1 ? 11 
HELX_P HELX_P3 AA3 CYS A 79  ? HIS A 83  ? CYS A 101 HIS A 105 5 ? 5  
HELX_P HELX_P4 AA4 HIS A 147 ? ILE A 151 ? HIS A 169 ILE A 173 5 ? 5  
# 
_struct_conf_type.id          HELX_P 
_struct_conf_type.criteria    ? 
_struct_conf_type.reference   ? 
# 
loop_
_struct_conn.id 
_struct_conn.conn_type_id 
_struct_conn.pdbx_leaving_atom_flag 
_struct_conn.pdbx_PDB_id 
_struct_conn.ptnr1_label_asym_id 
_struct_conn.ptnr1_label_comp_id 
_struct_conn.ptnr1_label_seq_id 
_struct_conn.ptnr1_label_atom_id 
_struct_conn.pdbx_ptnr1_label_alt_id 
_struct_conn.pdbx_ptnr1_PDB_ins_code 
_struct_conn.pdbx_ptnr1_standard_comp_id 
_struct_conn.ptnr1_symmetry 
_struct_conn.ptnr2_label_asym_id 
_struct_conn.ptnr2_label_comp_id 
_struct_conn.ptnr2_label_seq_id 
_struct_conn.ptnr2_label_atom_id 
_struct_conn.pdbx_ptnr2_label_alt_id 
_struct_conn.pdbx_ptnr2_PDB_ins_code 
_struct_conn.ptnr1_auth_asym_id 
_struct_conn.ptnr1_auth_comp_id 
_struct_conn.ptnr1_auth_seq_id 
_struct_conn.ptnr2_auth_asym_id 
_struct_conn.ptnr2_auth_comp_id 
_struct_conn.ptnr2_auth_seq_id 
_struct_conn.ptnr2_symmetry 
_struct_conn.pdbx_ptnr3_label_atom_id 
_struct_conn.pdbx_ptnr3_label_seq_id 
_struct_conn.pdbx_ptnr3_label_comp_id 
_struct_conn.pdbx_ptnr3_label_asym_id 
_struct_conn.pdbx_ptnr3_label_alt_id 
_struct_conn.pdbx_ptnr3_PDB_ins_code 
_struct_conn.details 
_struct_conn.pdbx_dist_value 
_struct_conn.pdbx_value_order 
_struct_conn.pdbx_role 
disulf1 disulf ? ? A CYS 10 SG ? ? ? 1_555 A CYS 112 SG ? ? A CYS 32 A CYS 134 1_555 ? ? ? ? ? ? ? 2.050 ? ? 
disulf2 disulf ? ? A CYS 35 SG ? ? ? 1_555 A CYS 101 SG ? ? A CYS 57 A CYS 123 1_555 ? ? ? ? ? ? ? 2.099 ? ? 
disulf3 disulf ? ? A CYS 59 SG ? ? ? 1_555 A CYS 79  SG ? ? A CYS 81 A CYS 101 1_555 ? ? ? ? ? ? ? 2.037 ? ? 
# 
_struct_conn_type.id          disulf 
_struct_conn_type.criteria    ? 
_struct_conn_type.reference   ? 
# 
loop_
_pdbx_modification_feature.ordinal 
_pdbx_modification_feature.label_comp_id 
_pdbx_modification_feature.label_asym_id 
_pdbx_modification_feature.label_seq_id 
_pdbx_modification_feature.label_alt_id 
_pdbx_modification_feature.modified_residue_label_comp_id 
_pdbx_modification_feature.modified_residue_label_asym_id 
_pdbx_modification_feature.modified_residue_label_seq_id 
_pdbx_modification_feature.modified_residue_label_alt_id 
_pdbx_modification_feature.auth_comp_id 
_pdbx_modification_feature.auth_asym_id 
_pdbx_modification_feature.auth_seq_id 
_pdbx_modification_feature.PDB_ins_code 
_pdbx_modification_feature.symmetry 
_pdbx_modification_feature.modified_residue_auth_comp_id 
_pdbx_modification_feature.modified_residue_auth_asym_id 
_pdbx_modification_feature.modified_residue_auth_seq_id 
_pdbx_modification_feature.modified_residue_PDB_ins_code 
_pdbx_modification_feature.modified_residue_symmetry 
_pdbx_modification_feature.comp_id_linking_atom 
_pdbx_modification_feature.modified_residue_id_linking_atom 
_pdbx_modification_feature.modified_residue_id 
_pdbx_modification_feature.ref_pcm_id 
_pdbx_modification_feature.ref_comp_id 
_pdbx_modification_feature.type 
_pdbx_modification_feature.category 
1 CYS A 10 ? CYS A 112 ? CYS A 32 ? 1_555 CYS A 134 ? 1_555 SG SG . . . None 'Disulfide bridge' 
2 CYS A 35 ? CYS A 101 ? CYS A 57 ? 1_555 CYS A 123 ? 1_555 SG SG . . . None 'Disulfide bridge' 
3 CYS A 59 ? CYS A 79  ? CYS A 81 ? 1_555 CYS A 101 ? 1_555 SG SG . . . None 'Disulfide bridge' 
# 
loop_
_struct_sheet.id 
_struct_sheet.type 
_struct_sheet.number_strands 
_struct_sheet.details 
AA1 ? 8 ? 
AA2 ? 2 ? 
# 
loop_
_struct_sheet_order.sheet_id 
_struct_sheet_order.range_id_1 
_struct_sheet_order.range_id_2 
_struct_sheet_order.offset 
_struct_sheet_order.sense 
AA1 1 2 ? anti-parallel 
AA1 2 3 ? anti-parallel 
AA1 3 4 ? parallel      
AA1 4 5 ? anti-parallel 
AA1 5 6 ? anti-parallel 
AA1 6 7 ? parallel      
AA1 7 8 ? anti-parallel 
AA2 1 2 ? anti-parallel 
# 
loop_
_struct_sheet_range.sheet_id 
_struct_sheet_range.id 
_struct_sheet_range.beg_label_comp_id 
_struct_sheet_range.beg_label_asym_id 
_struct_sheet_range.beg_label_seq_id 
_struct_sheet_range.pdbx_beg_PDB_ins_code 
_struct_sheet_range.end_label_comp_id 
_struct_sheet_range.end_label_asym_id 
_struct_sheet_range.end_label_seq_id 
_struct_sheet_range.pdbx_end_PDB_ins_code 
_struct_sheet_range.beg_auth_comp_id 
_struct_sheet_range.beg_auth_asym_id 
_struct_sheet_range.beg_auth_seq_id 
_struct_sheet_range.end_auth_comp_id 
_struct_sheet_range.end_auth_asym_id 
_struct_sheet_range.end_auth_seq_id 
AA1 1 GLY A 85  ? ILE A 88  ? GLY A 107 ILE A 110 
AA1 2 VAL A 68  ? ARG A 72  ? VAL A 90  ARG A 94  
AA1 3 GLY A 62  ? PHE A 63  ? GLY A 84  PHE A 85  
AA1 4 ASP A 98  ? PHE A 102 ? ASP A 120 PHE A 124 
AA1 5 VAL A 15  ? LYS A 20  ? VAL A 37  LYS A 42  
AA1 6 GLN A 3   ? VAL A 8   ? GLN A 25  VAL A 30  
AA1 7 PHE A 122 ? ASN A 132 ? PHE A 144 ASN A 154 
AA1 8 ARG A 137 ? GLU A 143 ? ARG A 159 GLU A 165 
AA2 1 ARG A 11  ? TYR A 12  ? ARG A 33  TYR A 34  
AA2 2 GLU A 110 ? ASP A 111 ? GLU A 132 ASP A 133 
# 
loop_
_pdbx_struct_sheet_hbond.sheet_id 
_pdbx_struct_sheet_hbond.range_id_1 
_pdbx_struct_sheet_hbond.range_id_2 
_pdbx_struct_sheet_hbond.range_1_label_atom_id 
_pdbx_struct_sheet_hbond.range_1_label_comp_id 
_pdbx_struct_sheet_hbond.range_1_label_asym_id 
_pdbx_struct_sheet_hbond.range_1_label_seq_id 
_pdbx_struct_sheet_hbond.range_1_PDB_ins_code 
_pdbx_struct_sheet_hbond.range_1_auth_atom_id 
_pdbx_struct_sheet_hbond.range_1_auth_comp_id 
_pdbx_struct_sheet_hbond.range_1_auth_asym_id 
_pdbx_struct_sheet_hbond.range_1_auth_seq_id 
_pdbx_struct_sheet_hbond.range_2_label_atom_id 
_pdbx_struct_sheet_hbond.range_2_label_comp_id 
_pdbx_struct_sheet_hbond.range_2_label_asym_id 
_pdbx_struct_sheet_hbond.range_2_label_seq_id 
_pdbx_struct_sheet_hbond.range_2_PDB_ins_code 
_pdbx_struct_sheet_hbond.range_2_auth_atom_id 
_pdbx_struct_sheet_hbond.range_2_auth_comp_id 
_pdbx_struct_sheet_hbond.range_2_auth_asym_id 
_pdbx_struct_sheet_hbond.range_2_auth_seq_id 
AA1 1 2 O GLY A 85  ? O GLY A 107 N ARG A 72  ? N ARG A 94  
AA1 2 3 O VAL A 69  ? O VAL A 91  N GLY A 62  ? N GLY A 84  
AA1 3 4 N PHE A 63  ? N PHE A 85  O TYR A 100 ? O TYR A 122 
AA1 4 5 O THR A 99  ? O THR A 121 N VAL A 18  ? N VAL A 40  
AA1 5 6 O GLU A 19  ? O GLU A 41  N ASN A 7   ? N ASN A 29  
AA1 6 7 N LEU A 6   ? N LEU A 28  O THR A 129 ? O THR A 151 
AA1 7 8 N ILE A 128 ? N ILE A 150 O LYS A 140 ? O LYS A 162 
AA2 1 2 N ARG A 11  ? N ARG A 33  O ASP A 111 ? O ASP A 133 
# 
loop_
_struct_site.id 
_struct_site.pdbx_evidence_code 
_struct_site.pdbx_auth_asym_id 
_struct_site.pdbx_auth_comp_id 
_struct_site.pdbx_auth_seq_id 
_struct_site.pdbx_auth_ins_code 
_struct_site.pdbx_num_residues 
_struct_site.details 
AC1 Software A 4X8 201 ? 13 'binding site for residue 4X8 A 201' 
AC2 Software A DMS 202 ? 9  'binding site for residue DMS A 202' 
AC3 Software A SO4 203 ? 5  'binding site for residue SO4 A 203' 
# 
loop_
_struct_site_gen.id 
_struct_site_gen.site_id 
_struct_site_gen.pdbx_num_res 
_struct_site_gen.label_comp_id 
_struct_site_gen.label_asym_id 
_struct_site_gen.label_seq_id 
_struct_site_gen.pdbx_auth_ins_code 
_struct_site_gen.auth_comp_id 
_struct_site_gen.auth_asym_id 
_struct_site_gen.auth_seq_id 
_struct_site_gen.label_atom_id 
_struct_site_gen.label_alt_id 
_struct_site_gen.symmetry 
_struct_site_gen.details 
1  AC1 13 ASN A 7   ? ASN A 29  . ? 1_555 ? 
2  AC1 13 VAL A 8   ? VAL A 30  . ? 1_555 ? 
3  AC1 13 THR A 9   ? THR A 31  . ? 1_555 ? 
4  AC1 13 GLU A 19  ? GLU A 41  . ? 1_555 ? 
5  AC1 13 GLY A 22  ? GLY A 44  . ? 1_555 ? 
6  AC1 13 ASP A 46  ? ASP A 68  . ? 1_655 ? 
7  AC1 13 ARG A 60  ? ARG A 82  . ? 1_555 ? 
8  AC1 13 VAL A 131 ? VAL A 153 . ? 1_555 ? 
9  AC1 13 ASN A 132 ? ASN A 154 . ? 1_555 ? 
10 AC1 13 ARG A 133 ? ARG A 155 . ? 1_555 ? 
11 AC1 13 HOH E .   ? HOH A 326 . ? 1_555 ? 
12 AC1 13 HOH E .   ? HOH A 347 . ? 1_555 ? 
13 AC1 13 HOH E .   ? HOH A 358 . ? 1_555 ? 
14 AC2 9  CYS A 10  ? CYS A 32  . ? 1_555 ? 
15 AC2 9  ASN A 67  ? ASN A 89  . ? 1_554 ? 
16 AC2 9  CYS A 112 ? CYS A 134 . ? 1_555 ? 
17 AC2 9  THR A 113 ? THR A 135 . ? 1_555 ? 
18 AC2 9  SER A 114 ? SER A 136 . ? 1_555 ? 
19 AC2 9  ARG A 133 ? ARG A 155 . ? 1_555 ? 
20 AC2 9  ASP A 134 ? ASP A 156 . ? 1_555 ? 
21 AC2 9  HOH E .   ? HOH A 310 . ? 1_555 ? 
22 AC2 9  HOH E .   ? HOH A 319 . ? 1_555 ? 
23 AC3 5  ARG A 11  ? ARG A 33  . ? 1_555 ? 
24 AC3 5  PHE A 16  ? PHE A 38  . ? 1_555 ? 
25 AC3 5  PHE A 38  ? PHE A 60  . ? 1_555 ? 
26 AC3 5  ASN A 103 ? ASN A 125 . ? 1_555 ? 
27 AC3 5  VAL A 115 ? VAL A 137 . ? 1_555 ? 
# 
_pdbx_entry_details.entry_id                   5BZM 
_pdbx_entry_details.compound_details           ? 
_pdbx_entry_details.source_details             ? 
_pdbx_entry_details.nonpolymer_details         ? 
_pdbx_entry_details.sequence_details           ? 
_pdbx_entry_details.has_ligand_of_interest     ? 
_pdbx_entry_details.has_protein_modification   Y 
# 
_pdbx_validate_close_contact.id               1 
_pdbx_validate_close_contact.PDB_model_num    1 
_pdbx_validate_close_contact.auth_atom_id_1   OD2 
_pdbx_validate_close_contact.auth_asym_id_1   A 
_pdbx_validate_close_contact.auth_comp_id_1   ASP 
_pdbx_validate_close_contact.auth_seq_id_1    27 
_pdbx_validate_close_contact.PDB_ins_code_1   ? 
_pdbx_validate_close_contact.label_alt_id_1   ? 
_pdbx_validate_close_contact.auth_atom_id_2   O 
_pdbx_validate_close_contact.auth_asym_id_2   A 
_pdbx_validate_close_contact.auth_comp_id_2   HOH 
_pdbx_validate_close_contact.auth_seq_id_2    301 
_pdbx_validate_close_contact.PDB_ins_code_2   ? 
_pdbx_validate_close_contact.label_alt_id_2   ? 
_pdbx_validate_close_contact.dist             2.18 
# 
_pdbx_validate_symm_contact.id                1 
_pdbx_validate_symm_contact.PDB_model_num     1 
_pdbx_validate_symm_contact.auth_atom_id_1    O 
_pdbx_validate_symm_contact.auth_asym_id_1    A 
_pdbx_validate_symm_contact.auth_comp_id_1    HOH 
_pdbx_validate_symm_contact.auth_seq_id_1     301 
_pdbx_validate_symm_contact.PDB_ins_code_1    ? 
_pdbx_validate_symm_contact.label_alt_id_1    ? 
_pdbx_validate_symm_contact.site_symmetry_1   1_555 
_pdbx_validate_symm_contact.auth_atom_id_2    O 
_pdbx_validate_symm_contact.auth_asym_id_2    A 
_pdbx_validate_symm_contact.auth_comp_id_2    HOH 
_pdbx_validate_symm_contact.auth_seq_id_2     349 
_pdbx_validate_symm_contact.PDB_ins_code_2    ? 
_pdbx_validate_symm_contact.label_alt_id_2    ? 
_pdbx_validate_symm_contact.site_symmetry_2   1_655 
_pdbx_validate_symm_contact.dist              2.11 
# 
loop_
_pdbx_validate_torsion.id 
_pdbx_validate_torsion.PDB_model_num 
_pdbx_validate_torsion.auth_comp_id 
_pdbx_validate_torsion.auth_asym_id 
_pdbx_validate_torsion.auth_seq_id 
_pdbx_validate_torsion.PDB_ins_code 
_pdbx_validate_torsion.label_alt_id 
_pdbx_validate_torsion.phi 
_pdbx_validate_torsion.psi 
1 1 CYS A 32  ? ? -47.46  150.92  
2 1 SER A 47  ? ? -161.91 17.00   
3 1 GLU A 87  ? B -68.92  95.69   
4 1 GLU A 131 ? ? -118.62 -132.21 
# 
_phasing.method   MR 
# 
_pdbx_unobs_or_zero_occ_residues.id               1 
_pdbx_unobs_or_zero_occ_residues.PDB_model_num    1 
_pdbx_unobs_or_zero_occ_residues.polymer_flag     Y 
_pdbx_unobs_or_zero_occ_residues.occupancy_flag   1 
_pdbx_unobs_or_zero_occ_residues.auth_asym_id     A 
_pdbx_unobs_or_zero_occ_residues.auth_comp_id     MET 
_pdbx_unobs_or_zero_occ_residues.auth_seq_id      23 
_pdbx_unobs_or_zero_occ_residues.PDB_ins_code     ? 
_pdbx_unobs_or_zero_occ_residues.label_asym_id    A 
_pdbx_unobs_or_zero_occ_residues.label_comp_id    MET 
_pdbx_unobs_or_zero_occ_residues.label_seq_id     1 
# 
loop_
_chem_comp_atom.comp_id 
_chem_comp_atom.atom_id 
_chem_comp_atom.type_symbol 
_chem_comp_atom.pdbx_aromatic_flag 
_chem_comp_atom.pdbx_stereo_config 
_chem_comp_atom.pdbx_ordinal 
4X8 CAJ  C N N 1   
4X8 CAI  C N N 2   
4X8 CAQ  C Y N 3   
4X8 CAG  C Y N 4   
4X8 CAD  C Y N 5   
4X8 CAF  C Y N 6   
4X8 CAO  C Y N 7   
4X8 NAC  N N N 8   
4X8 CAS  C Y N 9   
4X8 CAL  C N N 10  
4X8 NAT  N N N 11  
4X8 CAK  C N N 12  
4X8 CAR  C Y N 13  
4X8 NAM  N Y N 14  
4X8 CAE  C Y N 15  
4X8 CAH  C Y N 16  
4X8 CAN  C Y N 17  
4X8 NAB  N N N 18  
4X8 CAP  C Y N 19  
4X8 CAA  C N N 20  
4X8 H1   H N N 21  
4X8 H2   H N N 22  
4X8 H3   H N N 23  
4X8 H4   H N N 24  
4X8 H5   H N N 25  
4X8 H6   H N N 26  
4X8 H7   H N N 27  
4X8 H8   H N N 28  
4X8 H9   H N N 29  
4X8 H10  H N N 30  
4X8 H11  H N N 31  
4X8 H13  H N N 32  
4X8 H14  H N N 33  
4X8 H15  H N N 34  
4X8 H16  H N N 35  
4X8 H17  H N N 36  
4X8 H18  H N N 37  
4X8 H19  H N N 38  
4X8 H20  H N N 39  
4X8 H21  H N N 40  
ALA N    N N N 41  
ALA CA   C N S 42  
ALA C    C N N 43  
ALA O    O N N 44  
ALA CB   C N N 45  
ALA OXT  O N N 46  
ALA H    H N N 47  
ALA H2   H N N 48  
ALA HA   H N N 49  
ALA HB1  H N N 50  
ALA HB2  H N N 51  
ALA HB3  H N N 52  
ALA HXT  H N N 53  
ARG N    N N N 54  
ARG CA   C N S 55  
ARG C    C N N 56  
ARG O    O N N 57  
ARG CB   C N N 58  
ARG CG   C N N 59  
ARG CD   C N N 60  
ARG NE   N N N 61  
ARG CZ   C N N 62  
ARG NH1  N N N 63  
ARG NH2  N N N 64  
ARG OXT  O N N 65  
ARG H    H N N 66  
ARG H2   H N N 67  
ARG HA   H N N 68  
ARG HB2  H N N 69  
ARG HB3  H N N 70  
ARG HG2  H N N 71  
ARG HG3  H N N 72  
ARG HD2  H N N 73  
ARG HD3  H N N 74  
ARG HE   H N N 75  
ARG HH11 H N N 76  
ARG HH12 H N N 77  
ARG HH21 H N N 78  
ARG HH22 H N N 79  
ARG HXT  H N N 80  
ASN N    N N N 81  
ASN CA   C N S 82  
ASN C    C N N 83  
ASN O    O N N 84  
ASN CB   C N N 85  
ASN CG   C N N 86  
ASN OD1  O N N 87  
ASN ND2  N N N 88  
ASN OXT  O N N 89  
ASN H    H N N 90  
ASN H2   H N N 91  
ASN HA   H N N 92  
ASN HB2  H N N 93  
ASN HB3  H N N 94  
ASN HD21 H N N 95  
ASN HD22 H N N 96  
ASN HXT  H N N 97  
ASP N    N N N 98  
ASP CA   C N S 99  
ASP C    C N N 100 
ASP O    O N N 101 
ASP CB   C N N 102 
ASP CG   C N N 103 
ASP OD1  O N N 104 
ASP OD2  O N N 105 
ASP OXT  O N N 106 
ASP H    H N N 107 
ASP H2   H N N 108 
ASP HA   H N N 109 
ASP HB2  H N N 110 
ASP HB3  H N N 111 
ASP HD2  H N N 112 
ASP HXT  H N N 113 
CYS N    N N N 114 
CYS CA   C N R 115 
CYS C    C N N 116 
CYS O    O N N 117 
CYS CB   C N N 118 
CYS SG   S N N 119 
CYS OXT  O N N 120 
CYS H    H N N 121 
CYS H2   H N N 122 
CYS HA   H N N 123 
CYS HB2  H N N 124 
CYS HB3  H N N 125 
CYS HG   H N N 126 
CYS HXT  H N N 127 
DMS S    S N N 128 
DMS O    O N N 129 
DMS C1   C N N 130 
DMS C2   C N N 131 
DMS H11  H N N 132 
DMS H12  H N N 133 
DMS H13  H N N 134 
DMS H21  H N N 135 
DMS H22  H N N 136 
DMS H23  H N N 137 
GLN N    N N N 138 
GLN CA   C N S 139 
GLN C    C N N 140 
GLN O    O N N 141 
GLN CB   C N N 142 
GLN CG   C N N 143 
GLN CD   C N N 144 
GLN OE1  O N N 145 
GLN NE2  N N N 146 
GLN OXT  O N N 147 
GLN H    H N N 148 
GLN H2   H N N 149 
GLN HA   H N N 150 
GLN HB2  H N N 151 
GLN HB3  H N N 152 
GLN HG2  H N N 153 
GLN HG3  H N N 154 
GLN HE21 H N N 155 
GLN HE22 H N N 156 
GLN HXT  H N N 157 
GLU N    N N N 158 
GLU CA   C N S 159 
GLU C    C N N 160 
GLU O    O N N 161 
GLU CB   C N N 162 
GLU CG   C N N 163 
GLU CD   C N N 164 
GLU OE1  O N N 165 
GLU OE2  O N N 166 
GLU OXT  O N N 167 
GLU H    H N N 168 
GLU H2   H N N 169 
GLU HA   H N N 170 
GLU HB2  H N N 171 
GLU HB3  H N N 172 
GLU HG2  H N N 173 
GLU HG3  H N N 174 
GLU HE2  H N N 175 
GLU HXT  H N N 176 
GLY N    N N N 177 
GLY CA   C N N 178 
GLY C    C N N 179 
GLY O    O N N 180 
GLY OXT  O N N 181 
GLY H    H N N 182 
GLY H2   H N N 183 
GLY HA2  H N N 184 
GLY HA3  H N N 185 
GLY HXT  H N N 186 
HIS N    N N N 187 
HIS CA   C N S 188 
HIS C    C N N 189 
HIS O    O N N 190 
HIS CB   C N N 191 
HIS CG   C Y N 192 
HIS ND1  N Y N 193 
HIS CD2  C Y N 194 
HIS CE1  C Y N 195 
HIS NE2  N Y N 196 
HIS OXT  O N N 197 
HIS H    H N N 198 
HIS H2   H N N 199 
HIS HA   H N N 200 
HIS HB2  H N N 201 
HIS HB3  H N N 202 
HIS HD1  H N N 203 
HIS HD2  H N N 204 
HIS HE1  H N N 205 
HIS HE2  H N N 206 
HIS HXT  H N N 207 
HOH O    O N N 208 
HOH H1   H N N 209 
HOH H2   H N N 210 
ILE N    N N N 211 
ILE CA   C N S 212 
ILE C    C N N 213 
ILE O    O N N 214 
ILE CB   C N S 215 
ILE CG1  C N N 216 
ILE CG2  C N N 217 
ILE CD1  C N N 218 
ILE OXT  O N N 219 
ILE H    H N N 220 
ILE H2   H N N 221 
ILE HA   H N N 222 
ILE HB   H N N 223 
ILE HG12 H N N 224 
ILE HG13 H N N 225 
ILE HG21 H N N 226 
ILE HG22 H N N 227 
ILE HG23 H N N 228 
ILE HD11 H N N 229 
ILE HD12 H N N 230 
ILE HD13 H N N 231 
ILE HXT  H N N 232 
LEU N    N N N 233 
LEU CA   C N S 234 
LEU C    C N N 235 
LEU O    O N N 236 
LEU CB   C N N 237 
LEU CG   C N N 238 
LEU CD1  C N N 239 
LEU CD2  C N N 240 
LEU OXT  O N N 241 
LEU H    H N N 242 
LEU H2   H N N 243 
LEU HA   H N N 244 
LEU HB2  H N N 245 
LEU HB3  H N N 246 
LEU HG   H N N 247 
LEU HD11 H N N 248 
LEU HD12 H N N 249 
LEU HD13 H N N 250 
LEU HD21 H N N 251 
LEU HD22 H N N 252 
LEU HD23 H N N 253 
LEU HXT  H N N 254 
LYS N    N N N 255 
LYS CA   C N S 256 
LYS C    C N N 257 
LYS O    O N N 258 
LYS CB   C N N 259 
LYS CG   C N N 260 
LYS CD   C N N 261 
LYS CE   C N N 262 
LYS NZ   N N N 263 
LYS OXT  O N N 264 
LYS H    H N N 265 
LYS H2   H N N 266 
LYS HA   H N N 267 
LYS HB2  H N N 268 
LYS HB3  H N N 269 
LYS HG2  H N N 270 
LYS HG3  H N N 271 
LYS HD2  H N N 272 
LYS HD3  H N N 273 
LYS HE2  H N N 274 
LYS HE3  H N N 275 
LYS HZ1  H N N 276 
LYS HZ2  H N N 277 
LYS HZ3  H N N 278 
LYS HXT  H N N 279 
MET N    N N N 280 
MET CA   C N S 281 
MET C    C N N 282 
MET O    O N N 283 
MET CB   C N N 284 
MET CG   C N N 285 
MET SD   S N N 286 
MET CE   C N N 287 
MET OXT  O N N 288 
MET H    H N N 289 
MET H2   H N N 290 
MET HA   H N N 291 
MET HB2  H N N 292 
MET HB3  H N N 293 
MET HG2  H N N 294 
MET HG3  H N N 295 
MET HE1  H N N 296 
MET HE2  H N N 297 
MET HE3  H N N 298 
MET HXT  H N N 299 
PHE N    N N N 300 
PHE CA   C N S 301 
PHE C    C N N 302 
PHE O    O N N 303 
PHE CB   C N N 304 
PHE CG   C Y N 305 
PHE CD1  C Y N 306 
PHE CD2  C Y N 307 
PHE CE1  C Y N 308 
PHE CE2  C Y N 309 
PHE CZ   C Y N 310 
PHE OXT  O N N 311 
PHE H    H N N 312 
PHE H2   H N N 313 
PHE HA   H N N 314 
PHE HB2  H N N 315 
PHE HB3  H N N 316 
PHE HD1  H N N 317 
PHE HD2  H N N 318 
PHE HE1  H N N 319 
PHE HE2  H N N 320 
PHE HZ   H N N 321 
PHE HXT  H N N 322 
PRO N    N N N 323 
PRO CA   C N S 324 
PRO C    C N N 325 
PRO O    O N N 326 
PRO CB   C N N 327 
PRO CG   C N N 328 
PRO CD   C N N 329 
PRO OXT  O N N 330 
PRO H    H N N 331 
PRO HA   H N N 332 
PRO HB2  H N N 333 
PRO HB3  H N N 334 
PRO HG2  H N N 335 
PRO HG3  H N N 336 
PRO HD2  H N N 337 
PRO HD3  H N N 338 
PRO HXT  H N N 339 
SER N    N N N 340 
SER CA   C N S 341 
SER C    C N N 342 
SER O    O N N 343 
SER CB   C N N 344 
SER OG   O N N 345 
SER OXT  O N N 346 
SER H    H N N 347 
SER H2   H N N 348 
SER HA   H N N 349 
SER HB2  H N N 350 
SER HB3  H N N 351 
SER HG   H N N 352 
SER HXT  H N N 353 
SO4 S    S N N 354 
SO4 O1   O N N 355 
SO4 O2   O N N 356 
SO4 O3   O N N 357 
SO4 O4   O N N 358 
THR N    N N N 359 
THR CA   C N S 360 
THR C    C N N 361 
THR O    O N N 362 
THR CB   C N R 363 
THR OG1  O N N 364 
THR CG2  C N N 365 
THR OXT  O N N 366 
THR H    H N N 367 
THR H2   H N N 368 
THR HA   H N N 369 
THR HB   H N N 370 
THR HG1  H N N 371 
THR HG21 H N N 372 
THR HG22 H N N 373 
THR HG23 H N N 374 
THR HXT  H N N 375 
TYR N    N N N 376 
TYR CA   C N S 377 
TYR C    C N N 378 
TYR O    O N N 379 
TYR CB   C N N 380 
TYR CG   C Y N 381 
TYR CD1  C Y N 382 
TYR CD2  C Y N 383 
TYR CE1  C Y N 384 
TYR CE2  C Y N 385 
TYR CZ   C Y N 386 
TYR OH   O N N 387 
TYR OXT  O N N 388 
TYR H    H N N 389 
TYR H2   H N N 390 
TYR HA   H N N 391 
TYR HB2  H N N 392 
TYR HB3  H N N 393 
TYR HD1  H N N 394 
TYR HD2  H N N 395 
TYR HE1  H N N 396 
TYR HE2  H N N 397 
TYR HH   H N N 398 
TYR HXT  H N N 399 
VAL N    N N N 400 
VAL CA   C N S 401 
VAL C    C N N 402 
VAL O    O N N 403 
VAL CB   C N N 404 
VAL CG1  C N N 405 
VAL CG2  C N N 406 
VAL OXT  O N N 407 
VAL H    H N N 408 
VAL H2   H N N 409 
VAL HA   H N N 410 
VAL HB   H N N 411 
VAL HG11 H N N 412 
VAL HG12 H N N 413 
VAL HG13 H N N 414 
VAL HG21 H N N 415 
VAL HG22 H N N 416 
VAL HG23 H N N 417 
VAL HXT  H N N 418 
# 
loop_
_chem_comp_bond.comp_id 
_chem_comp_bond.atom_id_1 
_chem_comp_bond.atom_id_2 
_chem_comp_bond.value_order 
_chem_comp_bond.pdbx_aromatic_flag 
_chem_comp_bond.pdbx_stereo_config 
_chem_comp_bond.pdbx_ordinal 
4X8 CAF CAD  doub Y N 1   
4X8 CAF CAO  sing Y N 2   
4X8 CAD CAG  sing Y N 3   
4X8 NAC CAO  sing N N 4   
4X8 CAO CAS  doub Y N 5   
4X8 CAG CAQ  doub Y N 6   
4X8 CAS CAQ  sing Y N 7   
4X8 CAS CAL  sing N N 8   
4X8 CAQ CAI  sing N N 9   
4X8 CAL NAT  sing N N 10  
4X8 CAI CAJ  sing N N 11  
4X8 CAJ NAT  sing N N 12  
4X8 NAT CAK  sing N N 13  
4X8 CAK CAR  sing N N 14  
4X8 CAA CAP  sing N N 15  
4X8 CAR CAP  doub Y N 16  
4X8 CAR NAM  sing Y N 17  
4X8 CAP CAN  sing Y N 18  
4X8 NAM CAE  doub Y N 19  
4X8 CAN NAB  sing N N 20  
4X8 CAN CAH  doub Y N 21  
4X8 CAE CAH  sing Y N 22  
4X8 CAJ H1   sing N N 23  
4X8 CAJ H2   sing N N 24  
4X8 CAI H3   sing N N 25  
4X8 CAI H4   sing N N 26  
4X8 CAG H5   sing N N 27  
4X8 CAD H6   sing N N 28  
4X8 CAF H7   sing N N 29  
4X8 NAC H8   sing N N 30  
4X8 NAC H9   sing N N 31  
4X8 CAL H10  sing N N 32  
4X8 CAL H11  sing N N 33  
4X8 CAK H13  sing N N 34  
4X8 CAK H14  sing N N 35  
4X8 CAE H15  sing N N 36  
4X8 CAH H16  sing N N 37  
4X8 NAB H17  sing N N 38  
4X8 NAB H18  sing N N 39  
4X8 CAA H19  sing N N 40  
4X8 CAA H20  sing N N 41  
4X8 CAA H21  sing N N 42  
ALA N   CA   sing N N 43  
ALA N   H    sing N N 44  
ALA N   H2   sing N N 45  
ALA CA  C    sing N N 46  
ALA CA  CB   sing N N 47  
ALA CA  HA   sing N N 48  
ALA C   O    doub N N 49  
ALA C   OXT  sing N N 50  
ALA CB  HB1  sing N N 51  
ALA CB  HB2  sing N N 52  
ALA CB  HB3  sing N N 53  
ALA OXT HXT  sing N N 54  
ARG N   CA   sing N N 55  
ARG N   H    sing N N 56  
ARG N   H2   sing N N 57  
ARG CA  C    sing N N 58  
ARG CA  CB   sing N N 59  
ARG CA  HA   sing N N 60  
ARG C   O    doub N N 61  
ARG C   OXT  sing N N 62  
ARG CB  CG   sing N N 63  
ARG CB  HB2  sing N N 64  
ARG CB  HB3  sing N N 65  
ARG CG  CD   sing N N 66  
ARG CG  HG2  sing N N 67  
ARG CG  HG3  sing N N 68  
ARG CD  NE   sing N N 69  
ARG CD  HD2  sing N N 70  
ARG CD  HD3  sing N N 71  
ARG NE  CZ   sing N N 72  
ARG NE  HE   sing N N 73  
ARG CZ  NH1  sing N N 74  
ARG CZ  NH2  doub N N 75  
ARG NH1 HH11 sing N N 76  
ARG NH1 HH12 sing N N 77  
ARG NH2 HH21 sing N N 78  
ARG NH2 HH22 sing N N 79  
ARG OXT HXT  sing N N 80  
ASN N   CA   sing N N 81  
ASN N   H    sing N N 82  
ASN N   H2   sing N N 83  
ASN CA  C    sing N N 84  
ASN CA  CB   sing N N 85  
ASN CA  HA   sing N N 86  
ASN C   O    doub N N 87  
ASN C   OXT  sing N N 88  
ASN CB  CG   sing N N 89  
ASN CB  HB2  sing N N 90  
ASN CB  HB3  sing N N 91  
ASN CG  OD1  doub N N 92  
ASN CG  ND2  sing N N 93  
ASN ND2 HD21 sing N N 94  
ASN ND2 HD22 sing N N 95  
ASN OXT HXT  sing N N 96  
ASP N   CA   sing N N 97  
ASP N   H    sing N N 98  
ASP N   H2   sing N N 99  
ASP CA  C    sing N N 100 
ASP CA  CB   sing N N 101 
ASP CA  HA   sing N N 102 
ASP C   O    doub N N 103 
ASP C   OXT  sing N N 104 
ASP CB  CG   sing N N 105 
ASP CB  HB2  sing N N 106 
ASP CB  HB3  sing N N 107 
ASP CG  OD1  doub N N 108 
ASP CG  OD2  sing N N 109 
ASP OD2 HD2  sing N N 110 
ASP OXT HXT  sing N N 111 
CYS N   CA   sing N N 112 
CYS N   H    sing N N 113 
CYS N   H2   sing N N 114 
CYS CA  C    sing N N 115 
CYS CA  CB   sing N N 116 
CYS CA  HA   sing N N 117 
CYS C   O    doub N N 118 
CYS C   OXT  sing N N 119 
CYS CB  SG   sing N N 120 
CYS CB  HB2  sing N N 121 
CYS CB  HB3  sing N N 122 
CYS SG  HG   sing N N 123 
CYS OXT HXT  sing N N 124 
DMS S   O    doub N N 125 
DMS S   C1   sing N N 126 
DMS S   C2   sing N N 127 
DMS C1  H11  sing N N 128 
DMS C1  H12  sing N N 129 
DMS C1  H13  sing N N 130 
DMS C2  H21  sing N N 131 
DMS C2  H22  sing N N 132 
DMS C2  H23  sing N N 133 
GLN N   CA   sing N N 134 
GLN N   H    sing N N 135 
GLN N   H2   sing N N 136 
GLN CA  C    sing N N 137 
GLN CA  CB   sing N N 138 
GLN CA  HA   sing N N 139 
GLN C   O    doub N N 140 
GLN C   OXT  sing N N 141 
GLN CB  CG   sing N N 142 
GLN CB  HB2  sing N N 143 
GLN CB  HB3  sing N N 144 
GLN CG  CD   sing N N 145 
GLN CG  HG2  sing N N 146 
GLN CG  HG3  sing N N 147 
GLN CD  OE1  doub N N 148 
GLN CD  NE2  sing N N 149 
GLN NE2 HE21 sing N N 150 
GLN NE2 HE22 sing N N 151 
GLN OXT HXT  sing N N 152 
GLU N   CA   sing N N 153 
GLU N   H    sing N N 154 
GLU N   H2   sing N N 155 
GLU CA  C    sing N N 156 
GLU CA  CB   sing N N 157 
GLU CA  HA   sing N N 158 
GLU C   O    doub N N 159 
GLU C   OXT  sing N N 160 
GLU CB  CG   sing N N 161 
GLU CB  HB2  sing N N 162 
GLU CB  HB3  sing N N 163 
GLU CG  CD   sing N N 164 
GLU CG  HG2  sing N N 165 
GLU CG  HG3  sing N N 166 
GLU CD  OE1  doub N N 167 
GLU CD  OE2  sing N N 168 
GLU OE2 HE2  sing N N 169 
GLU OXT HXT  sing N N 170 
GLY N   CA   sing N N 171 
GLY N   H    sing N N 172 
GLY N   H2   sing N N 173 
GLY CA  C    sing N N 174 
GLY CA  HA2  sing N N 175 
GLY CA  HA3  sing N N 176 
GLY C   O    doub N N 177 
GLY C   OXT  sing N N 178 
GLY OXT HXT  sing N N 179 
HIS N   CA   sing N N 180 
HIS N   H    sing N N 181 
HIS N   H2   sing N N 182 
HIS CA  C    sing N N 183 
HIS CA  CB   sing N N 184 
HIS CA  HA   sing N N 185 
HIS C   O    doub N N 186 
HIS C   OXT  sing N N 187 
HIS CB  CG   sing N N 188 
HIS CB  HB2  sing N N 189 
HIS CB  HB3  sing N N 190 
HIS CG  ND1  sing Y N 191 
HIS CG  CD2  doub Y N 192 
HIS ND1 CE1  doub Y N 193 
HIS ND1 HD1  sing N N 194 
HIS CD2 NE2  sing Y N 195 
HIS CD2 HD2  sing N N 196 
HIS CE1 NE2  sing Y N 197 
HIS CE1 HE1  sing N N 198 
HIS NE2 HE2  sing N N 199 
HIS OXT HXT  sing N N 200 
HOH O   H1   sing N N 201 
HOH O   H2   sing N N 202 
ILE N   CA   sing N N 203 
ILE N   H    sing N N 204 
ILE N   H2   sing N N 205 
ILE CA  C    sing N N 206 
ILE CA  CB   sing N N 207 
ILE CA  HA   sing N N 208 
ILE C   O    doub N N 209 
ILE C   OXT  sing N N 210 
ILE CB  CG1  sing N N 211 
ILE CB  CG2  sing N N 212 
ILE CB  HB   sing N N 213 
ILE CG1 CD1  sing N N 214 
ILE CG1 HG12 sing N N 215 
ILE CG1 HG13 sing N N 216 
ILE CG2 HG21 sing N N 217 
ILE CG2 HG22 sing N N 218 
ILE CG2 HG23 sing N N 219 
ILE CD1 HD11 sing N N 220 
ILE CD1 HD12 sing N N 221 
ILE CD1 HD13 sing N N 222 
ILE OXT HXT  sing N N 223 
LEU N   CA   sing N N 224 
LEU N   H    sing N N 225 
LEU N   H2   sing N N 226 
LEU CA  C    sing N N 227 
LEU CA  CB   sing N N 228 
LEU CA  HA   sing N N 229 
LEU C   O    doub N N 230 
LEU C   OXT  sing N N 231 
LEU CB  CG   sing N N 232 
LEU CB  HB2  sing N N 233 
LEU CB  HB3  sing N N 234 
LEU CG  CD1  sing N N 235 
LEU CG  CD2  sing N N 236 
LEU CG  HG   sing N N 237 
LEU CD1 HD11 sing N N 238 
LEU CD1 HD12 sing N N 239 
LEU CD1 HD13 sing N N 240 
LEU CD2 HD21 sing N N 241 
LEU CD2 HD22 sing N N 242 
LEU CD2 HD23 sing N N 243 
LEU OXT HXT  sing N N 244 
LYS N   CA   sing N N 245 
LYS N   H    sing N N 246 
LYS N   H2   sing N N 247 
LYS CA  C    sing N N 248 
LYS CA  CB   sing N N 249 
LYS CA  HA   sing N N 250 
LYS C   O    doub N N 251 
LYS C   OXT  sing N N 252 
LYS CB  CG   sing N N 253 
LYS CB  HB2  sing N N 254 
LYS CB  HB3  sing N N 255 
LYS CG  CD   sing N N 256 
LYS CG  HG2  sing N N 257 
LYS CG  HG3  sing N N 258 
LYS CD  CE   sing N N 259 
LYS CD  HD2  sing N N 260 
LYS CD  HD3  sing N N 261 
LYS CE  NZ   sing N N 262 
LYS CE  HE2  sing N N 263 
LYS CE  HE3  sing N N 264 
LYS NZ  HZ1  sing N N 265 
LYS NZ  HZ2  sing N N 266 
LYS NZ  HZ3  sing N N 267 
LYS OXT HXT  sing N N 268 
MET N   CA   sing N N 269 
MET N   H    sing N N 270 
MET N   H2   sing N N 271 
MET CA  C    sing N N 272 
MET CA  CB   sing N N 273 
MET CA  HA   sing N N 274 
MET C   O    doub N N 275 
MET C   OXT  sing N N 276 
MET CB  CG   sing N N 277 
MET CB  HB2  sing N N 278 
MET CB  HB3  sing N N 279 
MET CG  SD   sing N N 280 
MET CG  HG2  sing N N 281 
MET CG  HG3  sing N N 282 
MET SD  CE   sing N N 283 
MET CE  HE1  sing N N 284 
MET CE  HE2  sing N N 285 
MET CE  HE3  sing N N 286 
MET OXT HXT  sing N N 287 
PHE N   CA   sing N N 288 
PHE N   H    sing N N 289 
PHE N   H2   sing N N 290 
PHE CA  C    sing N N 291 
PHE CA  CB   sing N N 292 
PHE CA  HA   sing N N 293 
PHE C   O    doub N N 294 
PHE C   OXT  sing N N 295 
PHE CB  CG   sing N N 296 
PHE CB  HB2  sing N N 297 
PHE CB  HB3  sing N N 298 
PHE CG  CD1  doub Y N 299 
PHE CG  CD2  sing Y N 300 
PHE CD1 CE1  sing Y N 301 
PHE CD1 HD1  sing N N 302 
PHE CD2 CE2  doub Y N 303 
PHE CD2 HD2  sing N N 304 
PHE CE1 CZ   doub Y N 305 
PHE CE1 HE1  sing N N 306 
PHE CE2 CZ   sing Y N 307 
PHE CE2 HE2  sing N N 308 
PHE CZ  HZ   sing N N 309 
PHE OXT HXT  sing N N 310 
PRO N   CA   sing N N 311 
PRO N   CD   sing N N 312 
PRO N   H    sing N N 313 
PRO CA  C    sing N N 314 
PRO CA  CB   sing N N 315 
PRO CA  HA   sing N N 316 
PRO C   O    doub N N 317 
PRO C   OXT  sing N N 318 
PRO CB  CG   sing N N 319 
PRO CB  HB2  sing N N 320 
PRO CB  HB3  sing N N 321 
PRO CG  CD   sing N N 322 
PRO CG  HG2  sing N N 323 
PRO CG  HG3  sing N N 324 
PRO CD  HD2  sing N N 325 
PRO CD  HD3  sing N N 326 
PRO OXT HXT  sing N N 327 
SER N   CA   sing N N 328 
SER N   H    sing N N 329 
SER N   H2   sing N N 330 
SER CA  C    sing N N 331 
SER CA  CB   sing N N 332 
SER CA  HA   sing N N 333 
SER C   O    doub N N 334 
SER C   OXT  sing N N 335 
SER CB  OG   sing N N 336 
SER CB  HB2  sing N N 337 
SER CB  HB3  sing N N 338 
SER OG  HG   sing N N 339 
SER OXT HXT  sing N N 340 
SO4 S   O1   doub N N 341 
SO4 S   O2   doub N N 342 
SO4 S   O3   sing N N 343 
SO4 S   O4   sing N N 344 
THR N   CA   sing N N 345 
THR N   H    sing N N 346 
THR N   H2   sing N N 347 
THR CA  C    sing N N 348 
THR CA  CB   sing N N 349 
THR CA  HA   sing N N 350 
THR C   O    doub N N 351 
THR C   OXT  sing N N 352 
THR CB  OG1  sing N N 353 
THR CB  CG2  sing N N 354 
THR CB  HB   sing N N 355 
THR OG1 HG1  sing N N 356 
THR CG2 HG21 sing N N 357 
THR CG2 HG22 sing N N 358 
THR CG2 HG23 sing N N 359 
THR OXT HXT  sing N N 360 
TYR N   CA   sing N N 361 
TYR N   H    sing N N 362 
TYR N   H2   sing N N 363 
TYR CA  C    sing N N 364 
TYR CA  CB   sing N N 365 
TYR CA  HA   sing N N 366 
TYR C   O    doub N N 367 
TYR C   OXT  sing N N 368 
TYR CB  CG   sing N N 369 
TYR CB  HB2  sing N N 370 
TYR CB  HB3  sing N N 371 
TYR CG  CD1  doub Y N 372 
TYR CG  CD2  sing Y N 373 
TYR CD1 CE1  sing Y N 374 
TYR CD1 HD1  sing N N 375 
TYR CD2 CE2  doub Y N 376 
TYR CD2 HD2  sing N N 377 
TYR CE1 CZ   doub Y N 378 
TYR CE1 HE1  sing N N 379 
TYR CE2 CZ   sing Y N 380 
TYR CE2 HE2  sing N N 381 
TYR CZ  OH   sing N N 382 
TYR OH  HH   sing N N 383 
TYR OXT HXT  sing N N 384 
VAL N   CA   sing N N 385 
VAL N   H    sing N N 386 
VAL N   H2   sing N N 387 
VAL CA  C    sing N N 388 
VAL CA  CB   sing N N 389 
VAL CA  HA   sing N N 390 
VAL C   O    doub N N 391 
VAL C   OXT  sing N N 392 
VAL CB  CG1  sing N N 393 
VAL CB  CG2  sing N N 394 
VAL CB  HB   sing N N 395 
VAL CG1 HG11 sing N N 396 
VAL CG1 HG12 sing N N 397 
VAL CG1 HG13 sing N N 398 
VAL CG2 HG21 sing N N 399 
VAL CG2 HG22 sing N N 400 
VAL CG2 HG23 sing N N 401 
VAL OXT HXT  sing N N 402 
# 
_atom_sites.entry_id                    5BZM 
_atom_sites.fract_transf_matrix[1][1]   0.01909660 
_atom_sites.fract_transf_matrix[1][2]   0.00804203 
_atom_sites.fract_transf_matrix[1][3]   -0.03034220 
_atom_sites.fract_transf_matrix[2][1]   -0.00748183 
_atom_sites.fract_transf_matrix[2][2]   -0.00713828 
_atom_sites.fract_transf_matrix[2][3]   -0.00660083 
_atom_sites.fract_transf_matrix[3][1]   -0.01003026 
_atom_sites.fract_transf_matrix[3][2]   0.02795618 
_atom_sites.fract_transf_matrix[3][3]   -0.01886346 
_atom_sites.fract_transf_vector[1]      0.088105 
_atom_sites.fract_transf_vector[2]      -0.004231 
_atom_sites.fract_transf_vector[3]      0.067277 
# 
loop_
_atom_type.symbol 
C 
N 
O 
S 
# 
loop_
_atom_site.group_PDB 
_atom_site.id 
_atom_site.type_symbol 
_atom_site.label_atom_id 
_atom_site.label_alt_id 
_atom_site.label_comp_id 
_atom_site.label_asym_id 
_atom_site.label_entity_id 
_atom_site.label_seq_id 
_atom_site.pdbx_PDB_ins_code 
_atom_site.Cartn_x 
_atom_site.Cartn_y 
_atom_site.Cartn_z 
_atom_site.occupancy 
_atom_site.B_iso_or_equiv 
_atom_site.pdbx_formal_charge 
_atom_site.auth_seq_id 
_atom_site.auth_comp_id 
_atom_site.auth_asym_id 
_atom_site.auth_atom_id 
_atom_site.pdbx_PDB_model_num 
ATOM   1    N N   . ASN A 1 2   ? 2.333   -8.772  -19.774 1.00 25.49 ? 24  ASN A N   1 
ATOM   2    C CA  . ASN A 1 2   ? 1.113   -8.837  -18.921 1.00 24.77 ? 24  ASN A CA  1 
ATOM   3    C C   . ASN A 1 2   ? 1.508   -9.192  -17.493 1.00 23.55 ? 24  ASN A C   1 
ATOM   4    O O   . ASN A 1 2   ? 1.156   -10.264 -16.975 1.00 22.32 ? 24  ASN A O   1 
ATOM   5    C CB  . ASN A 1 2   ? 0.121   -9.864  -19.473 1.00 25.47 ? 24  ASN A CB  1 
ATOM   6    C CG  . ASN A 1 2   ? -1.333  -9.472  -19.230 1.00 27.28 ? 24  ASN A CG  1 
ATOM   7    O OD1 . ASN A 1 2   ? -1.628  -8.580  -18.436 1.00 31.42 ? 24  ASN A OD1 1 
ATOM   8    N ND2 . ASN A 1 2   ? -2.247  -10.143 -19.920 1.00 29.81 ? 24  ASN A ND2 1 
ATOM   9    N N   . GLN A 1 3   ? 2.263   -8.281  -16.879 1.00 22.19 ? 25  GLN A N   1 
ATOM   10   C CA  . GLN A 1 3   ? 2.895   -8.513  -15.588 1.00 21.07 ? 25  GLN A CA  1 
ATOM   11   C C   . GLN A 1 3   ? 2.809   -7.253  -14.744 1.00 19.74 ? 25  GLN A C   1 
ATOM   12   O O   . GLN A 1 3   ? 2.985   -6.143  -15.248 1.00 20.46 ? 25  GLN A O   1 
ATOM   13   C CB  . GLN A 1 3   ? 4.366   -8.887  -15.786 1.00 21.87 ? 25  GLN A CB  1 
ATOM   14   C CG  . GLN A 1 3   ? 4.904   -9.911  -14.808 1.00 24.76 ? 25  GLN A CG  1 
ATOM   15   C CD  . GLN A 1 3   ? 5.452   -9.305  -13.537 1.00 28.90 ? 25  GLN A CD  1 
ATOM   16   O OE1 . GLN A 1 3   ? 6.167   -8.289  -13.556 1.00 30.09 ? 25  GLN A OE1 1 
ATOM   17   N NE2 . GLN A 1 3   ? 5.137   -9.941  -12.410 1.00 28.33 ? 25  GLN A NE2 1 
ATOM   18   N N   . ILE A 1 4   ? 2.498   -7.441  -13.465 1.00 16.88 ? 26  ILE A N   1 
ATOM   19   C CA  . ILE A 1 4   ? 2.480   -6.349  -12.492 1.00 15.26 ? 26  ILE A CA  1 
ATOM   20   C C   . ILE A 1 4   ? 3.338   -6.735  -11.283 1.00 13.90 ? 26  ILE A C   1 
ATOM   21   O O   . ILE A 1 4   ? 3.159   -7.818  -10.728 1.00 14.09 ? 26  ILE A O   1 
ATOM   22   C CB  . ILE A 1 4   ? 1.035   -6.044  -12.048 1.00 14.67 ? 26  ILE A CB  1 
ATOM   23   C CG1 . ILE A 1 4   ? 0.215   -5.568  -13.260 1.00 15.06 ? 26  ILE A CG1 1 
ATOM   24   C CG2 . ILE A 1 4   ? 1.005   -5.034  -10.897 1.00 16.10 ? 26  ILE A CG2 1 
ATOM   25   C CD1 . ILE A 1 4   ? -1.231  -5.347  -12.988 1.00 18.25 ? 26  ILE A CD1 1 
ATOM   26   N N   . ASP A 1 5   ? 4.253   -5.859  -10.877 1.00 12.25 ? 27  ASP A N   1 
ATOM   27   C CA  . ASP A 1 5   ? 5.016   -5.993  -9.623  1.00 12.28 ? 27  ASP A CA  1 
ATOM   28   C C   . ASP A 1 5   ? 4.296   -5.132  -8.590  1.00 10.06 ? 27  ASP A C   1 
ATOM   29   O O   . ASP A 1 5   ? 4.001   -3.956  -8.853  1.00 11.23 ? 27  ASP A O   1 
ATOM   30   C CB  . ASP A 1 5   ? 6.434   -5.429  -9.783  1.00 14.38 ? 27  ASP A CB  1 
ATOM   31   C CG  . ASP A 1 5   ? 7.462   -6.439  -10.282 1.00 19.20 ? 27  ASP A CG  1 
ATOM   32   O OD1 . ASP A 1 5   ? 7.170   -7.633  -10.459 1.00 22.92 ? 27  ASP A OD1 1 
ATOM   33   O OD2 . ASP A 1 5   ? 8.612   -5.997  -10.487 1.00 26.02 ? 27  ASP A OD2 1 
ATOM   34   N N   . LEU A 1 6   ? 4.084   -5.711  -7.422  1.00 8.93  ? 28  LEU A N   1 
ATOM   35   C CA  . LEU A 1 6   ? 3.551   -4.974  -6.279  1.00 8.53  ? 28  LEU A CA  1 
ATOM   36   C C   . LEU A 1 6   ? 4.598   -5.037  -5.200  1.00 7.45  ? 28  LEU A C   1 
ATOM   37   O O   . LEU A 1 6   ? 4.803   -6.088  -4.592  1.00 8.70  ? 28  LEU A O   1 
ATOM   38   C CB  . LEU A 1 6   ? 2.240   -5.597  -5.795  1.00 9.03  ? 28  LEU A CB  1 
ATOM   39   C CG  . LEU A 1 6   ? 1.109   -5.657  -6.829  1.00 9.16  ? 28  LEU A CG  1 
ATOM   40   C CD1 . LEU A 1 6   ? -0.070  -6.479  -6.284  1.00 10.46 ? 28  LEU A CD1 1 
ATOM   41   C CD2 . LEU A 1 6   ? 0.654   -4.253  -7.267  1.00 10.51 ? 28  LEU A CD2 1 
ATOM   42   N N   . ASN A 1 7   ? 5.228   -3.914  -4.908  1.00 6.84  ? 29  ASN A N   1 
ATOM   43   C CA  . ASN A 1 7   ? 6.239   -3.838  -3.857  1.00 7.42  ? 29  ASN A CA  1 
ATOM   44   C C   . ASN A 1 7   ? 5.570   -3.469  -2.551  1.00 6.04  ? 29  ASN A C   1 
ATOM   45   O O   . ASN A 1 7   ? 4.850   -2.468  -2.519  1.00 7.89  ? 29  ASN A O   1 
ATOM   46   C CB  . ASN A 1 7   ? 7.278   -2.758  -4.181  1.00 8.16  ? 29  ASN A CB  1 
ATOM   47   C CG  . ASN A 1 7   ? 7.951   -2.931  -5.535  1.00 12.53 ? 29  ASN A CG  1 
ATOM   48   O OD1 . ASN A 1 7   ? 8.137   -4.040  -6.037  1.00 13.39 ? 29  ASN A OD1 1 
ATOM   49   N ND2 . ASN A 1 7   ? 8.312   -1.801  -6.134  1.00 15.14 ? 29  ASN A ND2 1 
ATOM   50   N N   . VAL A 1 8   ? 5.771   -4.266  -1.514  1.00 5.90  ? 30  VAL A N   1 
ATOM   51   C CA  . VAL A 1 8   ? 5.022   -4.113  -0.277  1.00 6.87  ? 30  VAL A CA  1 
ATOM   52   C C   . VAL A 1 8   ? 5.975   -3.870  0.895   1.00 7.75  ? 30  VAL A C   1 
ATOM   53   O O   . VAL A 1 8   ? 7.125   -4.339  0.873   1.00 8.51  ? 30  VAL A O   1 
ATOM   54   C CB  . VAL A 1 8   ? 4.127   -5.331  -0.010  1.00 7.98  ? 30  VAL A CB  1 
ATOM   55   C CG1 . VAL A 1 8   ? 3.156   -5.588  -1.147  1.00 10.60 ? 30  VAL A CG1 1 
ATOM   56   C CG2 . VAL A 1 8   ? 4.914   -6.585  0.209   1.00 10.73 ? 30  VAL A CG2 1 
ATOM   57   N N   . THR A 1 9   ? 5.495   -3.196  1.943   1.00 7.23  ? 31  THR A N   1 
ATOM   58   C CA  . THR A 1 9   ? 6.315   -2.958  3.117   1.00 7.47  ? 31  THR A CA  1 
ATOM   59   C C   . THR A 1 9   ? 5.952   -3.905  4.257   1.00 7.30  ? 31  THR A C   1 
ATOM   60   O O   . THR A 1 9   ? 4.967   -4.636  4.192   1.00 8.46  ? 31  THR A O   1 
ATOM   61   C CB  . THR A 1 9   ? 6.166   -1.495  3.616   1.00 7.29  ? 31  THR A CB  1 
ATOM   62   O OG1 . THR A 1 9   ? 4.815   -1.260  4.049   1.00 6.53  ? 31  THR A OG1 1 
ATOM   63   C CG2 . THR A 1 9   ? 6.538   -0.499  2.516   1.00 9.10  ? 31  THR A CG2 1 
ATOM   64   N N   . CYS A 1 10  ? 6.736   -3.809  5.320   1.00 7.27  ? 32  CYS A N   1 
ATOM   65   C CA  . CYS A 1 10  ? 6.318   -4.223  6.656   1.00 6.51  ? 32  CYS A CA  1 
ATOM   66   C C   . CYS A 1 10  ? 4.926   -3.658  6.969   1.00 6.76  ? 32  CYS A C   1 
ATOM   67   O O   . CYS A 1 10  ? 4.525   -2.569  6.470   1.00 6.38  ? 32  CYS A O   1 
ATOM   68   C CB  . CYS A 1 10  ? 7.295   -3.631  7.673   1.00 6.91  ? 32  CYS A CB  1 
ATOM   69   S SG  . CYS A 1 10  ? 8.997   -4.162  7.581   1.00 13.06 ? 32  CYS A SG  1 
ATOM   70   N N   . ARG A 1 11  ? 4.199   -4.397  7.807   1.00 6.11  ? 33  ARG A N   1 
ATOM   71   C CA  . ARG A 1 11  ? 2.952   -3.899  8.370   1.00 6.22  ? 33  ARG A CA  1 
ATOM   72   C C   . ARG A 1 11  ? 3.224   -3.276  9.718   1.00 7.26  ? 33  ARG A C   1 
ATOM   73   O O   . ARG A 1 11  ? 4.010   -3.832  10.526  1.00 8.27  ? 33  ARG A O   1 
ATOM   74   C CB  . ARG A 1 11  ? 1.925   -5.019  8.489   1.00 6.80  ? 33  ARG A CB  1 
ATOM   75   C CG  . ARG A 1 11  ? 1.133   -5.322  7.205   1.00 7.61  ? 33  ARG A CG  1 
ATOM   76   C CD  . ARG A 1 11  ? 2.018   -5.953  6.122   1.00 7.16  ? 33  ARG A CD  1 
ATOM   77   N NE  . ARG A 1 11  ? 2.488   -7.248  6.594   1.00 7.53  ? 33  ARG A NE  1 
ATOM   78   C CZ  . ARG A 1 11  ? 3.681   -7.793  6.347   1.00 7.48  ? 33  ARG A CZ  1 
ATOM   79   N NH1 . ARG A 1 11  ? 3.938   -9.000  6.851   1.00 10.27 ? 33  ARG A NH1 1 
ATOM   80   N NH2 . ARG A 1 11  ? 4.594   -7.166  5.610   1.00 7.81  ? 33  ARG A NH2 1 
ATOM   81   N N   . TYR A 1 12  ? 2.514   -2.203  10.008  1.00 6.12  ? 34  TYR A N   1 
ATOM   82   C CA  . TYR A 1 12  ? 2.527   -1.561  11.336  1.00 6.63  ? 34  TYR A CA  1 
ATOM   83   C C   . TYR A 1 12  ? 1.130   -1.363  11.813  1.00 5.76  ? 34  TYR A C   1 
ATOM   84   O O   . TYR A 1 12  ? 0.399   -0.618  11.197  1.00 5.95  ? 34  TYR A O   1 
ATOM   85   C CB  . TYR A 1 12  ? 3.195   -0.201  11.235  1.00 6.84  ? 34  TYR A CB  1 
ATOM   86   C CG  . TYR A 1 12  ? 4.673   -0.331  11.034  1.00 10.73 ? 34  TYR A CG  1 
ATOM   87   C CD1 . TYR A 1 12  ? 5.525   -0.381  12.139  1.00 14.34 ? 34  TYR A CD1 1 
ATOM   88   C CD2 . TYR A 1 12  ? 5.232   -0.440  9.764   1.00 11.69 ? 34  TYR A CD2 1 
ATOM   89   C CE1 . TYR A 1 12  ? 6.884   -0.517  11.995  1.00 16.99 ? 34  TYR A CE1 1 
ATOM   90   C CE2 . TYR A 1 12  ? 6.625   -0.585  9.618   1.00 13.56 ? 34  TYR A CE2 1 
ATOM   91   C CZ  . TYR A 1 12  ? 7.423   -0.615  10.739  1.00 13.65 ? 34  TYR A CZ  1 
ATOM   92   O OH  . TYR A 1 12  ? 8.802   -0.753  10.591  1.00 18.69 ? 34  TYR A OH  1 
ATOM   93   N N   . ALA A 1 13  ? 0.749   -2.056  12.893  1.00 6.05  ? 35  ALA A N   1 
ATOM   94   C CA  . ALA A 1 13  ? -0.644  -2.077  13.283  1.00 5.41  ? 35  ALA A CA  1 
ATOM   95   C C   . ALA A 1 13  ? -1.565  -2.341  12.074  1.00 5.16  ? 35  ALA A C   1 
ATOM   96   O O   . ALA A 1 13  ? -2.608  -1.720  11.954  1.00 6.59  ? 35  ALA A O   1 
ATOM   97   C CB  . ALA A 1 13  ? -1.034  -0.775  14.038  1.00 7.83  ? 35  ALA A CB  1 
ATOM   98   N N   . GLY A 1 14  ? -1.115  -3.234  11.182  1.00 5.21  ? 36  GLY A N   1 
ATOM   99   C CA  . GLY A 1 14  ? -1.930  -3.674  10.065  1.00 4.87  ? 36  GLY A CA  1 
ATOM   100  C C   . GLY A 1 14  ? -1.773  -2.837  8.801   1.00 4.71  ? 36  GLY A C   1 
ATOM   101  O O   . GLY A 1 14  ? -2.301  -3.246  7.763   1.00 6.50  ? 36  GLY A O   1 
ATOM   102  N N   . VAL A 1 15  ? -1.147  -1.679  8.904   1.00 5.64  ? 37  VAL A N   1 
ATOM   103  C CA  . VAL A 1 15  ? -1.037  -0.749  7.774   1.00 4.92  ? 37  VAL A CA  1 
ATOM   104  C C   . VAL A 1 15  ? 0.259   -1.014  7.026   1.00 5.89  ? 37  VAL A C   1 
ATOM   105  O O   . VAL A 1 15  ? 1.302   -1.156  7.636   1.00 5.62  ? 37  VAL A O   1 
ATOM   106  C CB  . VAL A 1 15  ? -1.080  0.702   8.280   1.00 4.94  ? 37  VAL A CB  1 
ATOM   107  C CG1 . VAL A 1 15  ? -0.967  1.706   7.136   1.00 6.64  ? 37  VAL A CG1 1 
ATOM   108  C CG2 . VAL A 1 15  ? -2.394  0.930   9.023   1.00 7.11  ? 37  VAL A CG2 1 
ATOM   109  N N   . PHE A 1 16  ? 0.172   -1.020  5.692   1.00 5.47  ? 38  PHE A N   1 
ATOM   110  C CA  . PHE A 1 16  ? 1.325   -1.204  4.832   1.00 5.16  ? 38  PHE A CA  1 
ATOM   111  C C   . PHE A 1 16  ? 1.182   -0.366  3.587   1.00 5.49  ? 38  PHE A C   1 
ATOM   112  O O   . PHE A 1 16  ? 0.095   0.104   3.250   1.00 6.29  ? 38  PHE A O   1 
ATOM   113  C CB  . PHE A 1 16  ? 1.623   -2.689  4.543   1.00 5.63  ? 38  PHE A CB  1 
ATOM   114  C CG  . PHE A 1 16  ? 0.540   -3.425  3.827   1.00 5.88  ? 38  PHE A CG  1 
ATOM   115  C CD1 . PHE A 1 16  ? 0.684   -3.779  2.467   1.00 7.54  ? 38  PHE A CD1 1 
ATOM   116  C CD2 . PHE A 1 16  ? -0.659  -3.781  4.481   1.00 5.62  ? 38  PHE A CD2 1 
ATOM   117  C CE1 . PHE A 1 16  ? -0.295  -4.515  1.807   1.00 9.07  ? 38  PHE A CE1 1 
ATOM   118  C CE2 . PHE A 1 16  ? -1.613  -4.504  3.807   1.00 7.51  ? 38  PHE A CE2 1 
ATOM   119  C CZ  . PHE A 1 16  ? -1.424  -4.856  2.459   1.00 9.03  ? 38  PHE A CZ  1 
ATOM   120  N N   . HIS A 1 17  ? 2.318   -0.155  2.919   1.00 5.59  ? 39  HIS A N   1 
ATOM   121  C CA  . HIS A 1 17  ? 2.406   0.604   1.675   1.00 5.03  ? 39  HIS A CA  1 
ATOM   122  C C   . HIS A 1 17  ? 2.594   -0.386  0.520   1.00 6.11  ? 39  HIS A C   1 
ATOM   123  O O   . HIS A 1 17  ? 3.318   -1.385  0.618   1.00 6.48  ? 39  HIS A O   1 
ATOM   124  C CB  . HIS A 1 17  ? 3.567   1.559   1.836   1.00 6.79  ? 39  HIS A CB  1 
ATOM   125  C CG  . HIS A 1 17  ? 4.010   2.221   0.556   1.00 6.41  ? 39  HIS A CG  1 
ATOM   126  N ND1 . HIS A 1 17  ? 5.103   1.790   -0.172  1.00 11.67 ? 39  HIS A ND1 1 
ATOM   127  C CD2 . HIS A 1 17  ? 3.522   3.294   -0.111  1.00 8.06  ? 39  HIS A CD2 1 
ATOM   128  C CE1 . HIS A 1 17  ? 5.264   2.578   -1.226  1.00 8.90  ? 39  HIS A CE1 1 
ATOM   129  N NE2 . HIS A 1 17  ? 4.324   3.500   -1.201  1.00 8.03  ? 39  HIS A NE2 1 
ATOM   130  N N   . VAL A 1 18  ? 1.933   -0.064  -0.596  1.00 5.94  ? 40  VAL A N   1 
ATOM   131  C CA  . VAL A 1 18  ? 2.015   -0.844  -1.826  1.00 7.81  ? 40  VAL A CA  1 
ATOM   132  C C   . VAL A 1 18  ? 2.297   0.141   -2.953  1.00 6.53  ? 40  VAL A C   1 
ATOM   133  O O   . VAL A 1 18  ? 1.592   1.150   -3.135  1.00 7.15  ? 40  VAL A O   1 
ATOM   134  C CB  . VAL A 1 18  ? 0.733   -1.617  -2.158  1.00 8.46  ? 40  VAL A CB  1 
ATOM   135  C CG1 . VAL A 1 18  ? 0.934   -2.498  -3.408  1.00 10.36 ? 40  VAL A CG1 1 
ATOM   136  C CG2 . VAL A 1 18  ? 0.303   -2.447  -0.998  1.00 8.51  ? 40  VAL A CG2 1 
ATOM   137  N N   . GLU A 1 19  ? 3.336   -0.168  -3.722  1.00 7.71  ? 41  GLU A N   1 
ATOM   138  C CA  . GLU A 1 19  ? 3.556   0.536   -4.983  1.00 9.43  ? 41  GLU A CA  1 
ATOM   139  C C   . GLU A 1 19  ? 3.544   -0.403  -6.161  1.00 9.54  ? 41  GLU A C   1 
ATOM   140  O O   . GLU A 1 19  ? 4.040   -1.524  -6.087  1.00 9.72  ? 41  GLU A O   1 
ATOM   141  C CB  . GLU A 1 19  ? 4.836   1.324   -4.934  1.00 11.44 ? 41  GLU A CB  1 
ATOM   142  C CG  . GLU A 1 19  ? 6.000   0.488   -4.794  1.00 13.68 ? 41  GLU A CG  1 
ATOM   143  C CD  . GLU A 1 19  ? 7.239   1.263   -4.476  1.00 17.43 ? 41  GLU A CD  1 
ATOM   144  O OE1 . GLU A 1 19  ? 7.127   2.424   -3.999  1.00 17.06 ? 41  GLU A OE1 1 
ATOM   145  O OE2 . GLU A 1 19  ? 8.331   0.703   -4.693  1.00 18.59 ? 41  GLU A OE2 1 
ATOM   146  N N   . LYS A 1 20  ? 2.990   0.096   -7.247  1.00 9.00  ? 42  LYS A N   1 
ATOM   147  C CA  . LYS A 1 20  ? 2.831   -0.700  -8.462  1.00 9.76  ? 42  LYS A CA  1 
ATOM   148  C C   . LYS A 1 20  ? 3.978   -0.382  -9.411  1.00 9.94  ? 42  LYS A C   1 
ATOM   149  O O   . LYS A 1 20  ? 4.159   0.776   -9.829  1.00 10.01 ? 42  LYS A O   1 
ATOM   150  C CB  . LYS A 1 20  ? 1.478   -0.444  -9.114  1.00 10.83 ? 42  LYS A CB  1 
ATOM   151  C CG  . LYS A 1 20  ? 1.234   -1.290  -10.376 1.00 13.60 ? 42  LYS A CG  1 
ATOM   152  C CD  . LYS A 1 20  ? -0.153  -1.070  -10.929 1.00 19.45 ? 42  LYS A CD  1 
ATOM   153  C CE  . LYS A 1 20  ? -0.339  0.333   -11.462 1.00 22.88 ? 42  LYS A CE  1 
ATOM   154  N NZ  . LYS A 1 20  ? -1.662  0.495   -12.145 1.00 24.68 ? 42  LYS A NZ  1 
ATOM   155  N N   . ASN A 1 21  ? 4.748   -1.411  -9.751  1.00 10.91 ? 43  ASN A N   1 
ATOM   156  C CA  . ASN A 1 21  ? 5.906   -1.291  -10.647 1.00 13.04 ? 43  ASN A CA  1 
ATOM   157  C C   . ASN A 1 21  ? 6.923   -0.232  -10.164 1.00 13.25 ? 43  ASN A C   1 
ATOM   158  O O   . ASN A 1 21  ? 7.690   0.301   -10.966 1.00 16.56 ? 43  ASN A O   1 
ATOM   159  C CB  . ASN A 1 21  ? 5.452   -1.071  -12.102 1.00 13.25 ? 43  ASN A CB  1 
ATOM   160  C CG  . ASN A 1 21  ? 4.610   -2.234  -12.635 1.00 14.12 ? 43  ASN A CG  1 
ATOM   161  O OD1 . ASN A 1 21  ? 4.896   -3.400  -12.364 1.00 14.36 ? 43  ASN A OD1 1 
ATOM   162  N ND2 . ASN A 1 21  ? 3.557   -1.910  -13.365 1.00 17.99 ? 43  ASN A ND2 1 
ATOM   163  N N   . GLY A 1 22  ? 6.962   0.022   -8.856  1.00 15.41 ? 44  GLY A N   1 
ATOM   164  C CA  . GLY A 1 22  ? 7.931   0.949   -8.246  1.00 14.48 ? 44  GLY A CA  1 
ATOM   165  C C   . GLY A 1 22  ? 7.824   2.428   -8.649  1.00 14.47 ? 44  GLY A C   1 
ATOM   166  O O   . GLY A 1 22  ? 8.735   3.237   -8.336  1.00 15.72 ? 44  GLY A O   1 
ATOM   167  N N   . ARG A 1 23  ? 6.718   2.798   -9.313  1.00 14.09 ? 45  ARG A N   1 
ATOM   168  C CA  . ARG A 1 23  ? 6.451   4.184   -9.706  1.00 13.40 ? 45  ARG A CA  1 
ATOM   169  C C   . ARG A 1 23  ? 5.016   4.552   -9.358  1.00 11.62 ? 45  ARG A C   1 
ATOM   170  O O   . ARG A 1 23  ? 4.163   3.657   -9.255  1.00 11.16 ? 45  ARG A O   1 
ATOM   171  C CB  . ARG A 1 23  ? 6.708   4.390   -11.208 1.00 13.71 ? 45  ARG A CB  1 
ATOM   172  C CG  . ARG A 1 23  ? 5.797   3.561   -12.096 1.00 17.20 ? 45  ARG A CG  1 
ATOM   173  C CD  . ARG A 1 23  ? 6.157   3.674   -13.585 1.00 23.10 ? 45  ARG A CD  1 
ATOM   174  N NE  . ARG A 1 23  ? 5.187   2.971   -14.433 1.00 27.41 ? 45  ARG A NE  1 
ATOM   175  C CZ  . ARG A 1 23  ? 5.389   1.790   -15.021 1.00 29.82 ? 45  ARG A CZ  1 
ATOM   176  N NH1 . ARG A 1 23  ? 6.539   1.131   -14.876 1.00 30.59 ? 45  ARG A NH1 1 
ATOM   177  N NH2 . ARG A 1 23  ? 4.432   1.259   -15.772 1.00 31.20 ? 45  ARG A NH2 1 
ATOM   178  N N   . TYR A 1 24  ? 4.728   5.852   -9.237  1.00 9.98  ? 46  TYR A N   1 
ATOM   179  C CA  . TYR A 1 24  ? 3.383   6.332   -8.894  1.00 10.07 ? 46  TYR A CA  1 
ATOM   180  C C   . TYR A 1 24  ? 2.465   5.995   -10.044 1.00 9.61  ? 46  TYR A C   1 
ATOM   181  O O   . TYR A 1 24  ? 2.658   6.509   -11.154 1.00 11.35 ? 46  TYR A O   1 
ATOM   182  C CB  . TYR A 1 24  ? 3.397   7.846   -8.691  1.00 8.87  ? 46  TYR A CB  1 
ATOM   183  C CG  . TYR A 1 24  ? 4.016   8.335   -7.404  1.00 7.41  ? 46  TYR A CG  1 
ATOM   184  C CD1 . TYR A 1 24  ? 3.594   7.840   -6.165  1.00 7.88  ? 46  TYR A CD1 1 
ATOM   185  C CD2 . TYR A 1 24  ? 5.016   9.296   -7.409  1.00 10.43 ? 46  TYR A CD2 1 
ATOM   186  C CE1 . TYR A 1 24  ? 4.146   8.311   -5.014  1.00 7.23  ? 46  TYR A CE1 1 
ATOM   187  C CE2 . TYR A 1 24  ? 5.570   9.780   -6.235  1.00 8.40  ? 46  TYR A CE2 1 
ATOM   188  C CZ  . TYR A 1 24  ? 5.111   9.262   -5.029  1.00 7.67  ? 46  TYR A CZ  1 
ATOM   189  O OH  . TYR A 1 24  ? 5.645   9.710   -3.854  1.00 9.48  ? 46  TYR A OH  1 
ATOM   190  N N   . SER A 1 25  ? 1.481   5.139   -9.845  1.00 8.67  ? 47  SER A N   1 
ATOM   191  C CA  . SER A 1 25  ? 0.720   4.622   -10.989 1.00 9.09  ? 47  SER A CA  1 
ATOM   192  C C   . SER A 1 25  ? -0.608  4.016   -10.632 1.00 9.09  ? 47  SER A C   1 
ATOM   193  O O   . SER A 1 25  ? -1.219  3.375   -11.463 1.00 9.20  ? 47  SER A O   1 
ATOM   194  C CB  . SER A 1 25  ? 1.569   3.612   -11.773 1.00 10.80 ? 47  SER A CB  1 
ATOM   195  O OG  . SER A 1 25  ? 1.876   2.514   -10.951 1.00 12.53 ? 47  SER A OG  1 
ATOM   196  N N   . ILE A 1 26  ? -1.108  4.309   -9.431  1.00 8.74  ? 48  ILE A N   1 
ATOM   197  C CA  . ILE A 1 26  ? -2.348  3.733   -8.900  1.00 8.48  ? 48  ILE A CA  1 
ATOM   198  C C   . ILE A 1 26  ? -3.391  4.856   -8.785  1.00 8.38  ? 48  ILE A C   1 
ATOM   199  O O   . ILE A 1 26  ? -3.124  5.847   -8.156  1.00 8.98  ? 48  ILE A O   1 
ATOM   200  C CB  . ILE A 1 26  ? -2.104  3.000   -7.534  1.00 7.89  ? 48  ILE A CB  1 
ATOM   201  C CG1 . ILE A 1 26  ? -1.022  1.924   -7.654  1.00 9.06  ? 48  ILE A CG1 1 
ATOM   202  C CG2 . ILE A 1 26  ? -3.421  2.452   -6.969  1.00 10.50 ? 48  ILE A CG2 1 
ATOM   203  C CD1 . ILE A 1 26  ? -0.633  1.318   -6.300  1.00 10.35 ? 48  ILE A CD1 1 
ATOM   204  N N   . SER A 1 27  ? -4.538  4.699   -9.416  1.00 9.40  ? 49  SER A N   1 
ATOM   205  C CA  . SER A 1 27  ? -5.671  5.614   -9.198  1.00 10.00 ? 49  SER A CA  1 
ATOM   206  C C   . SER A 1 27  ? -6.418  5.306   -7.919  1.00 10.70 ? 49  SER A C   1 
ATOM   207  O O   . SER A 1 27  ? -6.239  4.261   -7.319  1.00 9.46  ? 49  SER A O   1 
ATOM   208  C CB  . SER A 1 27  ? -6.652  5.551   -10.352 1.00 10.66 ? 49  SER A CB  1 
ATOM   209  O OG  . SER A 1 27  ? -7.346  4.326   -10.297 1.00 13.28 ? 49  SER A OG  1 
ATOM   210  N N   . ARG A 1 28  ? -7.295  6.214   -7.519  1.00 11.26 ? 50  ARG A N   1 
ATOM   211  C CA  . ARG A 1 28  ? -8.080  6.006   -6.313  1.00 12.27 ? 50  ARG A CA  1 
ATOM   212  C C   . ARG A 1 28  ? -8.931  4.733   -6.397  1.00 12.46 ? 50  ARG A C   1 
ATOM   213  O O   . ARG A 1 28  ? -8.974  3.945   -5.448  1.00 12.53 ? 50  ARG A O   1 
ATOM   214  C CB  . ARG A 1 28  ? -8.930  7.251   -6.038  1.00 14.36 ? 50  ARG A CB  1 
ATOM   215  C CG  . ARG A 1 28  ? -9.835  7.171   -4.845  1.00 17.07 ? 50  ARG A CG  1 
ATOM   216  C CD  . ARG A 1 28  ? -9.088  6.838   -3.570  1.00 21.11 ? 50  ARG A CD  1 
ATOM   217  N NE  . ARG A 1 28  ? -9.998  6.777   -2.431  1.00 23.10 ? 50  ARG A NE  1 
ATOM   218  C CZ  . ARG A 1 28  ? -10.884 5.808   -2.228  1.00 24.93 ? 50  ARG A CZ  1 
ATOM   219  N NH1 . ARG A 1 28  ? -10.976 4.782   -3.073  1.00 23.82 ? 50  ARG A NH1 1 
ATOM   220  N NH2 . ARG A 1 28  ? -11.674 5.857   -1.169  1.00 24.35 ? 50  ARG A NH2 1 
ATOM   221  N N   . THR A 1 29  ? -9.554  4.495   -7.551  1.00 12.23 ? 51  THR A N   1 
ATOM   222  C CA  . THR A 1 29  ? -10.363 3.286   -7.729  1.00 13.66 ? 51  THR A CA  1 
ATOM   223  C C   . THR A 1 29  ? -9.519  2.022   -7.713  1.00 12.41 ? 51  THR A C   1 
ATOM   224  O O   . THR A 1 29  ? -9.884  1.062   -7.059  1.00 12.97 ? 51  THR A O   1 
ATOM   225  C CB  . THR A 1 29  ? -11.262 3.333   -8.982  1.00 15.29 ? 51  THR A CB  1 
ATOM   226  O OG1 . THR A 1 29  ? -10.485 3.673   -10.131 1.00 16.84 ? 51  THR A OG1 1 
ATOM   227  C CG2 . THR A 1 29  ? -12.380 4.337   -8.800  1.00 17.03 ? 51  THR A CG2 1 
ATOM   228  N N   . GLU A 1 30  ? -8.367  2.046   -8.368  1.00 11.39 ? 52  GLU A N   1 
ATOM   229  C CA  . GLU A 1 30  ? -7.482  0.918   -8.383  1.00 11.27 ? 52  GLU A CA  1 
ATOM   230  C C   . GLU A 1 30  ? -6.934  0.651   -6.971  1.00 10.44 ? 52  GLU A C   1 
ATOM   231  O O   . GLU A 1 30  ? -6.747  -0.519  -6.612  1.00 10.50 ? 52  GLU A O   1 
ATOM   232  C CB  . GLU A 1 30  ? -6.336  1.117   -9.368  1.00 11.83 ? 52  GLU A CB  1 
ATOM   233  C CG  . GLU A 1 30  ? -5.487  -0.111  -9.505  1.00 14.03 ? 52  GLU A CG  1 
ATOM   234  C CD  . GLU A 1 30  ? -4.476  -0.025  -10.607 1.00 17.39 ? 52  GLU A CD  1 
ATOM   235  O OE1 . GLU A 1 30  ? -4.524  0.930   -11.415 1.00 25.26 ? 52  GLU A OE1 1 
ATOM   236  O OE2 . GLU A 1 30  ? -3.630  -0.919  -10.685 1.00 15.09 ? 52  GLU A OE2 1 
ATOM   237  N N   . ALA A 1 31  ? -6.677  1.697   -6.176  1.00 10.00 ? 53  ALA A N   1 
ATOM   238  C CA  . ALA A 1 31  ? -6.186  1.530   -4.804  1.00 9.51  ? 53  ALA A CA  1 
ATOM   239  C C   . ALA A 1 31  ? -7.151  0.713   -3.958  1.00 8.70  ? 53  ALA A C   1 
ATOM   240  O O   . ALA A 1 31  ? -6.735  -0.214  -3.272  1.00 8.24  ? 53  ALA A O   1 
ATOM   241  C CB  . ALA A 1 31  ? -5.947  2.888   -4.180  1.00 9.33  ? 53  ALA A CB  1 
ATOM   242  N N   . ALA A 1 32  ? -8.426  1.069   -4.009  1.00 10.16 ? 54  ALA A N   1 
ATOM   243  C CA  . ALA A 1 32  ? -9.428  0.308   -3.281  1.00 10.60 ? 54  ALA A CA  1 
ATOM   244  C C   . ALA A 1 32  ? -9.442  -1.164  -3.725  1.00 10.41 ? 54  ALA A C   1 
ATOM   245  O O   . ALA A 1 32  ? -9.531  -2.075  -2.890  1.00 10.80 ? 54  ALA A O   1 
ATOM   246  C CB  . ALA A 1 32  ? -10.777 0.943   -3.457  1.00 11.62 ? 54  ALA A CB  1 
ATOM   247  N N   . ASP A 1 33  ? -9.338  -1.409  -5.035  1.00 10.88 ? 55  ASP A N   1 
ATOM   248  C CA  . ASP A 1 33  ? -9.378  -2.776  -5.558  1.00 10.79 ? 55  ASP A CA  1 
ATOM   249  C C   . ASP A 1 33  ? -8.147  -3.566  -5.155  1.00 9.80  ? 55  ASP A C   1 
ATOM   250  O O   . ASP A 1 33  ? -8.197  -4.749  -4.828  1.00 9.49  ? 55  ASP A O   1 
ATOM   251  C CB  . ASP A 1 33  ? -9.473  -2.755  -7.086  1.00 12.56 ? 55  ASP A CB  1 
ATOM   252  C CG  . ASP A 1 33  ? -10.856 -2.408  -7.583  1.00 15.40 ? 55  ASP A CG  1 
ATOM   253  O OD1 . ASP A 1 33  ? -11.780 -2.340  -6.764  1.00 18.92 ? 55  ASP A OD1 1 
ATOM   254  O OD2 . ASP A 1 33  ? -11.007 -2.204  -8.803  1.00 16.79 ? 55  ASP A OD2 1 
ATOM   255  N N   . LEU A 1 34  ? -7.017  -2.863  -5.119  1.00 9.12  ? 56  LEU A N   1 
ATOM   256  C CA  . LEU A 1 34  ? -5.757  -3.457  -4.746  1.00 9.82  ? 56  LEU A CA  1 
ATOM   257  C C   . LEU A 1 34  ? -5.804  -3.872  -3.290  1.00 8.64  ? 56  LEU A C   1 
ATOM   258  O O   . LEU A 1 34  ? -5.442  -5.020  -2.963  1.00 9.35  ? 56  LEU A O   1 
ATOM   259  C CB  . LEU A 1 34  ? -4.615  -2.492  -5.026  1.00 10.03 ? 56  LEU A CB  1 
ATOM   260  C CG  . LEU A 1 34  ? -3.221  -3.067  -4.840  1.00 12.42 ? 56  LEU A CG  1 
ATOM   261  C CD1 . LEU A 1 34  ? -2.997  -4.416  -5.563  1.00 15.75 ? 56  LEU A CD1 1 
ATOM   262  C CD2 . LEU A 1 34  ? -2.216  -2.042  -5.347  1.00 12.16 ? 56  LEU A CD2 1 
ATOM   263  N N   . CYS A 1 35  ? -6.235  -2.961  -2.410  1.00 9.11  ? 57  CYS A N   1 
ATOM   264  C CA  . CYS A 1 35  ? -6.349  -3.380  -1.024  1.00 9.71  ? 57  CYS A CA  1 
ATOM   265  C C   . CYS A 1 35  ? -7.294  -4.561  -0.828  1.00 9.63  ? 57  CYS A C   1 
ATOM   266  O O   . CYS A 1 35  ? -6.978  -5.458  -0.051  1.00 9.16  ? 57  CYS A O   1 
ATOM   267  C CB  . CYS A 1 35  ? -6.730  -2.222  -0.111  1.00 10.55 ? 57  CYS A CB  1 
ATOM   268  S SG  . CYS A 1 35  ? -5.553  -0.854  -0.051  1.00 10.13 ? 57  CYS A SG  1 
ATOM   269  N N   A GLN A 1 36  ? -8.427  -4.571  -1.528  0.50 9.62  ? 58  GLN A N   1 
ATOM   270  N N   B GLN A 1 36  ? -8.434  -4.550  -1.518  0.50 9.55  ? 58  GLN A N   1 
ATOM   271  C CA  A GLN A 1 36  ? -9.372  -5.683  -1.441  0.50 10.65 ? 58  GLN A CA  1 
ATOM   272  C CA  B GLN A 1 36  ? -9.382  -5.665  -1.485  0.50 10.49 ? 58  GLN A CA  1 
ATOM   273  C C   A GLN A 1 36  ? -8.709  -7.012  -1.816  0.50 10.41 ? 58  GLN A C   1 
ATOM   274  C C   B GLN A 1 36  ? -8.691  -6.995  -1.799  0.50 10.34 ? 58  GLN A C   1 
ATOM   275  O O   A GLN A 1 36  ? -9.006  -8.050  -1.229  0.50 11.19 ? 58  GLN A O   1 
ATOM   276  O O   B GLN A 1 36  ? -8.945  -8.010  -1.149  0.50 11.10 ? 58  GLN A O   1 
ATOM   277  C CB  A GLN A 1 36  ? -10.606 -5.424  -2.306  0.50 10.92 ? 58  GLN A CB  1 
ATOM   278  C CB  B GLN A 1 36  ? -10.541 -5.417  -2.456  0.50 10.78 ? 58  GLN A CB  1 
ATOM   279  C CG  A GLN A 1 36  ? -11.789 -6.310  -1.957  0.50 13.70 ? 58  GLN A CG  1 
ATOM   280  C CG  B GLN A 1 36  ? -11.424 -6.631  -2.679  0.50 12.71 ? 58  GLN A CG  1 
ATOM   281  C CD  A GLN A 1 36  ? -13.030 -5.962  -2.743  0.50 16.65 ? 58  GLN A CD  1 
ATOM   282  C CD  B GLN A 1 36  ? -12.182 -7.034  -1.421  0.50 15.94 ? 58  GLN A CD  1 
ATOM   283  O OE1 A GLN A 1 36  ? -13.731 -6.846  -3.240  0.50 19.38 ? 58  GLN A OE1 1 
ATOM   284  O OE1 B GLN A 1 36  ? -12.708 -8.140  -1.333  0.50 19.72 ? 58  GLN A OE1 1 
ATOM   285  N NE2 A GLN A 1 36  ? -13.301 -4.665  -2.881  0.50 18.57 ? 58  GLN A NE2 1 
ATOM   286  N NE2 B GLN A 1 36  ? -12.253 -6.130  -0.454  0.50 16.69 ? 58  GLN A NE2 1 
ATOM   287  N N   . ALA A 1 37  ? -7.778  -6.971  -2.760  1.00 10.08 ? 59  ALA A N   1 
ATOM   288  C CA  . ALA A 1 37  ? -7.036  -8.171  -3.174  1.00 10.49 ? 59  ALA A CA  1 
ATOM   289  C C   . ALA A 1 37  ? -6.130  -8.739  -2.096  1.00 10.68 ? 59  ALA A C   1 
ATOM   290  O O   . ALA A 1 37  ? -5.876  -9.931  -2.045  1.00 10.92 ? 59  ALA A O   1 
ATOM   291  C CB  . ALA A 1 37  ? -6.278  -7.935  -4.458  1.00 11.86 ? 59  ALA A CB  1 
ATOM   292  N N   . PHE A 1 38  ? -5.665  -7.846  -1.206  1.00 10.09 ? 60  PHE A N   1 
ATOM   293  C CA  . PHE A 1 38  ? -4.934  -8.214  -0.007  1.00 10.79 ? 60  PHE A CA  1 
ATOM   294  C C   . PHE A 1 38  ? -5.851  -8.438  1.197   1.00 11.06 ? 60  PHE A C   1 
ATOM   295  O O   . PHE A 1 38  ? -5.349  -8.440  2.334   1.00 11.85 ? 60  PHE A O   1 
ATOM   296  C CB  . PHE A 1 38  ? -3.944  -7.100  0.371   1.00 10.81 ? 60  PHE A CB  1 
ATOM   297  C CG  . PHE A 1 38  ? -2.718  -7.032  -0.507  1.00 9.90  ? 60  PHE A CG  1 
ATOM   298  C CD1 . PHE A 1 38  ? -1.713  -7.978  -0.367  1.00 9.84  ? 60  PHE A CD1 1 
ATOM   299  C CD2 . PHE A 1 38  ? -2.542  -5.996  -1.425  1.00 9.95  ? 60  PHE A CD2 1 
ATOM   300  C CE1 . PHE A 1 38  ? -0.549  -7.923  -1.139  1.00 10.37 ? 60  PHE A CE1 1 
ATOM   301  C CE2 . PHE A 1 38  ? -1.387  -5.922  -2.196  1.00 9.21  ? 60  PHE A CE2 1 
ATOM   302  C CZ  . PHE A 1 38  ? -0.391  -6.893  -2.063  1.00 9.68  ? 60  PHE A CZ  1 
ATOM   303  N N   A ASN A 1 39  ? -7.139  -8.684  0.962   0.50 11.61 ? 61  ASN A N   1 
ATOM   304  N N   B ASN A 1 39  ? -7.158  -8.605  0.986   0.50 11.67 ? 61  ASN A N   1 
ATOM   305  C CA  A ASN A 1 39  ? -8.099  -8.743  2.062   0.50 11.33 ? 61  ASN A CA  1 
ATOM   306  C CA  B ASN A 1 39  ? -8.097  -8.766  2.112   0.50 11.37 ? 61  ASN A CA  1 
ATOM   307  C C   A ASN A 1 39  ? -7.816  -7.627  3.044   0.50 11.00 ? 61  ASN A C   1 
ATOM   308  C C   B ASN A 1 39  ? -8.087  -7.568  3.077   0.50 11.16 ? 61  ASN A C   1 
ATOM   309  O O   A ASN A 1 39  ? -7.628  -7.877  4.237   0.50 11.08 ? 61  ASN A O   1 
ATOM   310  O O   B ASN A 1 39  ? -8.375  -7.684  4.275   0.50 9.71  ? 61  ASN A O   1 
ATOM   311  C CB  A ASN A 1 39  ? -8.052  -10.085 2.787   0.50 12.24 ? 61  ASN A CB  1 
ATOM   312  C CB  B ASN A 1 39  ? -7.813  -10.064 2.869   0.50 12.70 ? 61  ASN A CB  1 
ATOM   313  C CG  A ASN A 1 39  ? -8.798  -11.168 2.053   0.50 13.92 ? 61  ASN A CG  1 
ATOM   314  C CG  B ASN A 1 39  ? -8.966  -10.485 3.737   0.50 14.56 ? 61  ASN A CG  1 
ATOM   315  O OD1 A ASN A 1 39  ? -9.862  -10.927 1.489   0.50 16.50 ? 61  ASN A OD1 1 
ATOM   316  O OD1 B ASN A 1 39  ? -10.123 -10.392 3.329   0.50 19.45 ? 61  ASN A OD1 1 
ATOM   317  N ND2 A ASN A 1 39  ? -8.259  -12.378 2.080   0.50 16.52 ? 61  ASN A ND2 1 
ATOM   318  N ND2 B ASN A 1 39  ? -8.661  -10.953 4.938   0.50 17.22 ? 61  ASN A ND2 1 
ATOM   319  N N   . SER A 1 40  ? -7.801  -6.404  2.518   1.00 9.74  ? 62  SER A N   1 
ATOM   320  C CA  . SER A 1 40  ? -7.482  -5.209  3.284   1.00 9.72  ? 62  SER A CA  1 
ATOM   321  C C   . SER A 1 40  ? -8.371  -4.076  2.787   1.00 9.69  ? 62  SER A C   1 
ATOM   322  O O   . SER A 1 40  ? -9.066  -4.198  1.777   1.00 10.73 ? 62  SER A O   1 
ATOM   323  C CB  . SER A 1 40  ? -6.015  -4.866  3.069   1.00 8.85  ? 62  SER A CB  1 
ATOM   324  O OG  . SER A 1 40  ? -5.184  -5.827  3.664   1.00 10.20 ? 62  SER A OG  1 
ATOM   325  N N   . THR A 1 41  ? -8.356  -2.966  3.492   1.00 9.78  ? 63  THR A N   1 
ATOM   326  C CA  . THR A 1 41  ? -9.125  -1.794  3.107   1.00 9.71  ? 63  THR A CA  1 
ATOM   327  C C   . THR A 1 41  ? -8.199  -0.588  3.083   1.00 8.52  ? 63  THR A C   1 
ATOM   328  O O   . THR A 1 41  ? -7.104  -0.641  3.638   1.00 9.72  ? 63  THR A O   1 
ATOM   329  C CB  . THR A 1 41  ? -10.229 -1.484  4.148   1.00 10.58 ? 63  THR A CB  1 
ATOM   330  O OG1 . THR A 1 41  ? -9.657  -1.448  5.463   1.00 12.43 ? 63  THR A OG1 1 
ATOM   331  C CG2 . THR A 1 41  ? -11.387 -2.520  4.072   1.00 13.18 ? 63  THR A CG2 1 
ATOM   332  N N   A LEU A 1 42  ? -8.587  0.504   2.442   0.50 7.98  ? 64  LEU A N   1 
ATOM   333  N N   B LEU A 1 42  ? -8.623  0.519   2.488   0.50 7.88  ? 64  LEU A N   1 
ATOM   334  C CA  A LEU A 1 42  ? -7.822  1.729   2.625   0.50 8.16  ? 64  LEU A CA  1 
ATOM   335  C CA  B LEU A 1 42  ? -7.885  1.780   2.623   0.50 7.91  ? 64  LEU A CA  1 
ATOM   336  C C   A LEU A 1 42  ? -7.889  2.093   4.106   0.50 7.53  ? 64  LEU A C   1 
ATOM   337  C C   B LEU A 1 42  ? -7.938  2.303   4.061   0.50 7.47  ? 64  LEU A C   1 
ATOM   338  O O   A LEU A 1 42  ? -8.951  1.955   4.732   0.50 7.40  ? 64  LEU A O   1 
ATOM   339  O O   B LEU A 1 42  ? -9.036  2.512   4.593   0.50 6.59  ? 64  LEU A O   1 
ATOM   340  C CB  A LEU A 1 42  ? -8.397  2.868   1.788   0.50 8.76  ? 64  LEU A CB  1 
ATOM   341  C CB  B LEU A 1 42  ? -8.508  2.836   1.725   0.50 8.39  ? 64  LEU A CB  1 
ATOM   342  C CG  A LEU A 1 42  ? -8.061  2.845   0.296   0.50 8.61  ? 64  LEU A CG  1 
ATOM   343  C CG  B LEU A 1 42  ? -8.356  2.592   0.231   0.50 7.60  ? 64  LEU A CG  1 
ATOM   344  C CD1 A LEU A 1 42  ? -6.628  3.257   0.062   0.50 11.39 ? 64  LEU A CD1 1 
ATOM   345  C CD1 B LEU A 1 42  ? -9.108  3.674   -0.502  0.50 9.57  ? 64  LEU A CD1 1 
ATOM   346  C CD2 A LEU A 1 42  ? -8.296  1.468   -0.251  0.50 10.57 ? 64  LEU A CD2 1 
ATOM   347  C CD2 B LEU A 1 42  ? -6.894  2.577   -0.127  0.50 7.34  ? 64  LEU A CD2 1 
ATOM   348  N N   . PRO A 1 43  ? -6.777  2.569   4.686   1.00 7.20  ? 65  PRO A N   1 
ATOM   349  C CA  . PRO A 1 43  ? -6.777  2.914   6.103   1.00 7.83  ? 65  PRO A CA  1 
ATOM   350  C C   . PRO A 1 43  ? -7.546  4.205   6.342   1.00 8.28  ? 65  PRO A C   1 
ATOM   351  O O   . PRO A 1 43  ? -7.572  5.093   5.498   1.00 9.51  ? 65  PRO A O   1 
ATOM   352  C CB  . PRO A 1 43  ? -5.289  3.135   6.423   1.00 7.66  ? 65  PRO A CB  1 
ATOM   353  C CG  . PRO A 1 43  ? -4.526  2.451   5.347   1.00 7.85  ? 65  PRO A CG  1 
ATOM   354  C CD  . PRO A 1 43  ? -5.404  2.526   4.129   1.00 7.26  ? 65  PRO A CD  1 
ATOM   355  N N   . THR A 1 44  ? -8.167  4.322   7.512   1.00 8.77  ? 66  THR A N   1 
ATOM   356  C CA  . THR A 1 44  ? -8.613  5.629   7.985   1.00 8.73  ? 66  THR A CA  1 
ATOM   357  C C   . THR A 1 44  ? -7.424  6.422   8.519   1.00 8.89  ? 66  THR A C   1 
ATOM   358  O O   . THR A 1 44  ? -6.332  5.872   8.767   1.00 8.18  ? 66  THR A O   1 
ATOM   359  C CB  . THR A 1 44  ? -9.612  5.511   9.121   1.00 8.83  ? 66  THR A CB  1 
ATOM   360  O OG1 . THR A 1 44  ? -8.954  4.919   10.246  1.00 9.74  ? 66  THR A OG1 1 
ATOM   361  C CG2 . THR A 1 44  ? -10.797 4.671   8.700   1.00 9.44  ? 66  THR A CG2 1 
ATOM   362  N N   . MET A 1 45  ? -7.610  7.728   8.654   1.00 8.00  ? 67  MET A N   1 
ATOM   363  C CA  . MET A 1 45  ? -6.602  8.570   9.246   1.00 8.42  ? 67  MET A CA  1 
ATOM   364  C C   . MET A 1 45  ? -6.179  8.062   10.634  1.00 9.09  ? 67  MET A C   1 
ATOM   365  O O   . MET A 1 45  ? -4.998  8.034   10.959  1.00 9.30  ? 67  MET A O   1 
ATOM   366  C CB  . MET A 1 45  ? -7.065  10.040  9.307   1.00 10.00 ? 67  MET A CB  1 
ATOM   367  C CG  . MET A 1 45  ? -6.014  10.990  9.923   1.00 12.46 ? 67  MET A CG  1 
ATOM   368  S SD  . MET A 1 45  ? -4.467  11.005  9.023   1.00 17.07 ? 67  MET A SD  1 
ATOM   369  C CE  . MET A 1 45  ? -4.917  12.082  7.694   1.00 19.33 ? 67  MET A CE  1 
ATOM   370  N N   . ASP A 1 46  ? -7.152  7.711   11.466  1.00 8.80  ? 68  ASP A N   1 
ATOM   371  C CA  . ASP A 1 46  ? -6.848  7.162   12.798  1.00 9.19  ? 68  ASP A CA  1 
ATOM   372  C C   . ASP A 1 46  ? -6.012  5.871   12.747  1.00 8.02  ? 68  ASP A C   1 
ATOM   373  O O   . ASP A 1 46  ? -5.088  5.720   13.513  1.00 8.07  ? 68  ASP A O   1 
ATOM   374  C CB  . ASP A 1 46  ? -8.127  6.936   13.638  1.00 11.45 ? 68  ASP A CB  1 
ATOM   375  C CG  . ASP A 1 46  ? -7.821  6.723   15.125  1.00 15.34 ? 68  ASP A CG  1 
ATOM   376  O OD1 . ASP A 1 46  ? -7.431  7.696   15.825  1.00 21.45 ? 68  ASP A OD1 1 
ATOM   377  O OD2 . ASP A 1 46  ? -7.964  5.578   15.603  1.00 21.08 ? 68  ASP A OD2 1 
ATOM   378  N N   . GLN A 1 47  ? -6.359  4.963   11.842  1.00 7.58  ? 69  GLN A N   1 
ATOM   379  C CA  . GLN A 1 47  ? -5.529  3.763   11.633  1.00 6.61  ? 69  GLN A CA  1 
ATOM   380  C C   . GLN A 1 47  ? -4.129  4.107   11.223  1.00 7.16  ? 69  GLN A C   1 
ATOM   381  O O   . GLN A 1 47  ? -3.172  3.512   11.695  1.00 6.75  ? 69  GLN A O   1 
ATOM   382  C CB  . GLN A 1 47  ? -6.194  2.839   10.623  1.00 6.09  ? 69  GLN A CB  1 
ATOM   383  C CG  . GLN A 1 47  ? -7.435  2.165   11.199  1.00 6.27  ? 69  GLN A CG  1 
ATOM   384  C CD  . GLN A 1 47  ? -8.298  1.516   10.149  1.00 8.68  ? 69  GLN A CD  1 
ATOM   385  O OE1 . GLN A 1 47  ? -8.186  1.798   8.947   1.00 9.73  ? 69  GLN A OE1 1 
ATOM   386  N NE2 . GLN A 1 47  ? -9.171  0.631   10.579  1.00 10.81 ? 69  GLN A NE2 1 
ATOM   387  N N   . MET A 1 48  ? -3.986  5.078   10.338  1.00 6.41  ? 70  MET A N   1 
ATOM   388  C CA  . MET A 1 48  ? -2.649  5.448   9.893   1.00 5.85  ? 70  MET A CA  1 
ATOM   389  C C   . MET A 1 48  ? -1.837  6.113   11.014  1.00 6.54  ? 70  MET A C   1 
ATOM   390  O O   . MET A 1 48  ? -0.653  5.914   11.184  1.00 7.50  ? 70  MET A O   1 
ATOM   391  C CB  . MET A 1 48  ? -2.786  6.430   8.727   1.00 7.50  ? 70  MET A CB  1 
ATOM   392  C CG  . MET A 1 48  ? -1.449  6.961   8.209   1.00 9.79  ? 70  MET A CG  1 
ATOM   393  S SD  . MET A 1 48  ? -0.297  5.748   7.599   1.00 9.63  ? 70  MET A SD  1 
ATOM   394  C CE  . MET A 1 48  ? -1.031  5.374   6.014   1.00 14.73 ? 70  MET A CE  1 
ATOM   395  N N   . LYS A 1 49  ? -2.528  6.926   11.818  1.00 6.80  ? 71  LYS A N   1 
ATOM   396  C CA  . LYS A 1 49  ? -1.838  7.566   12.935  1.00 8.47  ? 71  LYS A CA  1 
ATOM   397  C C   . LYS A 1 49  ? -1.360  6.542   13.961  1.00 8.12  ? 71  LYS A C   1 
ATOM   398  O O   . LYS A 1 49  ? -0.273  6.687   14.507  1.00 8.26  ? 71  LYS A O   1 
ATOM   399  C CB  . LYS A 1 49  ? -2.753  8.585   13.617  1.00 10.29 ? 71  LYS A CB  1 
ATOM   400  C CG  . LYS A 1 49  ? -2.885  9.860   12.815  1.00 12.40 ? 71  LYS A CG  1 
ATOM   401  C CD  . LYS A 1 49  ? -3.850  10.834  13.448  1.00 16.66 ? 71  LYS A CD  1 
ATOM   402  C CE  . LYS A 1 49  ? -3.825  12.187  12.727  1.00 18.73 ? 71  LYS A CE  1 
ATOM   403  N NZ  . LYS A 1 49  ? -4.808  13.147  13.332  1.00 22.28 ? 71  LYS A NZ  1 
ATOM   404  N N   . LEU A 1 50  ? -2.153  5.501   14.229  1.00 8.59  ? 72  LEU A N   1 
ATOM   405  C CA  . LEU A 1 50  ? -1.638  4.445   15.095  1.00 8.30  ? 72  LEU A CA  1 
ATOM   406  C C   . LEU A 1 50  ? -0.440  3.693   14.491  1.00 7.60  ? 72  LEU A C   1 
ATOM   407  O O   . LEU A 1 50  ? 0.558   3.428   15.175  1.00 7.77  ? 72  LEU A O   1 
ATOM   408  C CB  . LEU A 1 50  ? -2.757  3.486   15.514  1.00 8.80  ? 72  LEU A CB  1 
ATOM   409  C CG  . LEU A 1 50  ? -2.346  2.528   16.639  1.00 10.40 ? 72  LEU A CG  1 
ATOM   410  C CD1 . LEU A 1 50  ? -2.154  3.253   17.968  1.00 12.89 ? 72  LEU A CD1 1 
ATOM   411  C CD2 . LEU A 1 50  ? -3.361  1.392   16.769  1.00 14.08 ? 72  LEU A CD2 1 
ATOM   412  N N   . ALA A 1 51  ? -0.508  3.404   13.178  1.00 6.85  ? 73  ALA A N   1 
ATOM   413  C CA  . ALA A 1 51  ? 0.615   2.765   12.504  1.00 6.15  ? 73  ALA A CA  1 
ATOM   414  C C   . ALA A 1 51  ? 1.873   3.608   12.661  1.00 7.62  ? 73  ALA A C   1 
ATOM   415  O O   . ALA A 1 51  ? 2.950   3.089   12.904  1.00 7.06  ? 73  ALA A O   1 
ATOM   416  C CB  . ALA A 1 51  ? 0.301   2.523   11.031  1.00 7.08  ? 73  ALA A CB  1 
ATOM   417  N N   . LEU A 1 52  ? 1.743   4.909   12.393  1.00 7.32  ? 74  LEU A N   1 
ATOM   418  C CA  . LEU A 1 52  ? 2.864   5.824   12.591  1.00 9.98  ? 74  LEU A CA  1 
ATOM   419  C C   . LEU A 1 52  ? 3.462   5.721   13.995  1.00 10.19 ? 74  LEU A C   1 
ATOM   420  O O   . LEU A 1 52  ? 4.678   5.613   14.155  1.00 10.10 ? 74  LEU A O   1 
ATOM   421  C CB  . LEU A 1 52  ? 2.401   7.228   12.233  1.00 9.14  ? 74  LEU A CB  1 
ATOM   422  C CG  . LEU A 1 52  ? 3.353   8.366   12.577  1.00 13.63 ? 74  LEU A CG  1 
ATOM   423  C CD1 . LEU A 1 52  ? 4.391   8.413   11.543  1.00 19.52 ? 74  LEU A CD1 1 
ATOM   424  C CD2 . LEU A 1 52  ? 2.607   9.693   12.685  1.00 16.96 ? 74  LEU A CD2 1 
ATOM   425  N N   . SER A 1 53  ? 2.583   5.655   14.989  1.00 10.51 ? 75  SER A N   1 
ATOM   426  C CA  . SER A 1 53  ? 3.045   5.593   16.377  1.00 11.31 ? 75  SER A CA  1 
ATOM   427  C C   . SER A 1 53  ? 3.823   4.298   16.669  1.00 11.87 ? 75  SER A C   1 
ATOM   428  O O   . SER A 1 53  ? 4.603   4.249   17.638  1.00 13.02 ? 75  SER A O   1 
ATOM   429  C CB  . SER A 1 53  ? 1.860   5.781   17.336  1.00 12.40 ? 75  SER A CB  1 
ATOM   430  O OG  . SER A 1 53  ? 1.118   4.588   17.474  1.00 12.72 ? 75  SER A OG  1 
ATOM   431  N N   . LYS A 1 54  ? 3.610   3.264   15.848  1.00 10.67 ? 76  LYS A N   1 
ATOM   432  C CA  . LYS A 1 54  ? 4.326   2.001   15.972  1.00 11.03 ? 76  LYS A CA  1 
ATOM   433  C C   . LYS A 1 54  ? 5.594   1.925   15.143  1.00 11.27 ? 76  LYS A C   1 
ATOM   434  O O   . LYS A 1 54  ? 6.264   0.908   15.170  1.00 12.86 ? 76  LYS A O   1 
ATOM   435  C CB  . LYS A 1 54  ? 3.426   0.832   15.551  1.00 11.19 ? 76  LYS A CB  1 
ATOM   436  C CG  . LYS A 1 54  ? 2.113   0.751   16.305  1.00 13.59 ? 76  LYS A CG  1 
ATOM   437  C CD  . LYS A 1 54  ? 2.271   0.504   17.782  1.00 17.68 ? 76  LYS A CD  1 
ATOM   438  C CE  . LYS A 1 54  ? 0.878   0.321   18.407  1.00 18.35 ? 76  LYS A CE  1 
ATOM   439  N NZ  . LYS A 1 54  ? 1.002   0.136   19.873  1.00 21.81 ? 76  LYS A NZ  1 
ATOM   440  N N   . GLY A 1 55  ? 5.928   2.984   14.406  1.00 10.54 ? 77  GLY A N   1 
ATOM   441  C CA  . GLY A 1 55  ? 7.172   2.961   13.646  1.00 10.40 ? 77  GLY A CA  1 
ATOM   442  C C   . GLY A 1 55  ? 7.046   3.038   12.132  1.00 9.87  ? 77  GLY A C   1 
ATOM   443  O O   . GLY A 1 55  ? 8.055   2.941   11.439  1.00 11.06 ? 77  GLY A O   1 
ATOM   444  N N   . PHE A 1 56  ? 5.836   3.261   11.610  1.00 8.74  ? 78  PHE A N   1 
ATOM   445  C CA  . PHE A 1 56  ? 5.633   3.341   10.151  1.00 8.20  ? 78  PHE A CA  1 
ATOM   446  C C   . PHE A 1 56  ? 6.021   4.704   9.595   1.00 7.71  ? 78  PHE A C   1 
ATOM   447  O O   . PHE A 1 56  ? 5.429   5.692   9.974   1.00 8.95  ? 78  PHE A O   1 
ATOM   448  C CB  . PHE A 1 56  ? 4.154   3.044   9.825   1.00 8.31  ? 78  PHE A CB  1 
ATOM   449  C CG  . PHE A 1 56  ? 3.855   2.815   8.358   1.00 7.71  ? 78  PHE A CG  1 
ATOM   450  C CD1 . PHE A 1 56  ? 4.718   2.120   7.548   1.00 10.31 ? 78  PHE A CD1 1 
ATOM   451  C CD2 . PHE A 1 56  ? 2.693   3.296   7.803   1.00 9.11  ? 78  PHE A CD2 1 
ATOM   452  C CE1 . PHE A 1 56  ? 4.404   1.876   6.193   1.00 10.41 ? 78  PHE A CE1 1 
ATOM   453  C CE2 . PHE A 1 56  ? 2.371   3.069   6.457   1.00 8.27  ? 78  PHE A CE2 1 
ATOM   454  C CZ  . PHE A 1 56  ? 3.227   2.336   5.664   1.00 8.08  ? 78  PHE A CZ  1 
ATOM   455  N N   . GLU A 1 57  ? 6.923   4.701   8.616   1.00 8.00  ? 79  GLU A N   1 
ATOM   456  C CA  . GLU A 1 57  ? 7.110   5.886   7.791   1.00 8.00  ? 79  GLU A CA  1 
ATOM   457  C C   . GLU A 1 57  ? 7.512   5.463   6.388   1.00 7.45  ? 79  GLU A C   1 
ATOM   458  O O   . GLU A 1 57  ? 8.112   4.397   6.204   1.00 7.56  ? 79  GLU A O   1 
ATOM   459  C CB  . GLU A 1 57  ? 8.098   6.864   8.435   1.00 9.85  ? 79  GLU A CB  1 
ATOM   460  C CG  . GLU A 1 57  ? 9.519   6.365   8.505   1.00 13.72 ? 79  GLU A CG  1 
ATOM   461  C CD  . GLU A 1 57  ? 10.536  7.458   8.925   1.00 14.02 ? 79  GLU A CD  1 
ATOM   462  O OE1 . GLU A 1 57  ? 10.175  8.642   9.104   1.00 14.62 ? 79  GLU A OE1 1 
ATOM   463  O OE2 . GLU A 1 57  ? 11.729  7.125   9.057   1.00 13.16 ? 79  GLU A OE2 1 
ATOM   464  N N   . THR A 1 58  ? 7.169   6.298   5.413   1.00 7.61  ? 80  THR A N   1 
ATOM   465  C CA  . THR A 1 58  ? 7.620   6.077   4.031   1.00 7.84  ? 80  THR A CA  1 
ATOM   466  C C   . THR A 1 58  ? 8.076   7.423   3.499   1.00 8.41  ? 80  THR A C   1 
ATOM   467  O O   . THR A 1 58  ? 7.941   8.453   4.157   1.00 9.07  ? 80  THR A O   1 
ATOM   468  C CB  . THR A 1 58  ? 6.509   5.574   3.082   1.00 6.99  ? 80  THR A CB  1 
ATOM   469  O OG1 . THR A 1 58  ? 5.634   6.674   2.789   1.00 8.38  ? 80  THR A OG1 1 
ATOM   470  C CG2 . THR A 1 58  ? 5.685   4.439   3.735   1.00 9.05  ? 80  THR A CG2 1 
ATOM   471  N N   . CYS A 1 59  ? 8.553   7.421   2.251   1.00 8.91  ? 81  CYS A N   1 
ATOM   472  C CA  . CYS A 1 59  ? 8.812   8.670   1.554   1.00 9.97  ? 81  CYS A CA  1 
ATOM   473  C C   . CYS A 1 59  ? 7.975   8.737   0.298   1.00 9.59  ? 81  CYS A C   1 
ATOM   474  O O   . CYS A 1 59  ? 8.440   9.218   -0.734  1.00 9.88  ? 81  CYS A O   1 
ATOM   475  C CB  . CYS A 1 59  ? 10.302  8.802   1.238   1.00 11.47 ? 81  CYS A CB  1 
ATOM   476  S SG  . CYS A 1 59  ? 10.853  10.441  0.672   1.00 16.68 ? 81  CYS A SG  1 
ATOM   477  N N   . ARG A 1 60  ? 6.743   8.246   0.362   1.00 8.89  ? 82  ARG A N   1 
ATOM   478  C CA  . ARG A 1 60  ? 5.910   8.131   -0.835  1.00 8.85  ? 82  ARG A CA  1 
ATOM   479  C C   . ARG A 1 60  ? 4.496   8.536   -0.566  1.00 8.17  ? 82  ARG A C   1 
ATOM   480  O O   . ARG A 1 60  ? 3.912   8.093   0.446   1.00 9.11  ? 82  ARG A O   1 
ATOM   481  C CB  . ARG A 1 60  ? 5.849   6.672   -1.312  1.00 10.37 ? 82  ARG A CB  1 
ATOM   482  C CG  . ARG A 1 60  ? 7.164   6.079   -1.690  1.00 11.19 ? 82  ARG A CG  1 
ATOM   483  C CD  . ARG A 1 60  ? 7.660   6.630   -3.031  1.00 11.96 ? 82  ARG A CD  1 
ATOM   484  N NE  . ARG A 1 60  ? 6.834   6.066   -4.123  1.00 14.95 ? 82  ARG A NE  1 
ATOM   485  C CZ  . ARG A 1 60  ? 6.998   6.275   -5.441  1.00 16.22 ? 82  ARG A CZ  1 
ATOM   486  N NH1 . ARG A 1 60  ? 7.966   7.058   -5.872  1.00 18.60 ? 82  ARG A NH1 1 
ATOM   487  N NH2 . ARG A 1 60  ? 6.182   5.706   -6.331  1.00 16.16 ? 82  ARG A NH2 1 
ATOM   488  N N   . TYR A 1 61  ? 3.905   9.311   -1.472  1.00 7.34  ? 83  TYR A N   1 
ATOM   489  C CA  . TYR A 1 61  ? 2.496   9.624   -1.378  1.00 7.61  ? 83  TYR A CA  1 
ATOM   490  C C   . TYR A 1 61  ? 1.672   8.380   -1.646  1.00 7.32  ? 83  TYR A C   1 
ATOM   491  O O   . TYR A 1 61  ? 1.944   7.631   -2.620  1.00 8.19  ? 83  TYR A O   1 
ATOM   492  C CB  . TYR A 1 61  ? 2.119   10.640  -2.439  1.00 8.48  ? 83  TYR A CB  1 
ATOM   493  C CG  . TYR A 1 61  ? 2.660   12.013  -2.214  1.00 11.07 ? 83  TYR A CG  1 
ATOM   494  C CD1 . TYR A 1 61  ? 2.199   12.802  -1.158  1.00 13.56 ? 83  TYR A CD1 1 
ATOM   495  C CD2 . TYR A 1 61  ? 3.614   12.544  -3.096  1.00 14.08 ? 83  TYR A CD2 1 
ATOM   496  C CE1 . TYR A 1 61  ? 2.702   14.100  -0.955  1.00 16.63 ? 83  TYR A CE1 1 
ATOM   497  C CE2 . TYR A 1 61  ? 4.119   13.842  -2.914  1.00 18.95 ? 83  TYR A CE2 1 
ATOM   498  C CZ  . TYR A 1 61  ? 3.653   14.602  -1.842  1.00 17.53 ? 83  TYR A CZ  1 
ATOM   499  O OH  . TYR A 1 61  ? 4.142   15.877  -1.638  1.00 22.67 ? 83  TYR A OH  1 
ATOM   500  N N   . GLY A 1 62  ? 0.660   8.158   -0.816  1.00 5.89  ? 84  GLY A N   1 
ATOM   501  C CA  . GLY A 1 62  ? -0.284  7.113   -1.125  1.00 5.65  ? 84  GLY A CA  1 
ATOM   502  C C   . GLY A 1 62  ? -1.673  7.365   -0.552  1.00 5.00  ? 84  GLY A C   1 
ATOM   503  O O   . GLY A 1 62  ? -1.836  8.127   0.407   1.00 7.55  ? 84  GLY A O   1 
ATOM   504  N N   . PHE A 1 63  ? -2.650  6.742   -1.183  1.00 5.36  ? 85  PHE A N   1 
ATOM   505  C CA  . PHE A 1 63  ? -4.034  6.921   -0.795  1.00 5.88  ? 85  PHE A CA  1 
ATOM   506  C C   . PHE A 1 63  ? -4.280  6.295   0.572   1.00 6.85  ? 85  PHE A C   1 
ATOM   507  O O   . PHE A 1 63  ? -3.803  5.193   0.887   1.00 6.46  ? 85  PHE A O   1 
ATOM   508  C CB  . PHE A 1 63  ? -4.940  6.197   -1.768  1.00 6.95  ? 85  PHE A CB  1 
ATOM   509  C CG  . PHE A 1 63  ? -4.965  6.821   -3.118  1.00 8.49  ? 85  PHE A CG  1 
ATOM   510  C CD1 . PHE A 1 63  ? -5.611  8.004   -3.335  1.00 11.37 ? 85  PHE A CD1 1 
ATOM   511  C CD2 . PHE A 1 63  ? -4.334  6.212   -4.189  1.00 12.06 ? 85  PHE A CD2 1 
ATOM   512  C CE1 . PHE A 1 63  ? -5.618  8.577   -4.618  1.00 13.70 ? 85  PHE A CE1 1 
ATOM   513  C CE2 . PHE A 1 63  ? -4.361  6.787   -5.451  1.00 12.83 ? 85  PHE A CE2 1 
ATOM   514  C CZ  . PHE A 1 63  ? -4.986  7.945   -5.643  1.00 12.71 ? 85  PHE A CZ  1 
ATOM   515  N N   . ILE A 1 64  ? -5.073  7.013   1.370   1.00 7.39  ? 86  ILE A N   1 
ATOM   516  C CA  . ILE A 1 64  ? -5.819  6.413   2.474   1.00 8.49  ? 86  ILE A CA  1 
ATOM   517  C C   . ILE A 1 64  ? -7.276  6.744   2.156   1.00 8.96  ? 86  ILE A C   1 
ATOM   518  O O   . ILE A 1 64  ? -7.550  7.271   1.085   1.00 9.86  ? 86  ILE A O   1 
ATOM   519  C CB  . ILE A 1 64  ? -5.386  6.927   3.864   1.00 8.12  ? 86  ILE A CB  1 
ATOM   520  C CG1 . ILE A 1 64  ? -5.631  8.445   4.046   1.00 9.09  ? 86  ILE A CG1 1 
ATOM   521  C CG2 . ILE A 1 64  ? -3.953  6.486   4.143   1.00 9.81  ? 86  ILE A CG2 1 
ATOM   522  C CD1 . ILE A 1 64  ? -5.385  8.991   5.477   1.00 11.63 ? 86  ILE A CD1 1 
ATOM   523  N N   A GLU A 1 65  ? -8.256  6.472   3.016   0.50 9.45  ? 87  GLU A N   1 
ATOM   524  N N   B GLU A 1 65  ? -8.163  6.395   3.090   0.50 9.62  ? 87  GLU A N   1 
ATOM   525  C CA  A GLU A 1 65  ? -9.682  6.543   2.564   0.50 10.59 ? 87  GLU A CA  1 
ATOM   526  C CA  B GLU A 1 65  ? -9.545  6.809   3.045   0.50 10.68 ? 87  GLU A CA  1 
ATOM   527  C C   A GLU A 1 65  ? -10.204 7.846   1.855   0.50 10.58 ? 87  GLU A C   1 
ATOM   528  C C   B GLU A 1 65  ? -9.572  8.291   3.292   0.50 10.81 ? 87  GLU A C   1 
ATOM   529  O O   A GLU A 1 65  ? -11.066 7.778   0.978   0.50 10.78 ? 87  GLU A O   1 
ATOM   530  O O   B GLU A 1 65  ? -9.372  8.774   4.388   0.50 11.97 ? 87  GLU A O   1 
ATOM   531  C CB  A GLU A 1 65  ? -10.624 6.117   3.699   0.50 10.89 ? 87  GLU A CB  1 
ATOM   532  C CB  B GLU A 1 65  ? -10.382 6.048   4.068   0.50 10.64 ? 87  GLU A CB  1 
ATOM   533  C CG  A GLU A 1 65  ? -12.105 6.237   3.337   0.50 14.18 ? 87  GLU A CG  1 
ATOM   534  C CG  B GLU A 1 65  ? -11.871 6.186   3.820   0.50 14.57 ? 87  GLU A CG  1 
ATOM   535  C CD  A GLU A 1 65  ? -12.498 5.374   2.144   0.50 17.80 ? 87  GLU A CD  1 
ATOM   536  C CD  B GLU A 1 65  ? -12.260 5.727   2.429   0.50 17.47 ? 87  GLU A CD  1 
ATOM   537  O OE1 A GLU A 1 65  ? -11.940 4.263   1.994   0.50 20.27 ? 87  GLU A OE1 1 
ATOM   538  O OE1 B GLU A 1 65  ? -12.080 4.528   2.113   0.50 20.89 ? 87  GLU A OE1 1 
ATOM   539  O OE2 A GLU A 1 65  ? -13.368 5.799   1.352   0.50 20.10 ? 87  GLU A OE2 1 
ATOM   540  O OE2 B GLU A 1 65  ? -12.727 6.573   1.641   0.50 20.81 ? 87  GLU A OE2 1 
ATOM   541  N N   . GLY A 1 66  ? -9.601  8.987   2.187   1.00 10.83 ? 88  GLY A N   1 
ATOM   542  C CA  . GLY A 1 66  ? -10.117 10.343  2.046   1.00 10.51 ? 88  GLY A CA  1 
ATOM   543  C C   . GLY A 1 66  ? -9.027  11.302  1.616   1.00 10.23 ? 88  GLY A C   1 
ATOM   544  O O   . GLY A 1 66  ? -9.308  12.389  1.158   1.00 10.89 ? 88  GLY A O   1 
ATOM   545  N N   . ASN A 1 67  ? -7.772  10.890  1.690   1.00 9.06  ? 89  ASN A N   1 
ATOM   546  C CA  . ASN A 1 67  ? -6.663  11.787  1.474   1.00 7.97  ? 89  ASN A CA  1 
ATOM   547  C C   . ASN A 1 67  ? -5.534  11.008  0.858   1.00 7.33  ? 89  ASN A C   1 
ATOM   548  O O   . ASN A 1 67  ? -5.584  9.764   0.787   1.00 8.57  ? 89  ASN A O   1 
ATOM   549  C CB  . ASN A 1 67  ? -6.208  12.507  2.765   1.00 8.49  ? 89  ASN A CB  1 
ATOM   550  C CG  . ASN A 1 67  ? -7.196  13.574  3.222   1.00 9.46  ? 89  ASN A CG  1 
ATOM   551  O OD1 . ASN A 1 67  ? -8.053  13.323  4.067   1.00 10.08 ? 89  ASN A OD1 1 
ATOM   552  N ND2 . ASN A 1 67  ? -7.117  14.747  2.624   1.00 10.86 ? 89  ASN A ND2 1 
ATOM   553  N N   . VAL A 1 68  ? -4.520  11.755  0.445   1.00 6.95  ? 90  VAL A N   1 
ATOM   554  C CA  . VAL A 1 68  ? -3.250  11.209  -0.028  1.00 6.65  ? 90  VAL A CA  1 
ATOM   555  C C   . VAL A 1 68  ? -2.223  11.726  0.975   1.00 6.48  ? 90  VAL A C   1 
ATOM   556  O O   . VAL A 1 68  ? -2.174  12.936  1.281   1.00 8.43  ? 90  VAL A O   1 
ATOM   557  C CB  . VAL A 1 68  ? -2.924  11.720  -1.448  1.00 6.67  ? 90  VAL A CB  1 
ATOM   558  C CG1 . VAL A 1 68  ? -1.533  11.265  -1.865  1.00 8.80  ? 90  VAL A CG1 1 
ATOM   559  C CG2 . VAL A 1 68  ? -3.926  11.136  -2.412  1.00 8.54  ? 90  VAL A CG2 1 
ATOM   560  N N   . VAL A 1 69  ? -1.433  10.795  1.539   1.00 5.95  ? 91  VAL A N   1 
ATOM   561  C CA  . VAL A 1 69  ? -0.608  11.139  2.668   1.00 7.17  ? 91  VAL A CA  1 
ATOM   562  C C   . VAL A 1 69  ? 0.777   10.478  2.585   1.00 7.73  ? 91  VAL A C   1 
ATOM   563  O O   . VAL A 1 69  ? 1.059   9.553   1.772   1.00 7.43  ? 91  VAL A O   1 
ATOM   564  C CB  . VAL A 1 69  ? -1.273  10.696  4.001   1.00 7.23  ? 91  VAL A CB  1 
ATOM   565  C CG1 . VAL A 1 69  ? -2.685  11.276  4.173   1.00 8.24  ? 91  VAL A CG1 1 
ATOM   566  C CG2 . VAL A 1 69  ? -1.271  9.144   4.151   1.00 8.97  ? 91  VAL A CG2 1 
ATOM   567  N N   . ILE A 1 70  ? 1.671   10.967  3.444   1.00 7.33  ? 92  ILE A N   1 
ATOM   568  C CA  . ILE A 1 70  ? 2.960   10.321  3.698   1.00 8.27  ? 92  ILE A CA  1 
ATOM   569  C C   . ILE A 1 70  ? 3.147   10.286  5.222   1.00 8.48  ? 92  ILE A C   1 
ATOM   570  O O   . ILE A 1 70  ? 3.219   11.346  5.855   1.00 8.12  ? 92  ILE A O   1 
ATOM   571  C CB  . ILE A 1 70  ? 4.178   11.085  3.133   1.00 8.55  ? 92  ILE A CB  1 
ATOM   572  C CG1 . ILE A 1 70  ? 3.978   11.446  1.645   1.00 10.08 ? 92  ILE A CG1 1 
ATOM   573  C CG2 . ILE A 1 70  ? 5.435   10.289  3.372   1.00 9.94  ? 92  ILE A CG2 1 
ATOM   574  C CD1 . ILE A 1 70  ? 5.167   12.080  0.935   1.00 13.01 ? 92  ILE A CD1 1 
ATOM   575  N N   . PRO A 1 71  ? 3.294   9.102   5.827   1.00 8.70  ? 93  PRO A N   1 
ATOM   576  C CA  . PRO A 1 71  ? 3.588   9.061   7.265   1.00 8.60  ? 93  PRO A CA  1 
ATOM   577  C C   . PRO A 1 71  ? 5.055   9.328   7.462   1.00 7.56  ? 93  PRO A C   1 
ATOM   578  O O   . PRO A 1 71  ? 5.885   8.694   6.823   1.00 7.44  ? 93  PRO A O   1 
ATOM   579  C CB  . PRO A 1 71  ? 3.266   7.614   7.641   1.00 8.42  ? 93  PRO A CB  1 
ATOM   580  C CG  . PRO A 1 71  ? 3.410   6.831   6.369   1.00 8.60  ? 93  PRO A CG  1 
ATOM   581  C CD  . PRO A 1 71  ? 3.117   7.768   5.233   1.00 9.01  ? 93  PRO A CD  1 
ATOM   582  N N   . ARG A 1 72  ? 5.397   10.224  8.382   1.00 8.65  ? 94  ARG A N   1 
ATOM   583  C CA  . ARG A 1 72  ? 6.799   10.602  8.634   1.00 9.46  ? 94  ARG A CA  1 
ATOM   584  C C   . ARG A 1 72  ? 7.111   10.603  10.110  1.00 9.01  ? 94  ARG A C   1 
ATOM   585  O O   . ARG A 1 72  ? 6.394   11.185  10.892  1.00 10.54 ? 94  ARG A O   1 
ATOM   586  C CB  . ARG A 1 72  ? 7.068   12.018  8.127   1.00 10.28 ? 94  ARG A CB  1 
ATOM   587  C CG  . ARG A 1 72  ? 7.065   12.196  6.600   1.00 9.38  ? 94  ARG A CG  1 
ATOM   588  C CD  . ARG A 1 72  ? 8.044   11.260  5.878   1.00 10.59 ? 94  ARG A CD  1 
ATOM   589  N NE  . ARG A 1 72  ? 9.430   11.430  6.329   1.00 10.83 ? 94  ARG A NE  1 
ATOM   590  C CZ  . ARG A 1 72  ? 10.389  10.534  6.135   1.00 11.45 ? 94  ARG A CZ  1 
ATOM   591  N NH1 . ARG A 1 72  ? 10.136  9.429   5.437   1.00 13.96 ? 94  ARG A NH1 1 
ATOM   592  N NH2 . ARG A 1 72  ? 11.629  10.770  6.585   1.00 15.81 ? 94  ARG A NH2 1 
ATOM   593  N N   . ILE A 1 73  ? 8.163   9.907   10.470  1.00 10.78 ? 95  ILE A N   1 
ATOM   594  C CA  . ILE A 1 73  ? 8.629   9.939   11.846  1.00 12.73 ? 95  ILE A CA  1 
ATOM   595  C C   . ILE A 1 73  ? 9.836   10.857  11.979  1.00 14.10 ? 95  ILE A C   1 
ATOM   596  O O   . ILE A 1 73  ? 9.847   11.721  12.848  1.00 14.74 ? 95  ILE A O   1 
ATOM   597  C CB  . ILE A 1 73  ? 8.950   8.542   12.357  1.00 12.47 ? 95  ILE A CB  1 
ATOM   598  C CG1 . ILE A 1 73  ? 7.670   7.708   12.461  1.00 13.00 ? 95  ILE A CG1 1 
ATOM   599  C CG2 . ILE A 1 73  ? 9.676   8.605   13.719  1.00 13.07 ? 95  ILE A CG2 1 
ATOM   600  C CD1 . ILE A 1 73  ? 7.932   6.236   12.641  1.00 16.13 ? 95  ILE A CD1 1 
ATOM   601  N N   . HIS A 1 74  ? 10.816  10.696  11.092  1.00 14.52 ? 96  HIS A N   1 
ATOM   602  C CA  . HIS A 1 74  ? 12.019  11.524  11.104  1.00 16.78 ? 96  HIS A CA  1 
ATOM   603  C C   . HIS A 1 74  ? 11.913  12.623  10.047  1.00 17.84 ? 96  HIS A C   1 
ATOM   604  O O   . HIS A 1 74  ? 11.508  12.342  8.911   1.00 18.76 ? 96  HIS A O   1 
ATOM   605  C CB  . HIS A 1 74  ? 13.239  10.642  10.843  1.00 17.01 ? 96  HIS A CB  1 
ATOM   606  C CG  . HIS A 1 74  ? 13.342  9.482   11.780  1.00 19.82 ? 96  HIS A CG  1 
ATOM   607  N ND1 . HIS A 1 74  ? 12.843  8.233   11.472  1.00 20.77 ? 96  HIS A ND1 1 
ATOM   608  C CD2 . HIS A 1 74  ? 13.816  9.396   13.046  1.00 21.84 ? 96  HIS A CD2 1 
ATOM   609  C CE1 . HIS A 1 74  ? 13.033  7.421   12.498  1.00 22.65 ? 96  HIS A CE1 1 
ATOM   610  N NE2 . HIS A 1 74  ? 13.625  8.103   13.465  1.00 22.50 ? 96  HIS A NE2 1 
ATOM   611  N N   . PRO A 1 75  ? 12.259  13.882  10.409  1.00 18.01 ? 97  PRO A N   1 
ATOM   612  C CA  . PRO A 1 75  ? 12.262  14.949  9.411   1.00 19.03 ? 97  PRO A CA  1 
ATOM   613  C C   . PRO A 1 75  ? 13.310  14.662  8.342   1.00 20.14 ? 97  PRO A C   1 
ATOM   614  O O   . PRO A 1 75  ? 14.445  14.304  8.668   1.00 20.85 ? 97  PRO A O   1 
ATOM   615  C CB  . PRO A 1 75  ? 12.695  16.191  10.217  1.00 18.88 ? 97  PRO A CB  1 
ATOM   616  C CG  . PRO A 1 75  ? 12.416  15.874  11.623  1.00 19.53 ? 97  PRO A CG  1 
ATOM   617  C CD  . PRO A 1 75  ? 12.607  14.384  11.755  1.00 17.94 ? 97  PRO A CD  1 
ATOM   618  N N   . ASN A 1 76  ? 12.912  14.769  7.082   1.00 20.76 ? 98  ASN A N   1 
ATOM   619  C CA  . ASN A 1 76  ? 13.836  14.640  5.964   1.00 21.99 ? 98  ASN A CA  1 
ATOM   620  C C   . ASN A 1 76  ? 13.402  15.661  4.931   1.00 22.30 ? 98  ASN A C   1 
ATOM   621  O O   . ASN A 1 76  ? 12.217  15.737  4.585   1.00 22.26 ? 98  ASN A O   1 
ATOM   622  C CB  . ASN A 1 76  ? 13.794  13.206  5.406   1.00 22.41 ? 98  ASN A CB  1 
ATOM   623  C CG  . ASN A 1 76  ? 14.779  12.973  4.269   1.00 24.98 ? 98  ASN A CG  1 
ATOM   624  O OD1 . ASN A 1 76  ? 14.912  13.791  3.368   1.00 27.47 ? 98  ASN A OD1 1 
ATOM   625  N ND2 . ASN A 1 76  ? 15.454  11.828  4.298   1.00 28.21 ? 98  ASN A ND2 1 
ATOM   626  N N   . ALA A 1 77  ? 14.351  16.462  4.452   1.00 22.81 ? 99  ALA A N   1 
ATOM   627  C CA  . ALA A 1 77  ? 14.030  17.553  3.533   1.00 23.30 ? 99  ALA A CA  1 
ATOM   628  C C   . ALA A 1 77  ? 13.446  17.103  2.192   1.00 23.51 ? 99  ALA A C   1 
ATOM   629  O O   . ALA A 1 77  ? 12.673  17.840  1.591   1.00 24.29 ? 99  ALA A O   1 
ATOM   630  C CB  . ALA A 1 77  ? 15.236  18.449  3.323   1.00 23.65 ? 99  ALA A CB  1 
ATOM   631  N N   . ILE A 1 78  ? 13.805  15.908  1.726   1.00 23.52 ? 100 ILE A N   1 
ATOM   632  C CA  . ILE A 1 78  ? 13.230  15.379  0.471   1.00 23.54 ? 100 ILE A CA  1 
ATOM   633  C C   . ILE A 1 78  ? 11.949  14.542  0.636   1.00 22.72 ? 100 ILE A C   1 
ATOM   634  O O   . ILE A 1 78  ? 11.386  14.081  -0.356  1.00 23.60 ? 100 ILE A O   1 
ATOM   635  C CB  . ILE A 1 78  ? 14.273  14.600  -0.406  1.00 23.89 ? 100 ILE A CB  1 
ATOM   636  C CG1 . ILE A 1 78  ? 14.770  13.332  0.298   1.00 25.14 ? 100 ILE A CG1 1 
ATOM   637  C CG2 . ILE A 1 78  ? 15.431  15.523  -0.820  1.00 24.84 ? 100 ILE A CG2 1 
ATOM   638  C CD1 . ILE A 1 78  ? 15.740  12.489  -0.524  1.00 27.33 ? 100 ILE A CD1 1 
ATOM   639  N N   . CYS A 1 79  ? 11.503  14.338  1.877   1.00 21.27 ? 101 CYS A N   1 
ATOM   640  C CA  . CYS A 1 79  ? 10.281  13.574  2.150   1.00 20.19 ? 101 CYS A CA  1 
ATOM   641  C C   . CYS A 1 79  ? 9.271   14.422  2.894   1.00 20.19 ? 101 CYS A C   1 
ATOM   642  O O   . CYS A 1 79  ? 9.451   14.721  4.079   1.00 19.76 ? 101 CYS A O   1 
ATOM   643  C CB  . CYS A 1 79  ? 10.595  12.329  2.978   1.00 19.71 ? 101 CYS A CB  1 
ATOM   644  S SG  . CYS A 1 79  ? 11.819  11.265  2.266   1.00 19.05 ? 101 CYS A SG  1 
ATOM   645  N N   . ALA A 1 80  ? 8.218   14.825  2.191   1.00 19.71 ? 102 ALA A N   1 
ATOM   646  C CA  . ALA A 1 80  ? 7.105   15.564  2.778   1.00 20.59 ? 102 ALA A CA  1 
ATOM   647  C C   . ALA A 1 80  ? 7.527   16.941  3.303   1.00 21.65 ? 102 ALA A C   1 
ATOM   648  O O   . ALA A 1 80  ? 7.002   17.422  4.309   1.00 21.98 ? 102 ALA A O   1 
ATOM   649  C CB  . ALA A 1 80  ? 6.433   14.727  3.892   1.00 20.07 ? 102 ALA A CB  1 
ATOM   650  N N   . ALA A 1 81  ? 8.474   17.566  2.602   1.00 22.16 ? 103 ALA A N   1 
ATOM   651  C CA  . ALA A 1 81  ? 8.970   18.913  2.926   1.00 22.48 ? 103 ALA A CA  1 
ATOM   652  C C   . ALA A 1 81  ? 9.383   19.042  4.405   1.00 22.25 ? 103 ALA A C   1 
ATOM   653  O O   . ALA A 1 81  ? 9.026   20.013  5.084   1.00 22.87 ? 103 ALA A O   1 
ATOM   654  C CB  . ALA A 1 81  ? 7.927   19.979  2.540   1.00 23.07 ? 103 ALA A CB  1 
ATOM   655  N N   . ASN A 1 82  ? 10.126  18.042  4.883   1.00 22.08 ? 104 ASN A N   1 
ATOM   656  C CA  . ASN A 1 82  ? 10.671  17.996  6.250   1.00 21.25 ? 104 ASN A CA  1 
ATOM   657  C C   . ASN A 1 82  ? 9.629   17.909  7.379   1.00 20.62 ? 104 ASN A C   1 
ATOM   658  O O   . ASN A 1 82  ? 9.940   18.156  8.538   1.00 20.72 ? 104 ASN A O   1 
ATOM   659  C CB  . ASN A 1 82  ? 11.632  19.173  6.501   1.00 21.65 ? 104 ASN A CB  1 
ATOM   660  C CG  . ASN A 1 82  ? 12.783  18.804  7.401   1.00 22.03 ? 104 ASN A CG  1 
ATOM   661  O OD1 . ASN A 1 82  ? 13.545  17.872  7.122   1.00 23.07 ? 104 ASN A OD1 1 
ATOM   662  N ND2 . ASN A 1 82  ? 12.945  19.566  8.489   1.00 26.26 ? 104 ASN A ND2 1 
ATOM   663  N N   . HIS A 1 83  ? 8.404   17.521  7.047   1.00 19.33 ? 105 HIS A N   1 
ATOM   664  C CA  . HIS A 1 83  ? 7.358   17.420  8.055   1.00 18.77 ? 105 HIS A CA  1 
ATOM   665  C C   . HIS A 1 83  ? 7.467   16.100  8.810   1.00 17.11 ? 105 HIS A C   1 
ATOM   666  O O   . HIS A 1 83  ? 8.101   15.157  8.341   1.00 15.90 ? 105 HIS A O   1 
ATOM   667  C CB  . HIS A 1 83  ? 5.982   17.561  7.414   1.00 19.93 ? 105 HIS A CB  1 
ATOM   668  C CG  . HIS A 1 83  ? 5.614   18.972  7.073   1.00 22.66 ? 105 HIS A CG  1 
ATOM   669  N ND1 . HIS A 1 83  ? 6.061   19.605  5.932   1.00 24.44 ? 105 HIS A ND1 1 
ATOM   670  C CD2 . HIS A 1 83  ? 4.833   19.870  7.719   1.00 25.89 ? 105 HIS A CD2 1 
ATOM   671  C CE1 . HIS A 1 83  ? 5.574   20.832  5.891   1.00 25.76 ? 105 HIS A CE1 1 
ATOM   672  N NE2 . HIS A 1 83  ? 4.830   21.020  6.966   1.00 26.73 ? 105 HIS A NE2 1 
ATOM   673  N N   . THR A 1 84  ? 6.895   16.062  10.005  1.00 16.11 ? 106 THR A N   1 
ATOM   674  C CA  . THR A 1 84  ? 6.665   14.798  10.708  1.00 16.14 ? 106 THR A CA  1 
ATOM   675  C C   . THR A 1 84  ? 5.173   14.631  10.974  1.00 14.70 ? 106 THR A C   1 
ATOM   676  O O   . THR A 1 84  ? 4.398   15.577  10.867  1.00 15.74 ? 106 THR A O   1 
ATOM   677  C CB  . THR A 1 84  ? 7.462   14.697  12.032  1.00 16.96 ? 106 THR A CB  1 
ATOM   678  O OG1 . THR A 1 84  ? 6.920   15.616  12.982  1.00 19.03 ? 106 THR A OG1 1 
ATOM   679  C CG2 . THR A 1 84  ? 8.940   14.976  11.830  1.00 18.50 ? 106 THR A CG2 1 
ATOM   680  N N   . GLY A 1 85  ? 4.769   13.400  11.297  1.00 13.41 ? 107 GLY A N   1 
ATOM   681  C CA  . GLY A 1 85  ? 3.358   13.068  11.488  1.00 12.25 ? 107 GLY A CA  1 
ATOM   682  C C   . GLY A 1 85  ? 2.790   12.546  10.185  1.00 10.99 ? 107 GLY A C   1 
ATOM   683  O O   . GLY A 1 85  ? 3.551   12.240  9.268   1.00 10.94 ? 107 GLY A O   1 
ATOM   684  N N   . VAL A 1 86  ? 1.474   12.443  10.098  1.00 11.40 ? 108 VAL A N   1 
ATOM   685  C CA  . VAL A 1 86  ? 0.857   12.046  8.847   1.00 11.69 ? 108 VAL A CA  1 
ATOM   686  C C   . VAL A 1 86  ? 0.698   13.290  7.985   1.00 11.19 ? 108 VAL A C   1 
ATOM   687  O O   . VAL A 1 86  ? -0.245  14.071  8.189   1.00 13.07 ? 108 VAL A O   1 
ATOM   688  C CB  . VAL A 1 86  ? -0.482  11.344  9.075   1.00 11.66 ? 108 VAL A CB  1 
ATOM   689  C CG1 . VAL A 1 86  ? -1.063  10.874  7.748   1.00 12.38 ? 108 VAL A CG1 1 
ATOM   690  C CG2 . VAL A 1 86  ? -0.312  10.154  9.995   1.00 12.11 ? 108 VAL A CG2 1 
ATOM   691  N N   . TYR A 1 87  ? 1.617   13.472  7.037   1.00 10.72 ? 109 TYR A N   1 
ATOM   692  C CA  . TYR A 1 87  ? 1.628   14.625  6.155   1.00 10.22 ? 109 TYR A CA  1 
ATOM   693  C C   . TYR A 1 87  ? 0.545   14.459  5.099   1.00 10.05 ? 109 TYR A C   1 
ATOM   694  O O   . TYR A 1 87  ? 0.498   13.450  4.389   1.00 9.94  ? 109 TYR A O   1 
ATOM   695  C CB  . TYR A 1 87  ? 2.986   14.765  5.488   1.00 11.02 ? 109 TYR A CB  1 
ATOM   696  C CG  . TYR A 1 87  ? 3.042   15.910  4.515   1.00 13.05 ? 109 TYR A CG  1 
ATOM   697  C CD1 . TYR A 1 87  ? 3.226   17.226  4.964   1.00 15.40 ? 109 TYR A CD1 1 
ATOM   698  C CD2 . TYR A 1 87  ? 2.896   15.696  3.150   1.00 16.90 ? 109 TYR A CD2 1 
ATOM   699  C CE1 . TYR A 1 87  ? 3.264   18.298  4.054   1.00 21.02 ? 109 TYR A CE1 1 
ATOM   700  C CE2 . TYR A 1 87  ? 2.933   16.762  2.235   1.00 20.35 ? 109 TYR A CE2 1 
ATOM   701  C CZ  . TYR A 1 87  ? 3.117   18.048  2.697   1.00 21.84 ? 109 TYR A CZ  1 
ATOM   702  O OH  . TYR A 1 87  ? 3.155   19.077  1.780   1.00 24.98 ? 109 TYR A OH  1 
ATOM   703  N N   . ILE A 1 88  ? -0.326  15.450  4.978   1.00 10.23 ? 110 ILE A N   1 
ATOM   704  C CA  . ILE A 1 88  ? -1.429  15.382  4.032   1.00 10.49 ? 110 ILE A CA  1 
ATOM   705  C C   . ILE A 1 88  ? -1.121  16.214  2.807   1.00 11.00 ? 110 ILE A C   1 
ATOM   706  O O   . ILE A 1 88  ? -0.820  17.417  2.914   1.00 10.82 ? 110 ILE A O   1 
ATOM   707  C CB  . ILE A 1 88  ? -2.761  15.869  4.660   1.00 10.51 ? 110 ILE A CB  1 
ATOM   708  C CG1 . ILE A 1 88  ? -3.119  15.028  5.888   1.00 10.34 ? 110 ILE A CG1 1 
ATOM   709  C CG2 . ILE A 1 88  ? -3.910  15.777  3.650   1.00 13.02 ? 110 ILE A CG2 1 
ATOM   710  C CD1 . ILE A 1 88  ? -4.188  15.669  6.804   1.00 13.80 ? 110 ILE A CD1 1 
ATOM   711  N N   . LEU A 1 89  ? -1.226  15.585  1.637   1.00 10.08 ? 111 LEU A N   1 
ATOM   712  C CA  . LEU A 1 89  ? -1.028  16.301  0.388   1.00 10.74 ? 111 LEU A CA  1 
ATOM   713  C C   . LEU A 1 89  ? -2.200  17.244  0.157   1.00 11.05 ? 111 LEU A C   1 
ATOM   714  O O   . LEU A 1 89  ? -3.336  16.829  0.146   1.00 11.49 ? 111 LEU A O   1 
ATOM   715  C CB  . LEU A 1 89  ? -0.836  15.302  -0.772  1.00 10.68 ? 111 LEU A CB  1 
ATOM   716  C CG  . LEU A 1 89  ? -0.779  15.923  -2.173  1.00 11.59 ? 111 LEU A CG  1 
ATOM   717  C CD1 . LEU A 1 89  ? 0.459   16.735  -2.300  1.00 12.60 ? 111 LEU A CD1 1 
ATOM   718  C CD2 . LEU A 1 89  ? -0.754  14.773  -3.184  1.00 14.02 ? 111 LEU A CD2 1 
ATOM   719  N N   . VAL A 1 90  ? -1.902  18.522  -0.021  1.00 10.65 ? 112 VAL A N   1 
ATOM   720  C CA  . VAL A 1 90  ? -2.956  19.535  -0.169  1.00 10.59 ? 112 VAL A CA  1 
ATOM   721  C C   . VAL A 1 90  ? -3.185  19.858  -1.654  1.00 9.72  ? 112 VAL A C   1 
ATOM   722  O O   . VAL A 1 90  ? -4.284  19.748  -2.133  1.00 11.03 ? 112 VAL A O   1 
ATOM   723  C CB  . VAL A 1 90  ? -2.610  20.804  0.634   1.00 10.47 ? 112 VAL A CB  1 
ATOM   724  C CG1 . VAL A 1 90  ? -3.648  21.886  0.417   1.00 12.70 ? 112 VAL A CG1 1 
ATOM   725  C CG2 . VAL A 1 90  ? -2.517  20.456  2.123   1.00 11.56 ? 112 VAL A CG2 1 
ATOM   726  N N   . THR A 1 91  ? -2.121  20.186  -2.386  1.00 10.27 ? 113 THR A N   1 
ATOM   727  C CA  . THR A 1 91  ? -2.237  20.711  -3.751  1.00 9.44  ? 113 THR A CA  1 
ATOM   728  C C   . THR A 1 91  ? -1.463  19.845  -4.720  1.00 7.90  ? 113 THR A C   1 
ATOM   729  O O   . THR A 1 91  ? -0.248  19.720  -4.597  1.00 9.75  ? 113 THR A O   1 
ATOM   730  C CB  . THR A 1 91  ? -1.704  22.163  -3.823  1.00 11.32 ? 113 THR A CB  1 
ATOM   731  O OG1 . THR A 1 91  ? -2.411  22.957  -2.873  1.00 14.63 ? 113 THR A OG1 1 
ATOM   732  C CG2 . THR A 1 91  ? -1.939  22.771  -5.212  1.00 12.39 ? 113 THR A CG2 1 
ATOM   733  N N   . SER A 1 92  ? -2.166  19.240  -5.680  1.00 6.71  ? 114 SER A N   1 
ATOM   734  C CA  . SER A 1 92  ? -1.481  18.482  -6.744  1.00 5.95  ? 114 SER A CA  1 
ATOM   735  C C   . SER A 1 92  ? -2.347  18.549  -7.985  1.00 7.13  ? 114 SER A C   1 
ATOM   736  O O   . SER A 1 92  ? -3.563  18.602  -7.891  1.00 8.18  ? 114 SER A O   1 
ATOM   737  C CB  . SER A 1 92  ? -1.350  17.030  -6.304  1.00 7.37  ? 114 SER A CB  1 
ATOM   738  O OG  . SER A 1 92  ? -0.824  16.264  -7.384  1.00 8.30  ? 114 SER A OG  1 
ATOM   739  N N   . ASN A 1 93  ? -1.747  18.557  -9.166  1.00 6.76  ? 115 ASN A N   1 
ATOM   740  C CA  . ASN A 1 93  ? -2.546  18.460  -10.379 1.00 7.27  ? 115 ASN A CA  1 
ATOM   741  C C   . ASN A 1 93  ? -3.050  17.065  -10.684 1.00 5.54  ? 115 ASN A C   1 
ATOM   742  O O   . ASN A 1 93  ? -3.936  16.885  -11.479 1.00 7.29  ? 115 ASN A O   1 
ATOM   743  C CB  . ASN A 1 93  ? -1.667  18.801  -11.584 1.00 6.19  ? 115 ASN A CB  1 
ATOM   744  C CG  . ASN A 1 93  ? -1.413  20.299  -11.788 1.00 6.88  ? 115 ASN A CG  1 
ATOM   745  O OD1 . ASN A 1 93  ? -2.097  21.172  -11.224 1.00 7.49  ? 115 ASN A OD1 1 
ATOM   746  N ND2 . ASN A 1 93  ? -0.407  20.589  -12.600 1.00 7.54  ? 115 ASN A ND2 1 
ATOM   747  N N   . THR A 1 94  ? -2.370  16.040  -10.143 1.00 6.02  ? 116 THR A N   1 
ATOM   748  C CA  . THR A 1 94  ? -2.397  14.686  -10.728 1.00 6.70  ? 116 THR A CA  1 
ATOM   749  C C   . THR A 1 94  ? -3.064  13.683  -9.797  1.00 5.88  ? 116 THR A C   1 
ATOM   750  O O   . THR A 1 94  ? -3.275  13.975  -8.609  1.00 7.58  ? 116 THR A O   1 
ATOM   751  C CB  . THR A 1 94  ? -0.966  14.212  -11.040 1.00 6.94  ? 116 THR A CB  1 
ATOM   752  O OG1 . THR A 1 94  ? -0.180  14.304  -9.844  1.00 8.92  ? 116 THR A OG1 1 
ATOM   753  C CG2 . THR A 1 94  ? -0.300  15.097  -12.103 1.00 8.52  ? 116 THR A CG2 1 
ATOM   754  N N   . SER A 1 95  ? -3.494  12.564  -10.363 1.00 6.43  ? 117 SER A N   1 
ATOM   755  C CA  . SER A 1 95  ? -4.406  11.623  -9.705  1.00 7.00  ? 117 SER A CA  1 
ATOM   756  C C   . SER A 1 95  ? -3.833  10.254  -9.342  1.00 8.16  ? 117 SER A C   1 
ATOM   757  O O   . SER A 1 95  ? -4.562  9.437   -8.756  1.00 8.69  ? 117 SER A O   1 
ATOM   758  C CB  . SER A 1 95  ? -5.585  11.347  -10.626 1.00 8.11  ? 117 SER A CB  1 
ATOM   759  O OG  . SER A 1 95  ? -5.086  10.834  -11.855 1.00 9.84  ? 117 SER A OG  1 
ATOM   760  N N   . HIS A 1 96  ? -2.577  9.966   -9.683  1.00 7.28  ? 118 HIS A N   1 
ATOM   761  C CA  . HIS A 1 96  ? -2.036  8.618   -9.519  1.00 7.78  ? 118 HIS A CA  1 
ATOM   762  C C   . HIS A 1 96  ? -0.919  8.611   -8.499  1.00 6.76  ? 118 HIS A C   1 
ATOM   763  O O   . HIS A 1 96  ? 0.048   9.342   -8.582  1.00 7.55  ? 118 HIS A O   1 
ATOM   764  C CB  . HIS A 1 96  ? -1.597  8.068   -10.867 1.00 8.95  ? 118 HIS A CB  1 
ATOM   765  C CG  . HIS A 1 96  ? -2.722  7.564   -11.708 1.00 8.54  ? 118 HIS A CG  1 
ATOM   766  N ND1 . HIS A 1 96  ? -3.859  8.299   -11.962 1.00 10.58 ? 118 HIS A ND1 1 
ATOM   767  C CD2 . HIS A 1 96  ? -2.882  6.391   -12.361 1.00 14.05 ? 118 HIS A CD2 1 
ATOM   768  C CE1 . HIS A 1 96  ? -4.671  7.597   -12.736 1.00 11.09 ? 118 HIS A CE1 1 
ATOM   769  N NE2 . HIS A 1 96  ? -4.103  6.435   -12.984 1.00 12.96 ? 118 HIS A NE2 1 
ATOM   770  N N   . TYR A 1 97  ? -1.055  7.756   -7.492  1.00 5.94  ? 119 TYR A N   1 
ATOM   771  C CA  . TYR A 1 97  ? -0.078  7.711   -6.388  1.00 6.18  ? 119 TYR A CA  1 
ATOM   772  C C   . TYR A 1 97  ? 0.276   6.245   -6.081  1.00 6.46  ? 119 TYR A C   1 
ATOM   773  O O   . TYR A 1 97  ? -0.009  5.347   -6.900  1.00 6.96  ? 119 TYR A O   1 
ATOM   774  C CB  . TYR A 1 97  ? -0.624  8.469   -5.148  1.00 6.46  ? 119 TYR A CB  1 
ATOM   775  C CG  . TYR A 1 97  ? -0.916  9.924   -5.446  1.00 6.00  ? 119 TYR A CG  1 
ATOM   776  C CD1 . TYR A 1 97  ? 0.100   10.881  -5.453  1.00 6.37  ? 119 TYR A CD1 1 
ATOM   777  C CD2 . TYR A 1 97  ? -2.201  10.339  -5.747  1.00 6.82  ? 119 TYR A CD2 1 
ATOM   778  C CE1 . TYR A 1 97  ? -0.153  12.208  -5.767  1.00 5.96  ? 119 TYR A CE1 1 
ATOM   779  C CE2 . TYR A 1 97  ? -2.477  11.680  -6.065  1.00 7.57  ? 119 TYR A CE2 1 
ATOM   780  C CZ  . TYR A 1 97  ? -1.433  12.586  -6.029  1.00 6.85  ? 119 TYR A CZ  1 
ATOM   781  O OH  . TYR A 1 97  ? -1.638  13.912  -6.329  1.00 9.38  ? 119 TYR A OH  1 
ATOM   782  N N   . ASP A 1 98  ? 0.841   5.966   -4.902  1.00 6.08  ? 120 ASP A N   1 
ATOM   783  C CA  . ASP A 1 98  ? 0.873   4.602   -4.380  1.00 7.03  ? 120 ASP A CA  1 
ATOM   784  C C   . ASP A 1 98  ? -0.377  4.438   -3.539  1.00 4.63  ? 120 ASP A C   1 
ATOM   785  O O   . ASP A 1 98  ? -1.246  5.306   -3.510  1.00 6.04  ? 120 ASP A O   1 
ATOM   786  C CB  . ASP A 1 98  ? 2.117   4.348   -3.526  1.00 6.29  ? 120 ASP A CB  1 
ATOM   787  C CG  . ASP A 1 98  ? 3.428   4.539   -4.282  1.00 7.43  ? 120 ASP A CG  1 
ATOM   788  O OD1 . ASP A 1 98  ? 3.469   4.517   -5.553  1.00 8.19  ? 120 ASP A OD1 1 
ATOM   789  O OD2 . ASP A 1 98  ? 4.433   4.749   -3.567  1.00 8.89  ? 120 ASP A OD2 1 
ATOM   790  N N   . THR A 1 99  ? -0.487  3.330   -2.817  1.00 5.27  ? 121 THR A N   1 
ATOM   791  C CA  . THR A 1 99  ? -1.576  3.220   -1.829  1.00 5.85  ? 121 THR A CA  1 
ATOM   792  C C   . THR A 1 99  ? -1.080  2.681   -0.518  1.00 5.74  ? 121 THR A C   1 
ATOM   793  O O   . THR A 1 99  ? -0.090  1.968   -0.470  1.00 6.10  ? 121 THR A O   1 
ATOM   794  C CB  . THR A 1 99  ? -2.740  2.371   -2.373  1.00 6.67  ? 121 THR A CB  1 
ATOM   795  O OG1 . THR A 1 99  ? -3.906  2.595   -1.570  1.00 8.12  ? 121 THR A OG1 1 
ATOM   796  C CG2 . THR A 1 99  ? -2.422  0.913   -2.444  1.00 9.93  ? 121 THR A CG2 1 
ATOM   797  N N   . TYR A 1 100 ? -1.835  3.000   0.525   1.00 5.03  ? 122 TYR A N   1 
ATOM   798  C CA  . TYR A 1 100 ? -1.711  2.297   1.809   1.00 5.55  ? 122 TYR A CA  1 
ATOM   799  C C   . TYR A 1 100 ? -2.881  1.351   1.885   1.00 6.09  ? 122 TYR A C   1 
ATOM   800  O O   . TYR A 1 100 ? -3.927  1.567   1.298   1.00 6.86  ? 122 TYR A O   1 
ATOM   801  C CB  . TYR A 1 100 ? -1.673  3.300   2.974   1.00 6.13  ? 122 TYR A CB  1 
ATOM   802  C CG  . TYR A 1 100 ? -0.480  4.194   2.843   1.00 6.33  ? 122 TYR A CG  1 
ATOM   803  C CD1 . TYR A 1 100 ? 0.776   3.749   3.246   1.00 7.17  ? 122 TYR A CD1 1 
ATOM   804  C CD2 . TYR A 1 100 ? -0.590  5.451   2.271   1.00 7.31  ? 122 TYR A CD2 1 
ATOM   805  C CE1 . TYR A 1 100 ? 1.888   4.557   3.102   1.00 7.35  ? 122 TYR A CE1 1 
ATOM   806  C CE2 . TYR A 1 100 ? 0.536   6.254   2.117   1.00 6.61  ? 122 TYR A CE2 1 
ATOM   807  C CZ  . TYR A 1 100 ? 1.765   5.793   2.510   1.00 6.91  ? 122 TYR A CZ  1 
ATOM   808  O OH  . TYR A 1 100 ? 2.919   6.526   2.330   1.00 7.91  ? 122 TYR A OH  1 
ATOM   809  N N   . CYS A 1 101 ? -2.702  0.279   2.629   1.00 5.92  ? 123 CYS A N   1 
ATOM   810  C CA  . CYS A 1 101 ? -3.742  -0.718  2.877   1.00 6.82  ? 123 CYS A CA  1 
ATOM   811  C C   . CYS A 1 101 ? -3.684  -1.138  4.325   1.00 6.85  ? 123 CYS A C   1 
ATOM   812  O O   . CYS A 1 101 ? -2.642  -1.019  4.961   1.00 6.02  ? 123 CYS A O   1 
ATOM   813  C CB  . CYS A 1 101 ? -3.531  -1.958  2.028   1.00 7.07  ? 123 CYS A CB  1 
ATOM   814  S SG  . CYS A 1 101 ? -3.667  -1.724  0.255   1.00 10.31 ? 123 CYS A SG  1 
ATOM   815  N N   . PHE A 1 102 ? -4.832  -1.542  4.872   1.00 5.66  ? 124 PHE A N   1 
ATOM   816  C CA  . PHE A 1 102 ? -4.951  -1.957  6.239   1.00 6.42  ? 124 PHE A CA  1 
ATOM   817  C C   . PHE A 1 102 ? -5.554  -3.347  6.338   1.00 6.07  ? 124 PHE A C   1 
ATOM   818  O O   . PHE A 1 102 ? -6.632  -3.583  5.847   1.00 6.50  ? 124 PHE A O   1 
ATOM   819  C CB  . PHE A 1 102 ? -5.837  -0.961  6.989   1.00 6.86  ? 124 PHE A CB  1 
ATOM   820  C CG  . PHE A 1 102 ? -6.265  -1.468  8.325   1.00 7.11  ? 124 PHE A CG  1 
ATOM   821  C CD1 . PHE A 1 102 ? -5.317  -1.659  9.327   1.00 7.26  ? 124 PHE A CD1 1 
ATOM   822  C CD2 . PHE A 1 102 ? -7.575  -1.857  8.587   1.00 8.24  ? 124 PHE A CD2 1 
ATOM   823  C CE1 . PHE A 1 102 ? -5.663  -2.252  10.554  1.00 7.56  ? 124 PHE A CE1 1 
ATOM   824  C CE2 . PHE A 1 102 ? -7.935  -2.407  9.831   1.00 8.65  ? 124 PHE A CE2 1 
ATOM   825  C CZ  . PHE A 1 102 ? -6.981  -2.571  10.815  1.00 9.73  ? 124 PHE A CZ  1 
ATOM   826  N N   A ASN A 1 103 ? -4.806  -4.261  6.967   0.50 6.42  ? 125 ASN A N   1 
ATOM   827  N N   B ASN A 1 103 ? -4.809  -4.269  6.937   0.50 6.76  ? 125 ASN A N   1 
ATOM   828  C CA  A ASN A 1 103 ? -5.172  -5.671  7.208   0.50 6.72  ? 125 ASN A CA  1 
ATOM   829  C CA  B ASN A 1 103 ? -5.307  -5.608  7.190   0.50 7.44  ? 125 ASN A CA  1 
ATOM   830  C C   A ASN A 1 103 ? -5.450  -5.847  8.702   0.50 7.70  ? 125 ASN A C   1 
ATOM   831  C C   B ASN A 1 103 ? -5.472  -5.833  8.680   0.50 8.07  ? 125 ASN A C   1 
ATOM   832  O O   A ASN A 1 103 ? -4.499  -5.878  9.483   0.50 7.16  ? 125 ASN A O   1 
ATOM   833  O O   B ASN A 1 103 ? -4.491  -5.887  9.424   0.50 7.34  ? 125 ASN A O   1 
ATOM   834  C CB  A ASN A 1 103 ? -3.998  -6.580  6.804   0.50 7.03  ? 125 ASN A CB  1 
ATOM   835  C CB  B ASN A 1 103 ? -4.404  -6.668  6.591   0.50 8.09  ? 125 ASN A CB  1 
ATOM   836  C CG  A ASN A 1 103 ? -4.192  -8.034  7.235   0.50 8.12  ? 125 ASN A CG  1 
ATOM   837  C CG  B ASN A 1 103 ? -5.064  -8.014  6.604   0.50 9.25  ? 125 ASN A CG  1 
ATOM   838  O OD1 A ASN A 1 103 ? -5.292  -8.460  7.585   0.50 9.69  ? 125 ASN A OD1 1 
ATOM   839  O OD1 B ASN A 1 103 ? -5.983  -8.243  7.403   0.50 9.11  ? 125 ASN A OD1 1 
ATOM   840  N ND2 A ASN A 1 103 ? -3.103  -8.801  7.237   0.50 8.69  ? 125 ASN A ND2 1 
ATOM   841  N ND2 B ASN A 1 103 ? -4.658  -8.894  5.704   0.50 13.04 ? 125 ASN A ND2 1 
ATOM   842  N N   . ALA A 1 104 ? -6.730  -5.922  9.107   1.00 8.38  ? 126 ALA A N   1 
ATOM   843  C CA  . ALA A 1 104 ? -7.077  -6.108  10.532  1.00 10.05 ? 126 ALA A CA  1 
ATOM   844  C C   . ALA A 1 104 ? -6.499  -7.349  11.188  1.00 10.47 ? 126 ALA A C   1 
ATOM   845  O O   . ALA A 1 104 ? -6.347  -7.396  12.421  1.00 11.58 ? 126 ALA A O   1 
ATOM   846  C CB  . ALA A 1 104 ? -8.592  -6.081  10.718  1.00 11.85 ? 126 ALA A CB  1 
ATOM   847  N N   A SER A 1 105 ? -6.178  -8.361  10.391  0.50 10.13 ? 127 SER A N   1 
ATOM   848  N N   B SER A 1 105 ? -6.165  -8.362  10.399  0.50 10.08 ? 127 SER A N   1 
ATOM   849  C CA  A SER A 1 105 ? -5.705  -9.627  10.931  0.50 10.89 ? 127 SER A CA  1 
ATOM   850  C CA  B SER A 1 105 ? -5.692  -9.621  10.959  0.50 10.83 ? 127 SER A CA  1 
ATOM   851  C C   A SER A 1 105 ? -4.191  -9.649  11.201  0.50 10.85 ? 127 SER A C   1 
ATOM   852  C C   B SER A 1 105 ? -4.168  -9.694  11.090  0.50 10.89 ? 127 SER A C   1 
ATOM   853  O O   A SER A 1 105 ? -3.675  -10.586 11.807  0.50 10.95 ? 127 SER A O   1 
ATOM   854  O O   B SER A 1 105 ? -3.620  -10.724 11.465  0.50 11.81 ? 127 SER A O   1 
ATOM   855  C CB  A SER A 1 105 ? -6.159  -10.782 10.025  0.50 11.60 ? 127 SER A CB  1 
ATOM   856  C CB  B SER A 1 105 ? -6.219  -10.778 10.125  0.50 11.38 ? 127 SER A CB  1 
ATOM   857  O OG  A SER A 1 105 ? -7.580  -10.832 9.935   0.50 13.74 ? 127 SER A OG  1 
ATOM   858  O OG  B SER A 1 105 ? -5.599  -10.768 8.859   0.50 12.78 ? 127 SER A OG  1 
ATOM   859  N N   . ALA A 1 106 ? -3.496  -8.584  10.802  1.00 10.83 ? 128 ALA A N   1 
ATOM   860  C CA  . ALA A 1 106 ? -2.058  -8.494  10.992  1.00 10.70 ? 128 ALA A CA  1 
ATOM   861  C C   . ALA A 1 106 ? -1.732  -8.342  12.487  1.00 10.39 ? 128 ALA A C   1 
ATOM   862  O O   . ALA A 1 106 ? -2.606  -8.036  13.287  1.00 9.88  ? 128 ALA A O   1 
ATOM   863  C CB  . ALA A 1 106 ? -1.507  -7.322  10.203  1.00 11.19 ? 128 ALA A CB  1 
ATOM   864  N N   . PRO A 1 107 ? -0.470  -8.544  12.877  1.00 9.81  ? 129 PRO A N   1 
ATOM   865  C CA  . PRO A 1 107 ? -0.102  -8.307  14.291  1.00 9.98  ? 129 PRO A CA  1 
ATOM   866  C C   . PRO A 1 107 ? -0.277  -6.844  14.725  1.00 9.56  ? 129 PRO A C   1 
ATOM   867  O O   . PRO A 1 107 ? -0.349  -5.954  13.884  1.00 8.35  ? 129 PRO A O   1 
ATOM   868  C CB  . PRO A 1 107 ? 1.368   -8.707  14.333  1.00 10.15 ? 129 PRO A CB  1 
ATOM   869  C CG  . PRO A 1 107 ? 1.542   -9.662  13.173  1.00 12.14 ? 129 PRO A CG  1 
ATOM   870  C CD  . PRO A 1 107 ? 0.649   -9.128  12.099  1.00 10.91 ? 129 PRO A CD  1 
ATOM   871  N N   . PRO A 1 108 ? -0.313  -6.568  16.041  1.00 9.57  ? 130 PRO A N   1 
ATOM   872  C CA  . PRO A 1 108 ? -0.674  -5.202  16.471  1.00 9.32  ? 130 PRO A CA  1 
ATOM   873  C C   . PRO A 1 108 ? 0.417   -4.165  16.313  1.00 9.91  ? 130 PRO A C   1 
ATOM   874  O O   . PRO A 1 108 ? 0.118   -2.968  16.292  1.00 9.08  ? 130 PRO A O   1 
ATOM   875  C CB  . PRO A 1 108 ? -1.013  -5.375  17.966  1.00 9.43  ? 130 PRO A CB  1 
ATOM   876  C CG  . PRO A 1 108 ? -0.257  -6.664  18.359  1.00 9.94  ? 130 PRO A CG  1 
ATOM   877  C CD  . PRO A 1 108 ? -0.364  -7.546  17.146  1.00 10.28 ? 130 PRO A CD  1 
ATOM   878  N N   . GLU A 1 109 ? 1.671   -4.603  16.236  1.00 9.90  ? 131 GLU A N   1 
ATOM   879  C CA  . GLU A 1 109 ? 2.756   -3.641  16.203  1.00 10.89 ? 131 GLU A CA  1 
ATOM   880  C C   . GLU A 1 109 ? 3.514   -3.803  14.888  1.00 10.60 ? 131 GLU A C   1 
ATOM   881  O O   . GLU A 1 109 ? 2.865   -3.878  13.828  1.00 9.68  ? 131 GLU A O   1 
ATOM   882  C CB  . GLU A 1 109 ? 3.589   -3.719  17.495  1.00 12.34 ? 131 GLU A CB  1 
ATOM   883  C CG  . GLU A 1 109 ? 2.663   -3.537  18.702  1.00 15.51 ? 131 GLU A CG  1 
ATOM   884  C CD  . GLU A 1 109 ? 3.366   -3.154  19.958  1.00 21.06 ? 131 GLU A CD  1 
ATOM   885  O OE1 . GLU A 1 109 ? 4.045   -4.042  20.515  1.00 23.94 ? 131 GLU A OE1 1 
ATOM   886  O OE2 . GLU A 1 109 ? 3.205   -1.985  20.404  1.00 25.03 ? 131 GLU A OE2 1 
ATOM   887  N N   . GLU A 1 110 ? 4.844   -3.871  14.927  1.00 11.01 ? 132 GLU A N   1 
ATOM   888  C CA  . GLU A 1 110 ? 5.614   -3.984  13.708  1.00 12.07 ? 132 GLU A CA  1 
ATOM   889  C C   . GLU A 1 110 ? 5.634   -5.430  13.255  1.00 11.52 ? 132 GLU A C   1 
ATOM   890  O O   . GLU A 1 110 ? 5.911   -6.310  14.065  1.00 13.02 ? 132 GLU A O   1 
ATOM   891  C CB  . GLU A 1 110 ? 7.039   -3.466  13.963  1.00 13.55 ? 132 GLU A CB  1 
ATOM   892  C CG  . GLU A 1 110 ? 8.002   -3.628  12.796  1.00 17.84 ? 132 GLU A CG  1 
ATOM   893  C CD  . GLU A 1 110 ? 9.409   -3.195  13.187  1.00 21.83 ? 132 GLU A CD  1 
ATOM   894  O OE1 . GLU A 1 110 ? 10.037  -3.875  14.027  1.00 25.01 ? 132 GLU A OE1 1 
ATOM   895  O OE2 . GLU A 1 110 ? 9.880   -2.170  12.663  1.00 25.54 ? 132 GLU A OE2 1 
ATOM   896  N N   . ASP A 1 111 ? 5.287   -5.679  12.001  1.00 11.19 ? 133 ASP A N   1 
ATOM   897  C CA  . ASP A 1 111 ? 5.400   -6.998  11.403  1.00 11.03 ? 133 ASP A CA  1 
ATOM   898  C C   . ASP A 1 111 ? 6.224   -6.907  10.141  1.00 11.66 ? 133 ASP A C   1 
ATOM   899  O O   . ASP A 1 111 ? 5.733   -6.513  9.060   1.00 10.12 ? 133 ASP A O   1 
ATOM   900  C CB  . ASP A 1 111 ? 4.021   -7.586  11.096  1.00 11.20 ? 133 ASP A CB  1 
ATOM   901  C CG  . ASP A 1 111 ? 4.094   -8.969  10.462  1.00 11.33 ? 133 ASP A CG  1 
ATOM   902  O OD1 . ASP A 1 111 ? 5.191   -9.595  10.467  1.00 13.48 ? 133 ASP A OD1 1 
ATOM   903  O OD2 . ASP A 1 111 ? 3.071   -9.462  9.945   1.00 12.12 ? 133 ASP A OD2 1 
ATOM   904  N N   . CYS A 1 112 ? 7.501   -7.230  10.279  1.00 12.36 ? 134 CYS A N   1 
ATOM   905  C CA  . CYS A 1 112 ? 8.381   -7.121  9.132   1.00 14.13 ? 134 CYS A CA  1 
ATOM   906  C C   . CYS A 1 112 ? 8.650   -8.476  8.525   1.00 13.71 ? 134 CYS A C   1 
ATOM   907  O O   . CYS A 1 112 ? 9.734   -8.697  7.951   1.00 15.25 ? 134 CYS A O   1 
ATOM   908  C CB  . CYS A 1 112 ? 9.683   -6.375  9.480   1.00 15.25 ? 134 CYS A CB  1 
ATOM   909  S SG  . CYS A 1 112 ? 9.469   -4.576  9.533   1.00 17.32 ? 134 CYS A SG  1 
ATOM   910  N N   . THR A 1 113 ? 7.711   -9.406  8.643   1.00 13.16 ? 135 THR A N   1 
ATOM   911  C CA  . THR A 1 113 ? 7.831   -10.653 7.928   1.00 12.53 ? 135 THR A CA  1 
ATOM   912  C C   . THR A 1 113 ? 7.375   -10.385 6.503   1.00 12.71 ? 135 THR A C   1 
ATOM   913  O O   . THR A 1 113 ? 6.710   -9.355  6.243   1.00 13.45 ? 135 THR A O   1 
ATOM   914  C CB  . THR A 1 113 ? 6.982   -11.770 8.544   1.00 12.60 ? 135 THR A CB  1 
ATOM   915  O OG1 . THR A 1 113 ? 5.611   -11.348 8.595   1.00 12.95 ? 135 THR A OG1 1 
ATOM   916  C CG2 . THR A 1 113 ? 7.490   -12.111 9.961   1.00 13.91 ? 135 THR A CG2 1 
ATOM   917  N N   A SER A 1 114 ? 7.741   -11.279 5.587   0.50 12.45 ? 136 SER A N   1 
ATOM   918  N N   B SER A 1 114 ? 7.700   -11.298 5.594   0.50 12.18 ? 136 SER A N   1 
ATOM   919  C CA  A SER A 1 114 ? 7.333   -11.146 4.194   0.50 12.75 ? 136 SER A CA  1 
ATOM   920  C CA  B SER A 1 114 ? 7.362   -11.123 4.188   0.50 12.24 ? 136 SER A CA  1 
ATOM   921  C C   A SER A 1 114 ? 5.849   -11.371 4.014   0.50 12.82 ? 136 SER A C   1 
ATOM   922  C C   B SER A 1 114 ? 5.950   -11.574 3.849   0.50 12.81 ? 136 SER A C   1 
ATOM   923  O O   A SER A 1 114 ? 5.183   -11.974 4.859   0.50 12.91 ? 136 SER A O   1 
ATOM   924  O O   B SER A 1 114 ? 5.429   -12.546 4.426   0.50 13.33 ? 136 SER A O   1 
ATOM   925  C CB  A SER A 1 114 ? 8.113   -12.119 3.305   0.50 13.31 ? 136 SER A CB  1 
ATOM   926  C CB  B SER A 1 114 ? 8.387   -11.848 3.320   0.50 12.04 ? 136 SER A CB  1 
ATOM   927  O OG  A SER A 1 114 ? 9.404   -11.628 2.992   0.50 12.77 ? 136 SER A OG  1 
ATOM   928  O OG  B SER A 1 114 ? 8.597   -13.165 3.792   0.50 10.15 ? 136 SER A OG  1 
ATOM   929  N N   . VAL A 1 115 ? 5.344   -10.853 2.903   1.00 13.02 ? 137 VAL A N   1 
ATOM   930  C CA  . VAL A 1 115 ? 4.002   -11.167 2.400   1.00 14.29 ? 137 VAL A CA  1 
ATOM   931  C C   . VAL A 1 115 ? 4.155   -12.250 1.331   1.00 16.62 ? 137 VAL A C   1 
ATOM   932  O O   . VAL A 1 115 ? 4.917   -12.084 0.381   1.00 15.99 ? 137 VAL A O   1 
ATOM   933  C CB  . VAL A 1 115 ? 3.347   -9.902  1.790   1.00 14.32 ? 137 VAL A CB  1 
ATOM   934  C CG1 . VAL A 1 115 ? 1.967   -10.211 1.233   1.00 14.15 ? 137 VAL A CG1 1 
ATOM   935  C CG2 . VAL A 1 115 ? 3.237   -8.820  2.834   1.00 13.83 ? 137 VAL A CG2 1 
ATOM   936  N N   . THR A 1 116 ? 3.444   -13.371 1.492   1.00 19.56 ? 138 THR A N   1 
ATOM   937  C CA  . THR A 1 116 ? 3.595   -14.526 0.585   1.00 21.98 ? 138 THR A CA  1 
ATOM   938  C C   . THR A 1 116 ? 2.309   -14.953 -0.121  1.00 22.30 ? 138 THR A C   1 
ATOM   939  O O   . THR A 1 116 ? 2.225   -16.072 -0.633  1.00 23.02 ? 138 THR A O   1 
ATOM   940  C CB  . THR A 1 116 ? 4.168   -15.794 1.296   1.00 22.93 ? 138 THR A CB  1 
ATOM   941  O OG1 . THR A 1 116 ? 3.580   -15.924 2.595   1.00 25.86 ? 138 THR A OG1 1 
ATOM   942  C CG2 . THR A 1 116 ? 5.693   -15.744 1.402   1.00 24.30 ? 138 THR A CG2 1 
ATOM   943  N N   . ASP A 1 117 ? 1.303   -14.087 -0.134  1.00 22.89 ? 139 ASP A N   1 
ATOM   944  C CA  . ASP A 1 117 ? 0.057   -14.398 -0.829  1.00 23.64 ? 139 ASP A CA  1 
ATOM   945  C C   . ASP A 1 117 ? -0.679  -13.116 -1.169  1.00 23.01 ? 139 ASP A C   1 
ATOM   946  O O   . ASP A 1 117 ? -0.470  -12.072 -0.548  1.00 22.68 ? 139 ASP A O   1 
ATOM   947  C CB  . ASP A 1 117 ? -0.836  -15.329 0.019   1.00 24.98 ? 139 ASP A CB  1 
ATOM   948  C CG  . ASP A 1 117 ? -1.959  -16.017 -0.798  1.00 27.66 ? 139 ASP A CG  1 
ATOM   949  O OD1 . ASP A 1 117 ? -2.011  -15.920 -2.055  1.00 30.32 ? 139 ASP A OD1 1 
ATOM   950  O OD2 . ASP A 1 117 ? -2.804  -16.669 -0.156  1.00 31.60 ? 139 ASP A OD2 1 
ATOM   951  N N   . LEU A 1 118 ? -1.536  -13.211 -2.175  1.00 21.75 ? 140 LEU A N   1 
ATOM   952  C CA  . LEU A 1 118 ? -2.454  -12.150 -2.524  1.00 20.86 ? 140 LEU A CA  1 
ATOM   953  C C   . LEU A 1 118 ? -3.794  -12.852 -2.473  1.00 20.11 ? 140 LEU A C   1 
ATOM   954  O O   . LEU A 1 118 ? -4.288  -13.337 -3.506  1.00 20.79 ? 140 LEU A O   1 
ATOM   955  C CB  . LEU A 1 118 ? -2.142  -11.654 -3.930  1.00 20.32 ? 140 LEU A CB  1 
ATOM   956  C CG  . LEU A 1 118 ? -2.928  -10.496 -4.537  1.00 20.26 ? 140 LEU A CG  1 
ATOM   957  C CD1 . LEU A 1 118 ? -2.630  -9.194  -3.783  1.00 20.44 ? 140 LEU A CD1 1 
ATOM   958  C CD2 . LEU A 1 118 ? -2.616  -10.338 -6.016  1.00 22.68 ? 140 LEU A CD2 1 
ATOM   959  N N   . PRO A 1 119 ? -4.382  -12.954 -1.270  1.00 19.46 ? 141 PRO A N   1 
ATOM   960  C CA  . PRO A 1 119 ? -5.374  -14.006 -1.054  1.00 19.15 ? 141 PRO A CA  1 
ATOM   961  C C   . PRO A 1 119 ? -6.692  -13.814 -1.788  1.00 18.21 ? 141 PRO A C   1 
ATOM   962  O O   . PRO A 1 119 ? -7.418  -14.788 -2.015  1.00 19.51 ? 141 PRO A O   1 
ATOM   963  C CB  . PRO A 1 119 ? -5.607  -13.978 0.464   1.00 19.13 ? 141 PRO A CB  1 
ATOM   964  C CG  . PRO A 1 119 ? -4.797  -12.859 1.007   1.00 19.84 ? 141 PRO A CG  1 
ATOM   965  C CD  . PRO A 1 119 ? -4.228  -12.066 -0.095  1.00 19.81 ? 141 PRO A CD  1 
ATOM   966  N N   . ASN A 1 120 ? -7.008  -12.582 -2.147  1.00 16.98 ? 142 ASN A N   1 
ATOM   967  C CA  . ASN A 1 120 ? -8.319  -12.257 -2.673  1.00 16.01 ? 142 ASN A CA  1 
ATOM   968  C C   . ASN A 1 120 ? -8.272  -11.738 -4.104  1.00 14.88 ? 142 ASN A C   1 
ATOM   969  O O   . ASN A 1 120 ? -9.188  -11.063 -4.562  1.00 15.87 ? 142 ASN A O   1 
ATOM   970  C CB  . ASN A 1 120 ? -9.006  -11.266 -1.743  1.00 16.87 ? 142 ASN A CB  1 
ATOM   971  C CG  . ASN A 1 120 ? -10.487 -11.317 -1.833  1.00 18.69 ? 142 ASN A CG  1 
ATOM   972  O OD1 . ASN A 1 120 ? -11.079 -12.383 -2.064  1.00 20.94 ? 142 ASN A OD1 1 
ATOM   973  N ND2 . ASN A 1 120 ? -11.123 -10.172 -1.638  1.00 19.01 ? 142 ASN A ND2 1 
ATOM   974  N N   . SER A 1 121 ? -7.186  -12.059 -4.794  1.00 13.95 ? 143 SER A N   1 
ATOM   975  C CA  . SER A 1 121 ? -7.084  -11.829 -6.231  1.00 13.91 ? 143 SER A CA  1 
ATOM   976  C C   . SER A 1 121 ? -8.136  -12.671 -6.960  1.00 13.29 ? 143 SER A C   1 
ATOM   977  O O   . SER A 1 121 ? -8.504  -13.752 -6.479  1.00 14.18 ? 143 SER A O   1 
ATOM   978  C CB  . SER A 1 121 ? -5.679  -12.208 -6.724  1.00 13.97 ? 143 SER A CB  1 
ATOM   979  O OG  . SER A 1 121 ? -5.463  -13.592 -6.608  1.00 17.75 ? 143 SER A OG  1 
ATOM   980  N N   . PHE A 1 122 ? -8.626  -12.191 -8.095  1.00 12.81 ? 144 PHE A N   1 
ATOM   981  C CA  . PHE A 1 122 ? -9.559  -13.032 -8.834  1.00 12.90 ? 144 PHE A CA  1 
ATOM   982  C C   . PHE A 1 122 ? -8.918  -13.636 -10.063 1.00 13.20 ? 144 PHE A C   1 
ATOM   983  O O   . PHE A 1 122 ? -7.765  -13.351 -10.378 1.00 13.51 ? 144 PHE A O   1 
ATOM   984  C CB  . PHE A 1 122 ? -10.926 -12.365 -9.060  1.00 15.03 ? 144 PHE A CB  1 
ATOM   985  C CG  . PHE A 1 122 ? -10.882 -10.984 -9.623  1.00 16.75 ? 144 PHE A CG  1 
ATOM   986  C CD1 . PHE A 1 122 ? -10.771 -10.776 -11.002 1.00 19.79 ? 144 PHE A CD1 1 
ATOM   987  C CD2 . PHE A 1 122 ? -11.049 -9.879  -8.789  1.00 19.04 ? 144 PHE A CD2 1 
ATOM   988  C CE1 . PHE A 1 122 ? -10.778 -9.474  -11.544 1.00 20.53 ? 144 PHE A CE1 1 
ATOM   989  C CE2 . PHE A 1 122 ? -11.053 -8.585  -9.312  1.00 20.86 ? 144 PHE A CE2 1 
ATOM   990  C CZ  . PHE A 1 122 ? -10.903 -8.379  -10.689 1.00 22.08 ? 144 PHE A CZ  1 
ATOM   991  N N   . ASP A 1 123 ? -9.658  -14.519 -10.734 1.00 12.88 ? 145 ASP A N   1 
ATOM   992  C CA  . ASP A 1 123 ? -9.172  -15.160 -11.945 1.00 12.77 ? 145 ASP A CA  1 
ATOM   993  C C   . ASP A 1 123 ? -8.808  -14.090 -12.973 1.00 12.63 ? 145 ASP A C   1 
ATOM   994  O O   . ASP A 1 123 ? -9.537  -13.118 -13.146 1.00 13.87 ? 145 ASP A O   1 
ATOM   995  C CB  . ASP A 1 123 ? -10.258 -16.072 -12.529 1.00 12.84 ? 145 ASP A CB  1 
ATOM   996  C CG  . ASP A 1 123 ? -9.783  -16.802 -13.749 1.00 15.98 ? 145 ASP A CG  1 
ATOM   997  O OD1 . ASP A 1 123 ? -9.096  -17.821 -13.594 1.00 16.36 ? 145 ASP A OD1 1 
ATOM   998  O OD2 . ASP A 1 123 ? -10.068 -16.327 -14.867 1.00 18.59 ? 145 ASP A OD2 1 
ATOM   999  N N   . GLY A 1 124 ? -7.694  -14.290 -13.655 1.00 13.53 ? 146 GLY A N   1 
ATOM   1000 C CA  . GLY A 1 124 ? -7.243  -13.306 -14.627 1.00 14.47 ? 146 GLY A CA  1 
ATOM   1001 C C   . GLY A 1 124 ? -5.979  -13.698 -15.355 1.00 15.03 ? 146 GLY A C   1 
ATOM   1002 O O   . GLY A 1 124 ? -5.341  -14.690 -15.015 1.00 15.37 ? 146 GLY A O   1 
ATOM   1003 N N   . PRO A 1 125 ? -5.595  -12.895 -16.353 1.00 15.65 ? 147 PRO A N   1 
ATOM   1004 C CA  . PRO A 1 125 ? -4.487  -13.238 -17.230 1.00 16.22 ? 147 PRO A CA  1 
ATOM   1005 C C   . PRO A 1 125 ? -3.138  -12.667 -16.793 1.00 16.30 ? 147 PRO A C   1 
ATOM   1006 O O   . PRO A 1 125 ? -2.114  -13.002 -17.396 1.00 16.90 ? 147 PRO A O   1 
ATOM   1007 C CB  . PRO A 1 125 ? -4.891  -12.568 -18.540 1.00 16.84 ? 147 PRO A CB  1 
ATOM   1008 C CG  . PRO A 1 125 ? -5.601  -11.337 -18.103 1.00 17.27 ? 147 PRO A CG  1 
ATOM   1009 C CD  . PRO A 1 125 ? -6.350  -11.730 -16.848 1.00 16.53 ? 147 PRO A CD  1 
ATOM   1010 N N   . VAL A 1 126 ? -3.134  -11.809 -15.776 1.00 15.38 ? 148 VAL A N   1 
ATOM   1011 C CA  . VAL A 1 126 ? -1.921  -11.068 -15.387 1.00 15.55 ? 148 VAL A CA  1 
ATOM   1012 C C   . VAL A 1 126 ? -1.045  -11.860 -14.450 1.00 14.65 ? 148 VAL A C   1 
ATOM   1013 O O   . VAL A 1 126 ? -1.516  -12.440 -13.484 1.00 15.11 ? 148 VAL A O   1 
ATOM   1014 C CB  . VAL A 1 126 ? -2.311  -9.737  -14.703 1.00 15.62 ? 148 VAL A CB  1 
ATOM   1015 C CG1 . VAL A 1 126 ? -1.079  -8.886  -14.377 1.00 16.71 ? 148 VAL A CG1 1 
ATOM   1016 C CG2 . VAL A 1 126 ? -3.286  -8.965  -15.575 1.00 16.70 ? 148 VAL A CG2 1 
ATOM   1017 N N   . THR A 1 127 ? 0.246   -11.872 -14.722 1.00 14.22 ? 149 THR A N   1 
ATOM   1018 C CA  . THR A 1 127 ? 1.199   -12.395 -13.755 1.00 14.44 ? 149 THR A CA  1 
ATOM   1019 C C   . THR A 1 127 ? 1.455   -11.300 -12.715 1.00 13.12 ? 149 THR A C   1 
ATOM   1020 O O   . THR A 1 127 ? 2.013   -10.251 -13.020 1.00 13.78 ? 149 THR A O   1 
ATOM   1021 C CB  . THR A 1 127 ? 2.511   -12.817 -14.432 1.00 14.97 ? 149 THR A CB  1 
ATOM   1022 O OG1 . THR A 1 127 ? 2.219   -13.863 -15.368 1.00 18.30 ? 149 THR A OG1 1 
ATOM   1023 C CG2 . THR A 1 127 ? 3.506   -13.345 -13.415 1.00 16.51 ? 149 THR A CG2 1 
ATOM   1024 N N   . ILE A 1 128 ? 0.987   -11.531 -11.501 1.00 12.17 ? 150 ILE A N   1 
ATOM   1025 C CA  . ILE A 1 128 ? 1.138   -10.561 -10.418 1.00 11.63 ? 150 ILE A CA  1 
ATOM   1026 C C   . ILE A 1 128 ? 2.224   -11.035 -9.477  1.00 11.14 ? 150 ILE A C   1 
ATOM   1027 O O   . ILE A 1 128 ? 2.134   -12.128 -8.929  1.00 11.39 ? 150 ILE A O   1 
ATOM   1028 C CB  . ILE A 1 128 ? -0.197  -10.387 -9.668  1.00 12.13 ? 150 ILE A CB  1 
ATOM   1029 C CG1 . ILE A 1 128 ? -1.283  -9.889  -10.622 1.00 13.33 ? 150 ILE A CG1 1 
ATOM   1030 C CG2 . ILE A 1 128 ? -0.061  -9.376  -8.518  1.00 12.60 ? 150 ILE A CG2 1 
ATOM   1031 C CD1 . ILE A 1 128 ? -2.708  -10.128 -10.091 1.00 16.15 ? 150 ILE A CD1 1 
ATOM   1032 N N   . THR A 1 129 ? 3.244   -10.207 -9.257  1.00 9.85  ? 151 THR A N   1 
ATOM   1033 C CA  . THR A 1 129 ? 4.312   -10.579 -8.351  1.00 10.79 ? 151 THR A CA  1 
ATOM   1034 C C   . THR A 1 129 ? 4.333   -9.651  -7.145  1.00 9.72  ? 151 THR A C   1 
ATOM   1035 O O   . THR A 1 129 ? 4.399   -8.411  -7.297  1.00 10.28 ? 151 THR A O   1 
ATOM   1036 C CB  . THR A 1 129 ? 5.682   -10.561 -9.086  1.00 11.07 ? 151 THR A CB  1 
ATOM   1037 O OG1 . THR A 1 129 ? 5.606   -11.429 -10.238 1.00 13.08 ? 151 THR A OG1 1 
ATOM   1038 C CG2 . THR A 1 129 ? 6.797   -11.047 -8.193  1.00 11.01 ? 151 THR A CG2 1 
ATOM   1039 N N   A ILE A 1 130 ? 4.221   -10.242 -5.960  0.50 8.98  ? 152 ILE A N   1 
ATOM   1040 N N   B ILE A 1 130 ? 4.248   -10.246 -5.962  0.50 9.04  ? 152 ILE A N   1 
ATOM   1041 C CA  A ILE A 1 130 ? 4.465   -9.524  -4.717  0.50 8.87  ? 152 ILE A CA  1 
ATOM   1042 C CA  B ILE A 1 130 ? 4.468   -9.531  -4.718  0.50 8.95  ? 152 ILE A CA  1 
ATOM   1043 C C   A ILE A 1 130 ? 5.959   -9.517  -4.502  0.50 8.52  ? 152 ILE A C   1 
ATOM   1044 C C   B ILE A 1 130 ? 5.951   -9.528  -4.419  0.50 8.59  ? 152 ILE A C   1 
ATOM   1045 O O   A ILE A 1 130 ? 6.601   -10.579 -4.546  0.50 8.00  ? 152 ILE A O   1 
ATOM   1046 O O   B ILE A 1 130 ? 6.575   -10.602 -4.311  0.50 8.04  ? 152 ILE A O   1 
ATOM   1047 C CB  A ILE A 1 130 ? 3.805   -10.223 -3.517  0.50 9.76  ? 152 ILE A CB  1 
ATOM   1048 C CB  B ILE A 1 130 ? 3.747   -10.221 -3.564  0.50 9.84  ? 152 ILE A CB  1 
ATOM   1049 C CG1 A ILE A 1 130 ? 2.343   -10.542 -3.847  0.50 10.47 ? 152 ILE A CG1 1 
ATOM   1050 C CG1 B ILE A 1 130 ? 2.244   -9.947  -3.667  0.50 10.72 ? 152 ILE A CG1 1 
ATOM   1051 C CG2 A ILE A 1 130 ? 3.925   -9.347  -2.267  0.50 10.26 ? 152 ILE A CG2 1 
ATOM   1052 C CG2 B ILE A 1 130 ? 4.315   -9.758  -2.233  0.50 10.34 ? 152 ILE A CG2 1 
ATOM   1053 C CD1 A ILE A 1 130 ? 1.631   -9.377  -4.494  0.50 11.85 ? 152 ILE A CD1 1 
ATOM   1054 C CD1 B ILE A 1 130 ? 1.434   -10.777 -2.753  0.50 11.51 ? 152 ILE A CD1 1 
ATOM   1055 N N   . VAL A 1 131 ? 6.515   -8.330  -4.279  1.00 7.79  ? 153 VAL A N   1 
ATOM   1056 C CA  . VAL A 1 131 ? 7.948   -8.165  -4.030  1.00 7.58  ? 153 VAL A CA  1 
ATOM   1057 C C   . VAL A 1 131 ? 8.151   -7.552  -2.663  1.00 8.13  ? 153 VAL A C   1 
ATOM   1058 O O   . VAL A 1 131 ? 7.668   -6.455  -2.391  1.00 7.89  ? 153 VAL A O   1 
ATOM   1059 C CB  . VAL A 1 131 ? 8.590   -7.262  -5.111  1.00 7.12  ? 153 VAL A CB  1 
ATOM   1060 C CG1 . VAL A 1 131 ? 10.107  -7.264  -4.973  1.00 9.26  ? 153 VAL A CG1 1 
ATOM   1061 C CG2 . VAL A 1 131 ? 8.218   -7.732  -6.514  1.00 9.16  ? 153 VAL A CG2 1 
ATOM   1062 N N   . ASN A 1 132 ? 8.789   -8.288  -1.769  1.00 6.70  ? 154 ASN A N   1 
ATOM   1063 C CA  . ASN A 1 132 ? 9.112   -7.793  -0.461  1.00 7.27  ? 154 ASN A CA  1 
ATOM   1064 C C   . ASN A 1 132 ? 10.378  -6.984  -0.469  1.00 7.41  ? 154 ASN A C   1 
ATOM   1065 O O   . ASN A 1 132 ? 11.196  -7.104  -1.393  1.00 6.95  ? 154 ASN A O   1 
ATOM   1066 C CB  . ASN A 1 132 ? 9.201   -8.974  0.487   1.00 7.76  ? 154 ASN A CB  1 
ATOM   1067 C CG  . ASN A 1 132 ? 7.849   -9.598  0.721   1.00 7.75  ? 154 ASN A CG  1 
ATOM   1068 O OD1 . ASN A 1 132 ? 7.049   -9.098  1.544   1.00 8.52  ? 154 ASN A OD1 1 
ATOM   1069 N ND2 . ASN A 1 132 ? 7.527   -10.639 -0.014  1.00 8.28  ? 154 ASN A ND2 1 
ATOM   1070 N N   . ARG A 1 133 ? 10.600  -6.166  0.544   1.00 7.55  ? 155 ARG A N   1 
ATOM   1071 C CA  . ARG A 1 133 ? 11.779  -5.306  0.587   1.00 8.54  ? 155 ARG A CA  1 
ATOM   1072 C C   . ARG A 1 133 ? 13.062  -6.135  0.678   1.00 7.64  ? 155 ARG A C   1 
ATOM   1073 O O   . ARG A 1 133 ? 14.108  -5.720  0.165   1.00 8.19  ? 155 ARG A O   1 
ATOM   1074 C CB  . ARG A 1 133 ? 11.668  -4.246  1.709   1.00 9.43  ? 155 ARG A CB  1 
ATOM   1075 C CG  . ARG A 1 133 ? 12.783  -3.169  1.794   1.00 10.13 ? 155 ARG A CG  1 
ATOM   1076 C CD  . ARG A 1 133 ? 12.988  -2.306  0.553   1.00 14.12 ? 155 ARG A CD  1 
ATOM   1077 N NE  . ARG A 1 133 ? 13.661  -3.022  -0.541  1.00 15.42 ? 155 ARG A NE  1 
ATOM   1078 C CZ  . ARG A 1 133 ? 14.142  -2.458  -1.643  1.00 14.44 ? 155 ARG A CZ  1 
ATOM   1079 N NH1 . ARG A 1 133 ? 14.113  -1.143  -1.810  1.00 17.28 ? 155 ARG A NH1 1 
ATOM   1080 N NH2 . ARG A 1 133 ? 14.718  -3.222  -2.558  1.00 15.78 ? 155 ARG A NH2 1 
ATOM   1081 N N   . ASP A 1 134 ? 12.996  -7.322  1.278   1.00 8.19  ? 156 ASP A N   1 
ATOM   1082 C CA  . ASP A 1 134 ? 14.151  -8.226  1.319   1.00 8.28  ? 156 ASP A CA  1 
ATOM   1083 C C   . ASP A 1 134 ? 14.291  -9.044  0.046   1.00 8.38  ? 156 ASP A C   1 
ATOM   1084 O O   . ASP A 1 134 ? 15.165  -9.911  -0.011  1.00 9.23  ? 156 ASP A O   1 
ATOM   1085 C CB  . ASP A 1 134 ? 14.123  -9.156  2.545   1.00 9.57  ? 156 ASP A CB  1 
ATOM   1086 C CG  . ASP A 1 134 ? 13.027  -10.224 2.463   1.00 8.38  ? 156 ASP A CG  1 
ATOM   1087 O OD1 . ASP A 1 134 ? 12.290  -10.332 1.462   1.00 10.48 ? 156 ASP A OD1 1 
ATOM   1088 O OD2 . ASP A 1 134 ? 12.907  -10.966 3.472   1.00 10.66 ? 156 ASP A OD2 1 
ATOM   1089 N N   . GLY A 1 135 ? 13.452  -8.803  -0.955  1.00 7.95  ? 157 GLY A N   1 
ATOM   1090 C CA  . GLY A 1 135 ? 13.621  -9.435  -2.260  1.00 7.94  ? 157 GLY A CA  1 
ATOM   1091 C C   . GLY A 1 135 ? 12.770  -10.662 -2.496  1.00 7.60  ? 157 GLY A C   1 
ATOM   1092 O O   . GLY A 1 135 ? 12.570  -11.108 -3.610  1.00 8.57  ? 157 GLY A O   1 
ATOM   1093 N N   A THR A 1 136 ? 12.260  -11.198 -1.377  0.50 7.41  ? 158 THR A N   1 
ATOM   1094 N N   B THR A 1 136 ? 12.246  -11.241 -1.429  0.50 7.81  ? 158 THR A N   1 
ATOM   1095 C CA  A THR A 1 136 ? 11.391  -12.368 -1.380  0.50 7.71  ? 158 THR A CA  1 
ATOM   1096 C CA  B THR A 1 136 ? 11.496  -12.458 -1.638  0.50 8.54  ? 158 THR A CA  1 
ATOM   1097 C C   A THR A 1 136 ? 10.211  -12.080 -2.299  0.50 8.02  ? 158 THR A C   1 
ATOM   1098 C C   B THR A 1 136 ? 10.212  -12.152 -2.390  0.50 8.65  ? 158 THR A C   1 
ATOM   1099 O O   A THR A 1 136 ? 9.570   -11.029 -2.189  0.50 7.92  ? 158 THR A O   1 
ATOM   1100 O O   B THR A 1 136 ? 9.541   -11.148 -2.129  0.50 8.56  ? 158 THR A O   1 
ATOM   1101 C CB  A THR A 1 136 ? 10.889  -12.757 0.050   0.50 8.18  ? 158 THR A CB  1 
ATOM   1102 C CB  B THR A 1 136 ? 11.257  -13.197 -0.344  0.50 8.95  ? 158 THR A CB  1 
ATOM   1103 O OG1 A THR A 1 136 ? 12.001  -13.028 0.915   0.50 7.79  ? 158 THR A OG1 1 
ATOM   1104 O OG1 B THR A 1 136 ? 10.544  -12.338 0.541   0.50 8.46  ? 158 THR A OG1 1 
ATOM   1105 C CG2 A THR A 1 136 ? 10.029  -13.987 -0.032  0.50 9.38  ? 158 THR A CG2 1 
ATOM   1106 C CG2 B THR A 1 136 ? 12.597  -13.589 0.284   0.50 9.64  ? 158 THR A CG2 1 
ATOM   1107 N N   A ARG A 1 137 ? 9.910   -13.029 -3.187  0.50 8.76  ? 159 ARG A N   1 
ATOM   1108 N N   B ARG A 1 137 ? 9.875   -13.047 -3.315  0.50 9.06  ? 159 ARG A N   1 
ATOM   1109 C CA  A ARG A 1 137 ? 8.823   -12.885 -4.149  0.50 9.59  ? 159 ARG A CA  1 
ATOM   1110 C CA  B ARG A 1 137 ? 8.786   -12.845 -4.247  0.50 9.70  ? 159 ARG A CA  1 
ATOM   1111 C C   A ARG A 1 137 ? 7.795   -13.989 -4.029  0.50 10.15 ? 159 ARG A C   1 
ATOM   1112 C C   B ARG A 1 137 ? 7.843   -14.013 -4.259  0.50 10.27 ? 159 ARG A C   1 
ATOM   1113 O O   A ARG A 1 137 ? 8.101   -15.082 -3.542  0.50 10.62 ? 159 ARG A O   1 
ATOM   1114 O O   B ARG A 1 137 ? 8.257   -15.176 -4.121  0.50 10.74 ? 159 ARG A O   1 
ATOM   1115 C CB  A ARG A 1 137 ? 9.349   -12.832 -5.592  0.50 10.35 ? 159 ARG A CB  1 
ATOM   1116 C CB  B ARG A 1 137 ? 9.308   -12.672 -5.670  0.50 10.36 ? 159 ARG A CB  1 
ATOM   1117 C CG  A ARG A 1 137 ? 9.880   -11.456 -5.975  0.50 10.73 ? 159 ARG A CG  1 
ATOM   1118 C CG  B ARG A 1 137 ? 10.239  -11.499 -5.842  0.50 9.67  ? 159 ARG A CG  1 
ATOM   1119 C CD  A ARG A 1 137 ? 10.641  -11.422 -7.314  0.50 11.68 ? 159 ARG A CD  1 
ATOM   1120 C CD  B ARG A 1 137 ? 10.828  -11.496 -7.252  0.50 8.75  ? 159 ARG A CD  1 
ATOM   1121 N NE  A ARG A 1 137 ? 11.311  -10.139 -7.486  0.50 12.47 ? 159 ARG A NE  1 
ATOM   1122 N NE  B ARG A 1 137 ? 11.111  -10.162 -7.759  0.50 8.72  ? 159 ARG A NE  1 
ATOM   1123 C CZ  A ARG A 1 137 ? 11.048  -9.264  -8.450  0.50 11.87 ? 159 ARG A CZ  1 
ATOM   1124 C CZ  B ARG A 1 137 ? 12.047  -9.365  -7.257  0.50 6.01  ? 159 ARG A CZ  1 
ATOM   1125 N NH1 A ARG A 1 137 ? 10.153  -9.528  -9.406  0.50 12.54 ? 159 ARG A NH1 1 
ATOM   1126 N NH1 B ARG A 1 137 ? 12.249  -8.161  -7.808  0.50 9.06  ? 159 ARG A NH1 1 
ATOM   1127 N NH2 A ARG A 1 137 ? 11.735  -8.133  -8.474  0.50 10.84 ? 159 ARG A NH2 1 
ATOM   1128 N NH2 B ARG A 1 137 ? 12.802  -9.766  -6.226  0.50 8.44  ? 159 ARG A NH2 1 
ATOM   1129 N N   . TYR A 1 138 ? 6.576   -13.678 -4.470  1.00 11.10 ? 160 TYR A N   1 
ATOM   1130 C CA  . TYR A 1 138 ? 5.505   -14.653 -4.651  1.00 12.73 ? 160 TYR A CA  1 
ATOM   1131 C C   . TYR A 1 138 ? 4.763   -14.202 -5.899  1.00 14.35 ? 160 TYR A C   1 
ATOM   1132 O O   . TYR A 1 138 ? 4.363   -13.033 -6.007  1.00 14.44 ? 160 TYR A O   1 
ATOM   1133 C CB  . TYR A 1 138 ? 4.567   -14.668 -3.429  1.00 14.20 ? 160 TYR A CB  1 
ATOM   1134 C CG  . TYR A 1 138 ? 3.258   -15.384 -3.704  1.00 17.36 ? 160 TYR A CG  1 
ATOM   1135 C CD1 . TYR A 1 138 ? 3.189   -16.778 -3.712  1.00 20.90 ? 160 TYR A CD1 1 
ATOM   1136 C CD2 . TYR A 1 138 ? 2.086   -14.664 -3.969  1.00 18.69 ? 160 TYR A CD2 1 
ATOM   1137 C CE1 . TYR A 1 138 ? 1.979   -17.447 -3.985  1.00 21.43 ? 160 TYR A CE1 1 
ATOM   1138 C CE2 . TYR A 1 138 ? 0.881   -15.321 -4.246  1.00 19.34 ? 160 TYR A CE2 1 
ATOM   1139 C CZ  . TYR A 1 138 ? 0.824   -16.712 -4.247  1.00 20.52 ? 160 TYR A CZ  1 
ATOM   1140 O OH  . TYR A 1 138 ? -0.382  -17.359 -4.519  1.00 21.60 ? 160 TYR A OH  1 
ATOM   1141 N N   . SER A 1 139 ? 4.528   -15.126 -6.820  1.00 15.39 ? 161 SER A N   1 
ATOM   1142 C CA  . SER A 1 139 ? 3.829   -14.809 -8.057  1.00 16.09 ? 161 SER A CA  1 
ATOM   1143 C C   . SER A 1 139 ? 2.574   -15.662 -8.220  1.00 17.08 ? 161 SER A C   1 
ATOM   1144 O O   . SER A 1 139 ? 2.503   -16.800 -7.737  1.00 17.14 ? 161 SER A O   1 
ATOM   1145 C CB  . SER A 1 139 ? 4.726   -15.018 -9.286  1.00 17.29 ? 161 SER A CB  1 
ATOM   1146 O OG  . SER A 1 139 ? 5.839   -14.141 -9.299  1.00 20.15 ? 161 SER A OG  1 
ATOM   1147 N N   . LYS A 1 140 ? 1.584   -15.085 -8.881  1.00 16.13 ? 162 LYS A N   1 
ATOM   1148 C CA  . LYS A 1 140 ? 0.389   -15.820 -9.257  1.00 17.42 ? 162 LYS A CA  1 
ATOM   1149 C C   . LYS A 1 140 ? -0.253  -15.157 -10.457 1.00 17.34 ? 162 LYS A C   1 
ATOM   1150 O O   . LYS A 1 140 ? -0.063  -13.967 -10.704 1.00 17.45 ? 162 LYS A O   1 
ATOM   1151 C CB  . LYS A 1 140 ? -0.586  -15.882 -8.091  1.00 18.02 ? 162 LYS A CB  1 
ATOM   1152 C CG  . LYS A 1 140 ? -1.243  -14.559 -7.723  1.00 19.03 ? 162 LYS A CG  1 
ATOM   1153 C CD  . LYS A 1 140 ? -1.983  -14.644 -6.400  1.00 22.05 ? 162 LYS A CD  1 
ATOM   1154 C CE  . LYS A 1 140 ? -3.097  -15.694 -6.441  1.00 22.62 ? 162 LYS A CE  1 
ATOM   1155 N NZ  . LYS A 1 140 ? -3.992  -15.651 -5.248  1.00 24.96 ? 162 LYS A NZ  1 
ATOM   1156 N N   . LYS A 1 141 ? -1.009  -15.946 -11.207 1.00 16.73 ? 163 LYS A N   1 
ATOM   1157 C CA  . LYS A 1 141 ? -1.828  -15.444 -12.286 1.00 16.30 ? 163 LYS A CA  1 
ATOM   1158 C C   . LYS A 1 141 ? -3.170  -14.986 -11.720 1.00 15.22 ? 163 LYS A C   1 
ATOM   1159 O O   . LYS A 1 141 ? -3.811  -15.701 -10.937 1.00 16.66 ? 163 LYS A O   1 
ATOM   1160 C CB  . LYS A 1 141 ? -2.050  -16.542 -13.333 1.00 17.52 ? 163 LYS A CB  1 
ATOM   1161 C CG  . LYS A 1 141 ? -2.345  -16.027 -14.718 1.00 21.09 ? 163 LYS A CG  1 
ATOM   1162 C CD  . LYS A 1 141 ? -2.500  -17.167 -15.745 1.00 24.95 ? 163 LYS A CD  1 
ATOM   1163 C CE  . LYS A 1 141 ? -3.700  -18.091 -15.452 1.00 27.42 ? 163 LYS A CE  1 
ATOM   1164 N NZ  . LYS A 1 141 ? -5.018  -17.491 -15.813 1.00 28.92 ? 163 LYS A NZ  1 
ATOM   1165 N N   . GLY A 1 142 ? -3.593  -13.788 -12.102 1.00 13.81 ? 164 GLY A N   1 
ATOM   1166 C CA  . GLY A 1 142 ? -4.876  -13.254 -11.663 1.00 13.72 ? 164 GLY A CA  1 
ATOM   1167 C C   . GLY A 1 142 ? -5.196  -11.864 -12.164 1.00 13.15 ? 164 GLY A C   1 
ATOM   1168 O O   . GLY A 1 142 ? -4.672  -11.393 -13.183 1.00 14.39 ? 164 GLY A O   1 
ATOM   1169 N N   . GLU A 1 143 ? -6.095  -11.210 -11.453 1.00 12.89 ? 165 GLU A N   1 
ATOM   1170 C CA  . GLU A 1 143 ? -6.459  -9.830  -11.730 1.00 13.15 ? 165 GLU A CA  1 
ATOM   1171 C C   . GLU A 1 143 ? -6.985  -9.290  -10.409 1.00 13.06 ? 165 GLU A C   1 
ATOM   1172 O O   . GLU A 1 143 ? -7.404  -10.079 -9.537  1.00 13.61 ? 165 GLU A O   1 
ATOM   1173 C CB  . GLU A 1 143 ? -7.518  -9.757  -12.841 1.00 13.26 ? 165 GLU A CB  1 
ATOM   1174 C CG  . GLU A 1 143 ? -8.030  -8.344  -13.179 1.00 15.51 ? 165 GLU A CG  1 
ATOM   1175 C CD  . GLU A 1 143 ? -6.922  -7.378  -13.581 1.00 18.26 ? 165 GLU A CD  1 
ATOM   1176 O OE1 . GLU A 1 143 ? -6.524  -7.369  -14.762 1.00 19.72 ? 165 GLU A OE1 1 
ATOM   1177 O OE2 . GLU A 1 143 ? -6.427  -6.606  -12.714 1.00 16.54 ? 165 GLU A OE2 1 
ATOM   1178 N N   . TYR A 1 144 ? -6.978  -7.971  -10.255 1.00 12.98 ? 166 TYR A N   1 
ATOM   1179 C CA  . TYR A 1 144 ? -7.597  -7.347  -9.093  1.00 13.15 ? 166 TYR A CA  1 
ATOM   1180 C C   . TYR A 1 144 ? -8.393  -6.100  -9.467  1.00 13.65 ? 166 TYR A C   1 
ATOM   1181 O O   . TYR A 1 144 ? -9.169  -5.621  -8.653  1.00 12.48 ? 166 TYR A O   1 
ATOM   1182 C CB  . TYR A 1 144 ? -6.556  -7.010  -7.994  1.00 12.55 ? 166 TYR A CB  1 
ATOM   1183 C CG  . TYR A 1 144 ? -5.532  -5.999  -8.452  1.00 13.32 ? 166 TYR A CG  1 
ATOM   1184 C CD1 . TYR A 1 144 ? -5.763  -4.612  -8.314  1.00 12.97 ? 166 TYR A CD1 1 
ATOM   1185 C CD2 . TYR A 1 144 ? -4.346  -6.415  -9.041  1.00 13.92 ? 166 TYR A CD2 1 
ATOM   1186 C CE1 . TYR A 1 144 ? -4.811  -3.675  -8.777  1.00 14.09 ? 166 TYR A CE1 1 
ATOM   1187 C CE2 . TYR A 1 144 ? -3.404  -5.490  -9.504  1.00 16.51 ? 166 TYR A CE2 1 
ATOM   1188 C CZ  . TYR A 1 144 ? -3.648  -4.131  -9.360  1.00 15.07 ? 166 TYR A CZ  1 
ATOM   1189 O OH  . TYR A 1 144 ? -2.710  -3.232  -9.816  1.00 16.93 ? 166 TYR A OH  1 
ATOM   1190 N N   . ARG A 1 145 ? -8.230  -5.597  -10.692 1.00 14.89 ? 167 ARG A N   1 
ATOM   1191 C CA  . ARG A 1 145 ? -8.873  -4.344  -11.108 1.00 16.82 ? 167 ARG A CA  1 
ATOM   1192 C C   . ARG A 1 145 ? -10.301 -4.598  -11.582 1.00 18.03 ? 167 ARG A C   1 
ATOM   1193 O O   . ARG A 1 145 ? -10.525 -5.449  -12.440 1.00 19.53 ? 167 ARG A O   1 
ATOM   1194 C CB  . ARG A 1 145 ? -8.056  -3.658  -12.207 1.00 17.10 ? 167 ARG A CB  1 
ATOM   1195 C CG  . ARG A 1 145 ? -6.663  -3.259  -11.746 1.00 15.90 ? 167 ARG A CG  1 
ATOM   1196 C CD  . ARG A 1 145 ? -5.683  -3.015  -12.896 1.00 18.63 ? 167 ARG A CD  1 
ATOM   1197 N NE  . ARG A 1 145 ? -5.433  -4.222  -13.690 1.00 19.48 ? 167 ARG A NE  1 
ATOM   1198 C CZ  . ARG A 1 145 ? -4.673  -4.261  -14.780 1.00 20.20 ? 167 ARG A CZ  1 
ATOM   1199 N NH1 . ARG A 1 145 ? -4.056  -3.163  -15.211 1.00 20.91 ? 167 ARG A NH1 1 
ATOM   1200 N NH2 . ARG A 1 145 ? -4.518  -5.405  -15.434 1.00 22.09 ? 167 ARG A NH2 1 
ATOM   1201 N N   . THR A 1 146 ? -11.255 -3.876  -11.009 1.00 18.90 ? 168 THR A N   1 
ATOM   1202 C CA  . THR A 1 146 ? -12.671 -4.052  -11.345 1.00 21.30 ? 168 THR A CA  1 
ATOM   1203 C C   . THR A 1 146 ? -13.195 -2.916  -12.224 1.00 22.29 ? 168 THR A C   1 
ATOM   1204 O O   . THR A 1 146 ? -14.335 -2.973  -12.699 1.00 23.60 ? 168 THR A O   1 
ATOM   1205 C CB  . THR A 1 146 ? -13.556 -4.163  -10.086 1.00 21.47 ? 168 THR A CB  1 
ATOM   1206 O OG1 . THR A 1 146 ? -13.665 -2.877  -9.466  1.00 21.65 ? 168 THR A OG1 1 
ATOM   1207 C CG2 . THR A 1 146 ? -12.997 -5.203  -9.098  1.00 22.56 ? 168 THR A CG2 1 
ATOM   1208 N N   . HIS A 1 147 ? -12.379 -1.884  -12.436 1.00 23.08 ? 169 HIS A N   1 
ATOM   1209 C CA  . HIS A 1 147 ? -12.763 -0.743  -13.278 1.00 24.57 ? 169 HIS A CA  1 
ATOM   1210 C C   . HIS A 1 147 ? -11.968 -0.740  -14.578 1.00 25.43 ? 169 HIS A C   1 
ATOM   1211 O O   . HIS A 1 147 ? -10.733 -0.768  -14.558 1.00 25.42 ? 169 HIS A O   1 
ATOM   1212 C CB  . HIS A 1 147 ? -12.543 0.580   -12.544 1.00 24.53 ? 169 HIS A CB  1 
ATOM   1213 C CG  . HIS A 1 147 ? -13.408 0.760   -11.335 1.00 25.60 ? 169 HIS A CG  1 
ATOM   1214 N ND1 . HIS A 1 147 ? -13.104 0.208   -10.108 1.00 27.64 ? 169 HIS A ND1 1 
ATOM   1215 C CD2 . HIS A 1 147 ? -14.562 1.449   -11.162 1.00 26.84 ? 169 HIS A CD2 1 
ATOM   1216 C CE1 . HIS A 1 147 ? -14.035 0.546   -9.233  1.00 27.48 ? 169 HIS A CE1 1 
ATOM   1217 N NE2 . HIS A 1 147 ? -14.929 1.302   -9.847  1.00 28.78 ? 169 HIS A NE2 1 
ATOM   1218 N N   . GLN A 1 148 ? -12.676 -0.690  -15.707 1.00 26.74 ? 170 GLN A N   1 
ATOM   1219 C CA  . GLN A 1 148 ? -12.053 -0.765  -17.036 1.00 27.66 ? 170 GLN A CA  1 
ATOM   1220 C C   . GLN A 1 148 ? -11.046 0.363   -17.303 1.00 28.00 ? 170 GLN A C   1 
ATOM   1221 O O   . GLN A 1 148 ? -9.999  0.134   -17.927 1.00 28.24 ? 170 GLN A O   1 
ATOM   1222 C CB  . GLN A 1 148 ? -13.135 -0.819  -18.132 1.00 28.21 ? 170 GLN A CB  1 
ATOM   1223 C CG  . GLN A 1 148 ? -12.637 -1.240  -19.522 1.00 29.73 ? 170 GLN A CG  1 
ATOM   1224 C CD  . GLN A 1 148 ? -11.835 -2.534  -19.509 1.00 32.07 ? 170 GLN A CD  1 
ATOM   1225 O OE1 . GLN A 1 148 ? -12.289 -3.562  -18.999 1.00 34.39 ? 170 GLN A OE1 1 
ATOM   1226 N NE2 . GLN A 1 148 ? -10.634 -2.488  -20.076 1.00 32.56 ? 170 GLN A NE2 1 
ATOM   1227 N N   . GLU A 1 149 ? -11.350 1.561   -16.801 1.00 28.38 ? 171 GLU A N   1 
ATOM   1228 C CA  . GLU A 1 149 ? -10.462 2.725   -16.937 1.00 29.06 ? 171 GLU A CA  1 
ATOM   1229 C C   . GLU A 1 149 ? -9.092  2.523   -16.275 1.00 28.74 ? 171 GLU A C   1 
ATOM   1230 O O   . GLU A 1 149 ? -8.130  3.221   -16.596 1.00 29.09 ? 171 GLU A O   1 
ATOM   1231 C CB  . GLU A 1 149 ? -11.128 4.002   -16.406 1.00 29.28 ? 171 GLU A CB  1 
ATOM   1232 C CG  . GLU A 1 149 ? -11.555 3.941   -14.928 1.00 31.06 ? 171 GLU A CG  1 
ATOM   1233 C CD  . GLU A 1 149 ? -13.001 3.501   -14.739 1.00 32.99 ? 171 GLU A CD  1 
ATOM   1234 O OE1 . GLU A 1 149 ? -13.434 2.523   -15.391 1.00 34.50 ? 171 GLU A OE1 1 
ATOM   1235 O OE2 . GLU A 1 149 ? -13.705 4.149   -13.933 1.00 34.47 ? 171 GLU A OE2 1 
ATOM   1236 N N   . ASP A 1 150 ? -9.004  1.561   -15.362 1.00 28.18 ? 172 ASP A N   1 
ATOM   1237 C CA  . ASP A 1 150 ? -7.736  1.257   -14.692 1.00 27.78 ? 172 ASP A CA  1 
ATOM   1238 C C   . ASP A 1 150 ? -6.876  0.238   -15.435 1.00 28.71 ? 172 ASP A C   1 
ATOM   1239 O O   . ASP A 1 150 ? -5.691  0.094   -15.140 1.00 29.37 ? 172 ASP A O   1 
ATOM   1240 C CB  . ASP A 1 150 ? -7.987  0.803   -13.253 1.00 26.50 ? 172 ASP A CB  1 
ATOM   1241 C CG  . ASP A 1 150 ? -8.540  1.910   -12.383 1.00 24.44 ? 172 ASP A CG  1 
ATOM   1242 O OD1 . ASP A 1 150 ? -8.194  3.091   -12.609 1.00 22.17 ? 172 ASP A OD1 1 
ATOM   1243 O OD2 . ASP A 1 150 ? -9.324  1.598   -11.469 1.00 17.94 ? 172 ASP A OD2 1 
ATOM   1244 N N   . ILE A 1 151 ? -7.469  -0.453  -16.403 1.00 29.25 ? 173 ILE A N   1 
ATOM   1245 C CA  . ILE A 1 151 ? -6.743  -1.463  -17.166 1.00 29.86 ? 173 ILE A CA  1 
ATOM   1246 C C   . ILE A 1 151 ? -6.304  -0.935  -18.529 1.00 30.21 ? 173 ILE A C   1 
ATOM   1247 O O   . ILE A 1 151 ? -5.145  -0.557  -18.703 1.00 30.96 ? 173 ILE A O   1 
ATOM   1248 C CB  . ILE A 1 151 ? -7.569  -2.754  -17.324 1.00 29.86 ? 173 ILE A CB  1 
ATOM   1249 C CG1 . ILE A 1 151 ? -8.058  -3.231  -15.950 1.00 28.86 ? 173 ILE A CG1 1 
ATOM   1250 C CG2 . ILE A 1 151 ? -6.745  -3.831  -18.051 1.00 30.19 ? 173 ILE A CG2 1 
ATOM   1251 C CD1 . ILE A 1 151 ? -9.182  -4.240  -15.989 1.00 27.94 ? 173 ILE A CD1 1 
HETATM 1252 C CAJ . 4X8 B 2 .   ? 11.478  0.757   -3.386  1.00 19.13 ? 201 4X8 A CAJ 1 
HETATM 1253 C CAI . 4X8 B 2 .   ? 11.411  -0.648  -3.989  1.00 19.54 ? 201 4X8 A CAI 1 
HETATM 1254 C CAQ . 4X8 B 2 .   ? 10.779  -1.579  -3.138  1.00 16.54 ? 201 4X8 A CAQ 1 
HETATM 1255 C CAG . 4X8 B 2 .   ? 10.922  -2.944  -3.421  1.00 17.53 ? 201 4X8 A CAG 1 
HETATM 1256 C CAD . 4X8 B 2 .   ? 10.316  -3.919  -2.622  1.00 14.69 ? 201 4X8 A CAD 1 
HETATM 1257 C CAF . 4X8 B 2 .   ? 9.531   -3.575  -1.513  1.00 11.24 ? 201 4X8 A CAF 1 
HETATM 1258 C CAO . 4X8 B 2 .   ? 9.416   -2.190  -1.234  1.00 14.21 ? 201 4X8 A CAO 1 
HETATM 1259 N NAC . 4X8 B 2 .   ? 8.678   -1.780  -0.189  1.00 13.89 ? 201 4X8 A NAC 1 
HETATM 1260 C CAS . 4X8 B 2 .   ? 9.995   -1.175  -2.035  1.00 15.92 ? 201 4X8 A CAS 1 
HETATM 1261 C CAL . 4X8 B 2 .   ? 9.838   0.224   -1.710  1.00 15.85 ? 201 4X8 A CAL 1 
HETATM 1262 N NAT . 4X8 B 2 .   ? 10.185  1.175   -2.805  1.00 18.57 ? 201 4X8 A NAT 1 
HETATM 1263 C CAK . 4X8 B 2 .   ? 10.167  2.619   -2.398  1.00 20.96 ? 201 4X8 A CAK 1 
HETATM 1264 C CAR . 4X8 B 2 .   ? 10.462  3.506   -3.473  1.00 23.21 ? 201 4X8 A CAR 1 
HETATM 1265 N NAM . 4X8 B 2 .   ? 9.558   3.615   -4.463  1.00 22.88 ? 201 4X8 A NAM 1 
HETATM 1266 C CAE . 4X8 B 2 .   ? 9.759   4.447   -5.586  1.00 22.66 ? 201 4X8 A CAE 1 
HETATM 1267 C CAH . 4X8 B 2 .   ? 10.918  5.206   -5.686  1.00 24.97 ? 201 4X8 A CAH 1 
HETATM 1268 C CAN . 4X8 B 2 .   ? 11.857  5.102   -4.666  1.00 25.84 ? 201 4X8 A CAN 1 
HETATM 1269 N NAB . 4X8 B 2 .   ? 12.979  5.815   -4.719  1.00 28.48 ? 201 4X8 A NAB 1 
HETATM 1270 C CAP . 4X8 B 2 .   ? 11.653  4.263   -3.550  1.00 25.04 ? 201 4X8 A CAP 1 
HETATM 1271 C CAA . 4X8 B 2 .   ? 12.629  4.190   -2.542  1.00 25.72 ? 201 4X8 A CAA 1 
HETATM 1272 S S   . DMS C 3 .   ? 9.898   -8.178  4.186   1.00 14.82 ? 202 DMS A S   1 
HETATM 1273 O O   . DMS C 3 .   ? 11.165  -7.346  3.344   1.00 14.35 ? 202 DMS A O   1 
HETATM 1274 C C1  . DMS C 3 .   ? 10.795  -9.388  5.169   1.00 14.45 ? 202 DMS A C1  1 
HETATM 1275 C C2  . DMS C 3 .   ? 9.353   -6.999  5.430   1.00 14.40 ? 202 DMS A C2  1 
HETATM 1276 S S   . SO4 D 4 .   ? -0.839  -8.348  4.442   1.00 37.43 ? 203 SO4 A S   1 
HETATM 1277 O O1  . SO4 D 4 .   ? -0.901  -7.627  5.719   1.00 38.93 ? 203 SO4 A O1  1 
HETATM 1278 O O2  . SO4 D 4 .   ? -0.480  -9.747  4.704   1.00 39.42 ? 203 SO4 A O2  1 
HETATM 1279 O O3  . SO4 D 4 .   ? 0.161   -7.765  3.546   1.00 40.61 ? 203 SO4 A O3  1 
HETATM 1280 O O4  . SO4 D 4 .   ? -2.135  -8.311  3.761   1.00 37.96 ? 203 SO4 A O4  1 
HETATM 1281 O O   . HOH E 5 .   ? 10.412  -6.366  -9.311  1.00 27.89 ? 301 HOH A O   1 
HETATM 1282 O O   . HOH E 5 .   ? 13.603  -6.285  -7.032  1.00 17.97 ? 302 HOH A O   1 
HETATM 1283 O O   . HOH E 5 .   ? -5.289  15.226  0.342   1.00 24.62 ? 303 HOH A O   1 
HETATM 1284 O O   . HOH E 5 .   ? 7.439   11.511  -4.011  1.00 17.45 ? 304 HOH A O   1 
HETATM 1285 O O   . HOH E 5 .   ? -9.852  0.935   6.933   1.00 14.21 ? 305 HOH A O   1 
HETATM 1286 O O   . HOH E 5 .   ? 10.033  14.439  6.595   1.00 14.13 ? 306 HOH A O   1 
HETATM 1287 O O   . HOH E 5 .   ? -0.098  11.678  -9.748  1.00 11.59 ? 307 HOH A O   1 
HETATM 1288 O O   . HOH E 5 .   ? -5.836  -14.885 -8.857  1.00 20.46 ? 308 HOH A O   1 
HETATM 1289 O O   . HOH E 5 .   ? 2.366   2.862   -7.486  1.00 8.99  ? 309 HOH A O   1 
HETATM 1290 O O   . HOH E 5 .   ? 12.762  -5.804  4.788   1.00 13.87 ? 310 HOH A O   1 
HETATM 1291 O O   . HOH E 5 .   ? -9.859  -1.000  -10.878 1.00 15.49 ? 311 HOH A O   1 
HETATM 1292 O O   . HOH E 5 .   ? 0.953   -8.783  8.440   1.00 14.84 ? 312 HOH A O   1 
HETATM 1293 O O   . HOH E 5 .   ? -11.680 2.598   4.085   1.00 18.55 ? 313 HOH A O   1 
HETATM 1294 O O   . HOH E 5 .   ? -8.335  11.162  5.663   1.00 18.48 ? 314 HOH A O   1 
HETATM 1295 O O   . HOH E 5 .   ? 1.072   17.681  -8.711  1.00 12.68 ? 315 HOH A O   1 
HETATM 1296 O O   . HOH E 5 .   ? 1.077   -5.147  11.720  1.00 7.85  ? 316 HOH A O   1 
HETATM 1297 O O   . HOH E 5 .   ? -7.259  9.276   -8.461  1.00 15.65 ? 317 HOH A O   1 
HETATM 1298 O O   . HOH E 5 .   ? -6.121  19.255  -8.560  1.00 12.98 ? 318 HOH A O   1 
HETATM 1299 O O   . HOH E 5 .   ? 8.304   -6.285  2.373   1.00 13.90 ? 319 HOH A O   1 
HETATM 1300 O O   . HOH E 5 .   ? -7.083  -15.754 -5.290  1.00 25.84 ? 320 HOH A O   1 
HETATM 1301 O O   . HOH E 5 .   ? 10.500  -16.386 -5.107  1.00 21.87 ? 321 HOH A O   1 
HETATM 1302 O O   . HOH E 5 .   ? -0.874  19.356  4.842   1.00 16.91 ? 322 HOH A O   1 
HETATM 1303 O O   . HOH E 5 .   ? -9.887  -6.483  -6.126  1.00 14.73 ? 323 HOH A O   1 
HETATM 1304 O O   . HOH E 5 .   ? -8.722  -6.895  6.887   1.00 24.84 ? 324 HOH A O   1 
HETATM 1305 O O   . HOH E 5 .   ? -6.582  10.625  -14.172 1.00 21.13 ? 325 HOH A O   1 
HETATM 1306 O O   . HOH E 5 .   ? 6.348   -0.539  -1.046  1.00 10.56 ? 326 HOH A O   1 
HETATM 1307 O O   . HOH E 5 .   ? 11.406  -13.460 3.635   1.00 12.93 ? 327 HOH A O   1 
HETATM 1308 O O   . HOH E 5 .   ? 9.216   5.005   1.013   1.00 18.27 ? 328 HOH A O   1 
HETATM 1309 O O   . HOH E 5 .   ? 0.258   9.179   15.660  1.00 19.06 ? 329 HOH A O   1 
HETATM 1310 O O   . HOH E 5 .   ? 6.125   -1.102  17.112  1.00 24.64 ? 330 HOH A O   1 
HETATM 1311 O O   . HOH E 5 .   ? -10.876 4.740   12.276  1.00 14.70 ? 331 HOH A O   1 
HETATM 1312 O O   . HOH E 5 .   ? 11.005  2.004   -7.215  1.00 20.26 ? 332 HOH A O   1 
HETATM 1313 O O   . HOH E 5 .   ? 0.023   13.038  12.444  1.00 20.91 ? 333 HOH A O   1 
HETATM 1314 O O   . HOH E 5 .   ? 8.801   2.293   8.783   1.00 15.64 ? 334 HOH A O   1 
HETATM 1315 O O   . HOH E 5 .   ? 10.438  -4.551  -7.643  1.00 21.46 ? 335 HOH A O   1 
HETATM 1316 O O   . HOH E 5 .   ? -9.825  8.669   11.145  1.00 17.04 ? 336 HOH A O   1 
HETATM 1317 O O   . HOH E 5 .   ? 9.679   5.784   -9.264  1.00 23.69 ? 337 HOH A O   1 
HETATM 1318 O O   . HOH E 5 .   ? 8.698   -8.678  12.455  1.00 20.35 ? 338 HOH A O   1 
HETATM 1319 O O   . HOH E 5 .   ? -12.037 -14.295 -15.463 1.00 23.85 ? 339 HOH A O   1 
HETATM 1320 O O   . HOH E 5 .   ? -8.375  15.342  6.128   1.00 21.38 ? 340 HOH A O   1 
HETATM 1321 O O   . HOH E 5 .   ? -11.159 0.384   1.074   1.00 16.03 ? 341 HOH A O   1 
HETATM 1322 O O   . HOH E 5 .   ? -6.015  -16.781 -12.511 1.00 18.93 ? 342 HOH A O   1 
HETATM 1323 O O   . HOH E 5 .   ? -1.455  -1.441  19.639  1.00 16.25 ? 343 HOH A O   1 
HETATM 1324 O O   . HOH E 5 .   ? -8.270  9.083   -1.101  1.00 12.55 ? 344 HOH A O   1 
HETATM 1325 O O   . HOH E 5 .   ? -10.106 8.695   7.457   1.00 27.42 ? 345 HOH A O   1 
HETATM 1326 O O   . HOH E 5 .   ? 2.971   -7.167  16.830  1.00 15.20 ? 346 HOH A O   1 
HETATM 1327 O O   . HOH E 5 .   ? 10.090  -1.038  2.332   1.00 18.46 ? 347 HOH A O   1 
HETATM 1328 O O   . HOH E 5 .   ? 7.937   1.525   5.402   1.00 21.84 ? 348 HOH A O   1 
HETATM 1329 O O   . HOH E 5 .   ? -11.132 -1.018  9.021   1.00 20.31 ? 349 HOH A O   1 
HETATM 1330 O O   . HOH E 5 .   ? -5.782  17.824  1.576   1.00 14.24 ? 350 HOH A O   1 
HETATM 1331 O O   . HOH E 5 .   ? -0.276  17.765  6.891   1.00 18.15 ? 351 HOH A O   1 
HETATM 1332 O O   . HOH E 5 .   ? 9.973   -2.266  -8.613  1.00 15.09 ? 352 HOH A O   1 
HETATM 1333 O O   . HOH E 5 .   ? 7.307   7.442   -9.257  1.00 22.79 ? 353 HOH A O   1 
HETATM 1334 O O   . HOH E 5 .   ? 9.308   -2.334  4.660   1.00 15.59 ? 354 HOH A O   1 
HETATM 1335 O O   . HOH E 5 .   ? 7.928   2.619   0.692   1.00 22.43 ? 355 HOH A O   1 
HETATM 1336 O O   . HOH E 5 .   ? 8.829   -2.898  -11.037 1.00 26.34 ? 356 HOH A O   1 
HETATM 1337 O O   . HOH E 5 .   ? 13.530  1.793   0.474   1.00 29.29 ? 357 HOH A O   1 
HETATM 1338 O O   . HOH E 5 .   ? 12.494  -4.663  -5.366  1.00 23.03 ? 358 HOH A O   1 
HETATM 1339 O O   . HOH E 5 .   ? 8.084   12.862  -1.964  1.00 35.74 ? 359 HOH A O   1 
HETATM 1340 O O   . HOH E 5 .   ? 8.481   -0.392  6.517   1.00 21.62 ? 360 HOH A O   1 
HETATM 1341 O O   . HOH E 5 .   ? -7.453  21.919  0.113   1.00 15.20 ? 361 HOH A O   1 
HETATM 1342 O O   . HOH E 5 .   ? -6.132  24.177  -0.511  1.00 24.81 ? 362 HOH A O   1 
HETATM 1343 O O   . HOH E 5 .   ? 13.402  -6.023  9.421   1.00 19.99 ? 363 HOH A O   1 
# 
